data_6E1V
# 
_entry.id   6E1V 
# 
_audit_conform.dict_name       mmcif_pdbx.dic 
_audit_conform.dict_version    5.379 
_audit_conform.dict_location   http://mmcif.pdb.org/dictionaries/ascii/mmcif_pdbx.dic 
# 
loop_
_database_2.database_id 
_database_2.database_code 
_database_2.pdbx_database_accession 
_database_2.pdbx_DOI 
PDB   6E1V         pdb_00006e1v 10.2210/pdb6e1v/pdb 
WWPDB D_1000235532 ?            ?                   
# 
_pdbx_database_status.status_code                     REL 
_pdbx_database_status.status_code_sf                  REL 
_pdbx_database_status.status_code_mr                  ? 
_pdbx_database_status.entry_id                        6E1V 
_pdbx_database_status.recvd_initial_deposition_date   2018-07-10 
_pdbx_database_status.SG_entry                        N 
_pdbx_database_status.deposit_site                    RCSB 
_pdbx_database_status.process_site                    RCSB 
_pdbx_database_status.status_code_cs                  ? 
_pdbx_database_status.methods_development_category    ? 
_pdbx_database_status.pdb_format_compatible           Y 
_pdbx_database_status.status_code_nmr_data            ? 
# 
loop_
_audit_author.name 
_audit_author.pdbx_ordinal 
_audit_author.identifier_ORCID 
'Numata, T.'          1 ? 
'Connelly, C.M.'      2 ? 
'Schneekloth, J.S.'   3 ? 
;Ferre-D'Amare, A.R.
;
4 ? 
# 
_citation.abstract                  ? 
_citation.abstract_id_CAS           ? 
_citation.book_id_ISBN              ? 
_citation.book_publisher            ? 
_citation.book_publisher_city       ? 
_citation.book_title                ? 
_citation.coordinate_linkage        ? 
_citation.country                   UK 
_citation.database_id_Medline       ? 
_citation.details                   ? 
_citation.id                        primary 
_citation.journal_abbrev            'Nat Commun' 
_citation.journal_id_ASTM           ? 
_citation.journal_id_CSD            ? 
_citation.journal_id_ISSN           2041-1723 
_citation.journal_full              ? 
_citation.journal_issue             ? 
_citation.journal_volume            10 
_citation.language                  ? 
_citation.page_first                1501 
_citation.page_last                 1501 
_citation.title                     
'Synthetic ligands for PreQ1riboswitches provide structural and mechanistic insights into targeting RNA tertiary structure.' 
_citation.year                      2019 
_citation.database_id_CSD           ? 
_citation.pdbx_database_id_DOI      10.1038/s41467-019-09493-3 
_citation.pdbx_database_id_PubMed   30940810 
_citation.unpublished_flag          ? 
# 
loop_
_citation_author.citation_id 
_citation_author.name 
_citation_author.ordinal 
_citation_author.identifier_ORCID 
primary 'Connelly, C.M.'        1 ? 
primary 'Numata, T.'            2 ? 
primary 'Boer, R.E.'            3 ? 
primary 'Moon, M.H.'            4 ? 
primary 'Sinniah, R.S.'         5 ? 
primary 'Barchi, J.J.'          6 ? 
primary 
;Ferre-D'Amare, A.R.
;
7 ? 
primary 'Schneekloth Jr., J.S.' 8 ? 
# 
_cell.angle_alpha                  90.000 
_cell.angle_alpha_esd              ? 
_cell.angle_beta                   90.000 
_cell.angle_beta_esd               ? 
_cell.angle_gamma                  120.000 
_cell.angle_gamma_esd              ? 
_cell.entry_id                     6E1V 
_cell.details                      ? 
_cell.formula_units_Z              ? 
_cell.length_a                     115.421 
_cell.length_a_esd                 ? 
_cell.length_b                     115.421 
_cell.length_b_esd                 ? 
_cell.length_c                     58.523 
_cell.length_c_esd                 ? 
_cell.volume                       ? 
_cell.volume_esd                   ? 
_cell.Z_PDB                        12 
_cell.reciprocal_angle_alpha       ? 
_cell.reciprocal_angle_beta        ? 
_cell.reciprocal_angle_gamma       ? 
_cell.reciprocal_angle_alpha_esd   ? 
_cell.reciprocal_angle_beta_esd    ? 
_cell.reciprocal_angle_gamma_esd   ? 
_cell.reciprocal_length_a          ? 
_cell.reciprocal_length_b          ? 
_cell.reciprocal_length_c          ? 
_cell.reciprocal_length_a_esd      ? 
_cell.reciprocal_length_b_esd      ? 
_cell.reciprocal_length_c_esd      ? 
_cell.pdbx_unique_axis             ? 
# 
_symmetry.entry_id                         6E1V 
_symmetry.cell_setting                     ? 
_symmetry.Int_Tables_number                182 
_symmetry.space_group_name_Hall            ? 
_symmetry.space_group_name_H-M             'P 63 2 2' 
_symmetry.pdbx_full_space_group_name_H-M   ? 
# 
loop_
_entity.id 
_entity.type 
_entity.src_method 
_entity.pdbx_description 
_entity.formula_weight 
_entity.pdbx_number_of_molecules 
_entity.pdbx_ec 
_entity.pdbx_mutation 
_entity.pdbx_fragment 
_entity.details 
1 polymer     syn 'RNA (33-MER)'                                        10224.107 1 ? ? ? ? 
2 non-polymer syn '2-[(9H-carbazol-3-yl)oxy]-N,N-dimethylethan-1-amine' 254.327   1 ? ? ? ? 
3 water       nat water                                                 18.015    2 ? ? ? ? 
# 
_entity_poly.entity_id                      1 
_entity_poly.type                           polyribonucleotide 
_entity_poly.nstd_linkage                   no 
_entity_poly.nstd_monomer                   no 
_entity_poly.pdbx_seq_one_letter_code       'CUGGGUCGCAGU(N)(N)(N)CCCAGUUAACAAAACAAG' 
_entity_poly.pdbx_seq_one_letter_code_can   CUGGGUCGCAGUNNNCCCAGUUAACAAAACAAG 
_entity_poly.pdbx_strand_id                 A 
_entity_poly.pdbx_target_identifier         ? 
# 
loop_
_entity_poly_seq.entity_id 
_entity_poly_seq.num 
_entity_poly_seq.mon_id 
_entity_poly_seq.hetero 
1 1  C n 
1 2  U n 
1 3  G n 
1 4  G n 
1 5  G n 
1 6  U n 
1 7  C n 
1 8  G n 
1 9  C n 
1 10 A n 
1 11 G n 
1 12 U n 
1 13 N n 
1 14 N n 
1 15 N n 
1 16 C n 
1 17 C n 
1 18 C n 
1 19 A n 
1 20 G n 
1 21 U n 
1 22 U n 
1 23 A n 
1 24 A n 
1 25 C n 
1 26 A n 
1 27 A n 
1 28 A n 
1 29 A n 
1 30 C n 
1 31 A n 
1 32 A n 
1 33 G n 
# 
_pdbx_entity_src_syn.entity_id              1 
_pdbx_entity_src_syn.pdbx_src_id            1 
_pdbx_entity_src_syn.pdbx_alt_source_flag   sample 
_pdbx_entity_src_syn.pdbx_beg_seq_num       1 
_pdbx_entity_src_syn.pdbx_end_seq_num       33 
_pdbx_entity_src_syn.organism_scientific    'Caldanaerobacter subterraneus subsp. tengcongensis' 
_pdbx_entity_src_syn.organism_common_name   ? 
_pdbx_entity_src_syn.ncbi_taxonomy_id       119072 
_pdbx_entity_src_syn.details                ? 
# 
_struct_ref.id                         1 
_struct_ref.db_name                    PDB 
_struct_ref.db_code                    6E1V 
_struct_ref.pdbx_db_accession          6E1V 
_struct_ref.pdbx_db_isoform            ? 
_struct_ref.entity_id                  1 
_struct_ref.pdbx_seq_one_letter_code   ? 
_struct_ref.pdbx_align_begin           1 
# 
_struct_ref_seq.align_id                      1 
_struct_ref_seq.ref_id                        1 
_struct_ref_seq.pdbx_PDB_id_code              6E1V 
_struct_ref_seq.pdbx_strand_id                A 
_struct_ref_seq.seq_align_beg                 1 
_struct_ref_seq.pdbx_seq_align_beg_ins_code   ? 
_struct_ref_seq.seq_align_end                 33 
_struct_ref_seq.pdbx_seq_align_end_ins_code   ? 
_struct_ref_seq.pdbx_db_accession             6E1V 
_struct_ref_seq.db_align_beg                  1 
_struct_ref_seq.pdbx_db_align_beg_ins_code    ? 
_struct_ref_seq.db_align_end                  33 
_struct_ref_seq.pdbx_db_align_end_ins_code    ? 
_struct_ref_seq.pdbx_auth_seq_align_beg       1 
_struct_ref_seq.pdbx_auth_seq_align_end       33 
# 
loop_
_chem_comp.id 
_chem_comp.type 
_chem_comp.mon_nstd_flag 
_chem_comp.name 
_chem_comp.pdbx_synonyms 
_chem_comp.formula 
_chem_comp.formula_weight 
A   'RNA linking' y "ADENOSINE-5'-MONOPHOSPHATE"                          ?                                   'C10 H14 N5 O7 P' 
347.221 
C   'RNA linking' y "CYTIDINE-5'-MONOPHOSPHATE"                           ?                                   'C9 H14 N3 O8 P'  
323.197 
G   'RNA linking' y "GUANOSINE-5'-MONOPHOSPHATE"                          ?                                   'C10 H14 N5 O8 P' 
363.221 
HMV non-polymer   . '2-[(9H-carbazol-3-yl)oxy]-N,N-dimethylethan-1-amine' ?                                   'C16 H18 N2 O'    
254.327 
HOH non-polymer   . WATER                                                 ?                                   'H2 O'            
18.015  
N   'RNA linking' . 
;ANY 5'-MONOPHOSPHATE NUCLEOTIDE
;
"1-DEOXY-RIBOFURANOSE-5'-PHOSPHATE" 'C5 H11 O7 P'     214.110 
U   'RNA linking' y "URIDINE-5'-MONOPHOSPHATE"                            ?                                   'C9 H13 N2 O9 P'  
324.181 
# 
_exptl.absorpt_coefficient_mu     ? 
_exptl.absorpt_correction_T_max   ? 
_exptl.absorpt_correction_T_min   ? 
_exptl.absorpt_correction_type    ? 
_exptl.absorpt_process_details    ? 
_exptl.entry_id                   6E1V 
_exptl.crystals_number            1 
_exptl.details                    ? 
_exptl.method                     'X-RAY DIFFRACTION' 
_exptl.method_details             ? 
# 
_exptl_crystal.colour                      ? 
_exptl_crystal.density_diffrn              ? 
_exptl_crystal.density_Matthews            5.17 
_exptl_crystal.density_method              ? 
_exptl_crystal.density_percent_sol         76.2 
_exptl_crystal.description                 ? 
_exptl_crystal.F_000                       ? 
_exptl_crystal.id                          1 
_exptl_crystal.preparation                 ? 
_exptl_crystal.size_max                    ? 
_exptl_crystal.size_mid                    ? 
_exptl_crystal.size_min                    ? 
_exptl_crystal.size_rad                    ? 
_exptl_crystal.colour_lustre               ? 
_exptl_crystal.colour_modifier             ? 
_exptl_crystal.colour_primary              ? 
_exptl_crystal.density_meas                ? 
_exptl_crystal.density_meas_esd            ? 
_exptl_crystal.density_meas_gt             ? 
_exptl_crystal.density_meas_lt             ? 
_exptl_crystal.density_meas_temp           ? 
_exptl_crystal.density_meas_temp_esd       ? 
_exptl_crystal.density_meas_temp_gt        ? 
_exptl_crystal.density_meas_temp_lt        ? 
_exptl_crystal.pdbx_crystal_image_url      ? 
_exptl_crystal.pdbx_crystal_image_format   ? 
_exptl_crystal.pdbx_mosaicity              ? 
_exptl_crystal.pdbx_mosaicity_esd          ? 
# 
_exptl_crystal_grow.apparatus       ? 
_exptl_crystal_grow.atmosphere      ? 
_exptl_crystal_grow.crystal_id      1 
_exptl_crystal_grow.details         ? 
_exptl_crystal_grow.method          'VAPOR DIFFUSION, HANGING DROP' 
_exptl_crystal_grow.method_ref      ? 
_exptl_crystal_grow.pH              5.6 
_exptl_crystal_grow.pressure        ? 
_exptl_crystal_grow.pressure_esd    ? 
_exptl_crystal_grow.seeding         ? 
_exptl_crystal_grow.seeding_ref     ? 
_exptl_crystal_grow.temp            294 
_exptl_crystal_grow.temp_details    ? 
_exptl_crystal_grow.temp_esd        ? 
_exptl_crystal_grow.time            ? 
_exptl_crystal_grow.pdbx_details    '0.1 M potassium sodium tartrate, 0.1 M sodium citrate (pH 5.6), 2.8 M ammonium sulfate' 
_exptl_crystal_grow.pdbx_pH_range   ? 
# 
_diffrn.ambient_environment    ? 
_diffrn.ambient_temp           100 
_diffrn.ambient_temp_details   ? 
_diffrn.ambient_temp_esd       ? 
_diffrn.crystal_id             1 
_diffrn.crystal_support        ? 
_diffrn.crystal_treatment      ? 
_diffrn.details                ? 
_diffrn.id                     1 
_diffrn.ambient_pressure       ? 
_diffrn.ambient_pressure_esd   ? 
_diffrn.ambient_pressure_gt    ? 
_diffrn.ambient_pressure_lt    ? 
_diffrn.ambient_temp_gt        ? 
_diffrn.ambient_temp_lt        ? 
# 
_diffrn_detector.details                      ? 
_diffrn_detector.detector                     PIXEL 
_diffrn_detector.diffrn_id                    1 
_diffrn_detector.type                         'DECTRIS PILATUS3 6M' 
_diffrn_detector.area_resol_mean              ? 
_diffrn_detector.dtime                        ? 
_diffrn_detector.pdbx_frames_total            ? 
_diffrn_detector.pdbx_collection_time_total   ? 
_diffrn_detector.pdbx_collection_date         2018-02-23 
# 
_diffrn_radiation.collimation                      ? 
_diffrn_radiation.diffrn_id                        1 
_diffrn_radiation.filter_edge                      ? 
_diffrn_radiation.inhomogeneity                    ? 
_diffrn_radiation.monochromator                    ? 
_diffrn_radiation.polarisn_norm                    ? 
_diffrn_radiation.polarisn_ratio                   ? 
_diffrn_radiation.probe                            ? 
_diffrn_radiation.type                             ? 
_diffrn_radiation.xray_symbol                      ? 
_diffrn_radiation.wavelength_id                    1 
_diffrn_radiation.pdbx_monochromatic_or_laue_m_l   M 
_diffrn_radiation.pdbx_wavelength_list             ? 
_diffrn_radiation.pdbx_wavelength                  ? 
_diffrn_radiation.pdbx_diffrn_protocol             'SINGLE WAVELENGTH' 
_diffrn_radiation.pdbx_analyzer                    ? 
_diffrn_radiation.pdbx_scattering_type             x-ray 
# 
_diffrn_radiation_wavelength.id           1 
_diffrn_radiation_wavelength.wavelength   0.97741 
_diffrn_radiation_wavelength.wt           1.0 
# 
_diffrn_source.current                     ? 
_diffrn_source.details                     ? 
_diffrn_source.diffrn_id                   1 
_diffrn_source.power                       ? 
_diffrn_source.size                        ? 
_diffrn_source.source                      SYNCHROTRON 
_diffrn_source.target                      ? 
_diffrn_source.type                        'ALS BEAMLINE 5.0.1' 
_diffrn_source.voltage                     ? 
_diffrn_source.take-off_angle              ? 
_diffrn_source.pdbx_wavelength_list        0.97741 
_diffrn_source.pdbx_wavelength             ? 
_diffrn_source.pdbx_synchrotron_beamline   5.0.1 
_diffrn_source.pdbx_synchrotron_site       ALS 
# 
_reflns.B_iso_Wilson_estimate            66.640 
_reflns.entry_id                         6E1V 
_reflns.data_reduction_details           ? 
_reflns.data_reduction_method            ? 
_reflns.d_resolution_high                2.560 
_reflns.d_resolution_low                 41.090 
_reflns.details                          ? 
_reflns.limit_h_max                      ? 
_reflns.limit_h_min                      ? 
_reflns.limit_k_max                      ? 
_reflns.limit_k_min                      ? 
_reflns.limit_l_max                      ? 
_reflns.limit_l_min                      ? 
_reflns.number_all                       ? 
_reflns.number_obs                       7832 
_reflns.observed_criterion               ? 
_reflns.observed_criterion_F_max         ? 
_reflns.observed_criterion_F_min         ? 
_reflns.observed_criterion_I_max         ? 
_reflns.observed_criterion_I_min         ? 
_reflns.observed_criterion_sigma_F       ? 
_reflns.observed_criterion_sigma_I       ? 
_reflns.percent_possible_obs             100.000 
_reflns.R_free_details                   ? 
_reflns.Rmerge_F_all                     ? 
_reflns.Rmerge_F_obs                     ? 
_reflns.Friedel_coverage                 ? 
_reflns.number_gt                        ? 
_reflns.threshold_expression             ? 
_reflns.pdbx_redundancy                  37.700 
_reflns.pdbx_Rmerge_I_obs                0.091 
_reflns.pdbx_Rmerge_I_all                ? 
_reflns.pdbx_Rsym_value                  ? 
_reflns.pdbx_netI_over_av_sigmaI         ? 
_reflns.pdbx_netI_over_sigmaI            29.100 
_reflns.pdbx_res_netI_over_av_sigmaI_2   ? 
_reflns.pdbx_res_netI_over_sigmaI_2      ? 
_reflns.pdbx_chi_squared                 ? 
_reflns.pdbx_scaling_rejects             ? 
_reflns.pdbx_d_res_high_opt              ? 
_reflns.pdbx_d_res_low_opt               ? 
_reflns.pdbx_d_res_opt_method            ? 
_reflns.phase_calculation_details        ? 
_reflns.pdbx_Rrim_I_all                  0.092 
_reflns.pdbx_Rpim_I_all                  0.015 
_reflns.pdbx_d_opt                       ? 
_reflns.pdbx_number_measured_all         ? 
_reflns.pdbx_diffrn_id                   1 
_reflns.pdbx_ordinal                     1 
_reflns.pdbx_CC_half                     1.000 
_reflns.pdbx_R_split                     ? 
# 
loop_
_reflns_shell.d_res_high 
_reflns_shell.d_res_low 
_reflns_shell.meanI_over_sigI_all 
_reflns_shell.meanI_over_sigI_obs 
_reflns_shell.number_measured_all 
_reflns_shell.number_measured_obs 
_reflns_shell.number_possible 
_reflns_shell.number_unique_all 
_reflns_shell.number_unique_obs 
_reflns_shell.percent_possible_all 
_reflns_shell.percent_possible_obs 
_reflns_shell.Rmerge_F_all 
_reflns_shell.Rmerge_F_obs 
_reflns_shell.Rmerge_I_all 
_reflns_shell.Rmerge_I_obs 
_reflns_shell.meanI_over_sigI_gt 
_reflns_shell.meanI_over_uI_all 
_reflns_shell.meanI_over_uI_gt 
_reflns_shell.number_measured_gt 
_reflns_shell.number_unique_gt 
_reflns_shell.percent_possible_gt 
_reflns_shell.Rmerge_F_gt 
_reflns_shell.Rmerge_I_gt 
_reflns_shell.pdbx_redundancy 
_reflns_shell.pdbx_Rsym_value 
_reflns_shell.pdbx_chi_squared 
_reflns_shell.pdbx_netI_over_sigmaI_all 
_reflns_shell.pdbx_netI_over_sigmaI_obs 
_reflns_shell.pdbx_Rrim_I_all 
_reflns_shell.pdbx_Rpim_I_all 
_reflns_shell.pdbx_rejects 
_reflns_shell.pdbx_ordinal 
_reflns_shell.pdbx_diffrn_id 
_reflns_shell.pdbx_CC_half 
_reflns_shell.pdbx_R_split 
2.560 2.670  ? ? ? ? ? ? 928 100.000 ? ? ? ? 1.853 ? ? ? ? ? ? ? ? 38.200 ? ? ? ? 1.877 0.298 ? 1 1 0.858 ? 
8.870 41.090 ? ? ? ? ? ? 238 99.200  ? ? ? ? 0.040 ? ? ? ? ? ? ? ? 29.800 ? ? ? ? 0.041 0.008 ? 2 1 1.000 ? 
# 
_refine.aniso_B[1][1]                            ? 
_refine.aniso_B[1][2]                            ? 
_refine.aniso_B[1][3]                            ? 
_refine.aniso_B[2][2]                            ? 
_refine.aniso_B[2][3]                            ? 
_refine.aniso_B[3][3]                            ? 
_refine.B_iso_max                                133.780 
_refine.B_iso_mean                               79.8792 
_refine.B_iso_min                                24.710 
_refine.correlation_coeff_Fo_to_Fc               ? 
_refine.correlation_coeff_Fo_to_Fc_free          ? 
_refine.details                                  ? 
_refine.diff_density_max                         ? 
_refine.diff_density_max_esd                     ? 
_refine.diff_density_min                         ? 
_refine.diff_density_min_esd                     ? 
_refine.diff_density_rms                         ? 
_refine.diff_density_rms_esd                     ? 
_refine.entry_id                                 6E1V 
_refine.pdbx_refine_id                           'X-RAY DIFFRACTION' 
_refine.ls_abs_structure_details                 ? 
_refine.ls_abs_structure_Flack                   ? 
_refine.ls_abs_structure_Flack_esd               ? 
_refine.ls_abs_structure_Rogers                  ? 
_refine.ls_abs_structure_Rogers_esd              ? 
_refine.ls_d_res_high                            2.5600 
_refine.ls_d_res_low                             41.0900 
_refine.ls_extinction_coef                       ? 
_refine.ls_extinction_coef_esd                   ? 
_refine.ls_extinction_expression                 ? 
_refine.ls_extinction_method                     ? 
_refine.ls_goodness_of_fit_all                   ? 
_refine.ls_goodness_of_fit_all_esd               ? 
_refine.ls_goodness_of_fit_obs                   ? 
_refine.ls_goodness_of_fit_obs_esd               ? 
_refine.ls_hydrogen_treatment                    ? 
_refine.ls_matrix_type                           ? 
_refine.ls_number_constraints                    ? 
_refine.ls_number_parameters                     ? 
_refine.ls_number_reflns_all                     ? 
_refine.ls_number_reflns_obs                     7764 
_refine.ls_number_reflns_R_free                  389 
_refine.ls_number_reflns_R_work                  ? 
_refine.ls_number_restraints                     ? 
_refine.ls_percent_reflns_obs                    99.2600 
_refine.ls_percent_reflns_R_free                 5.0100 
_refine.ls_R_factor_all                          ? 
_refine.ls_R_factor_obs                          0.2398 
_refine.ls_R_factor_R_free                       0.2475 
_refine.ls_R_factor_R_free_error                 ? 
_refine.ls_R_factor_R_free_error_details         ? 
_refine.ls_R_factor_R_work                       0.2393 
_refine.ls_R_Fsqd_factor_obs                     ? 
_refine.ls_R_I_factor_obs                        ? 
_refine.ls_redundancy_reflns_all                 ? 
_refine.ls_redundancy_reflns_obs                 ? 
_refine.ls_restrained_S_all                      ? 
_refine.ls_restrained_S_obs                      ? 
_refine.ls_shift_over_esd_max                    ? 
_refine.ls_shift_over_esd_mean                   ? 
_refine.ls_structure_factor_coef                 ? 
_refine.ls_weighting_details                     ? 
_refine.ls_weighting_scheme                      ? 
_refine.ls_wR_factor_all                         ? 
_refine.ls_wR_factor_obs                         ? 
_refine.ls_wR_factor_R_free                      ? 
_refine.ls_wR_factor_R_work                      ? 
_refine.occupancy_max                            ? 
_refine.occupancy_min                            ? 
_refine.solvent_model_details                    ? 
_refine.solvent_model_param_bsol                 ? 
_refine.solvent_model_param_ksol                 ? 
_refine.ls_R_factor_gt                           ? 
_refine.ls_goodness_of_fit_gt                    ? 
_refine.ls_goodness_of_fit_ref                   ? 
_refine.ls_shift_over_su_max                     ? 
_refine.ls_shift_over_su_max_lt                  ? 
_refine.ls_shift_over_su_mean                    ? 
_refine.ls_shift_over_su_mean_lt                 ? 
_refine.pdbx_ls_sigma_I                          ? 
_refine.pdbx_ls_sigma_F                          1.340 
_refine.pdbx_ls_sigma_Fsqd                       ? 
_refine.pdbx_data_cutoff_high_absF               ? 
_refine.pdbx_data_cutoff_high_rms_absF           ? 
_refine.pdbx_data_cutoff_low_absF                ? 
_refine.pdbx_isotropic_thermal_model             ? 
_refine.pdbx_ls_cross_valid_method               THROUGHOUT 
_refine.pdbx_method_to_determine_struct          'MOLECULAR REPLACEMENT' 
_refine.pdbx_starting_model                      3Q50 
_refine.pdbx_stereochemistry_target_values       ? 
_refine.pdbx_R_Free_selection_details            ? 
_refine.pdbx_stereochem_target_val_spec_case     ? 
_refine.pdbx_overall_ESU_R                       ? 
_refine.pdbx_overall_ESU_R_Free                  ? 
_refine.pdbx_solvent_vdw_probe_radii             1.1100 
_refine.pdbx_solvent_ion_probe_radii             ? 
_refine.pdbx_solvent_shrinkage_radii             0.9000 
_refine.pdbx_real_space_R                        ? 
_refine.pdbx_density_correlation                 ? 
_refine.pdbx_pd_number_of_powder_patterns        ? 
_refine.pdbx_pd_number_of_points                 ? 
_refine.pdbx_pd_meas_number_of_points            ? 
_refine.pdbx_pd_proc_ls_prof_R_factor            ? 
_refine.pdbx_pd_proc_ls_prof_wR_factor           ? 
_refine.pdbx_pd_Marquardt_correlation_coeff      ? 
_refine.pdbx_pd_Fsqrd_R_factor                   ? 
_refine.pdbx_pd_ls_matrix_band_width             ? 
_refine.pdbx_overall_phase_error                 34.3200 
_refine.pdbx_overall_SU_R_free_Cruickshank_DPI   ? 
_refine.pdbx_overall_SU_R_free_Blow_DPI          ? 
_refine.pdbx_overall_SU_R_Blow_DPI               ? 
_refine.pdbx_TLS_residual_ADP_flag               ? 
_refine.pdbx_diffrn_id                           1 
_refine.overall_SU_B                             ? 
_refine.overall_SU_ML                            0.5400 
_refine.overall_SU_R_Cruickshank_DPI             ? 
_refine.overall_SU_R_free                        ? 
_refine.overall_FOM_free_R_set                   ? 
_refine.overall_FOM_work_R_set                   ? 
_refine.pdbx_average_fsc_overall                 ? 
_refine.pdbx_average_fsc_work                    ? 
_refine.pdbx_average_fsc_free                    ? 
# 
_refine_hist.cycle_id                         final 
_refine_hist.pdbx_refine_id                   'X-RAY DIFFRACTION' 
_refine_hist.d_res_high                       2.5600 
_refine_hist.d_res_low                        41.0900 
_refine_hist.pdbx_number_atoms_ligand         19 
_refine_hist.number_atoms_solvent             2 
_refine_hist.number_atoms_total               695 
_refine_hist.pdbx_number_residues_total       33 
_refine_hist.pdbx_B_iso_mean_ligand           47.96 
_refine_hist.pdbx_B_iso_mean_solvent          51.66 
_refine_hist.pdbx_number_atoms_protein        0 
_refine_hist.pdbx_number_atoms_nucleic_acid   674 
# 
loop_
_refine_ls_restr.pdbx_refine_id 
_refine_ls_restr.criterion 
_refine_ls_restr.dev_ideal 
_refine_ls_restr.dev_ideal_target 
_refine_ls_restr.number 
_refine_ls_restr.rejects 
_refine_ls_restr.type 
_refine_ls_restr.weight 
_refine_ls_restr.pdbx_restraint_function 
'X-RAY DIFFRACTION' ? 0.005  ? 774  ? f_bond_d           ? ? 
'X-RAY DIFFRACTION' ? 0.965  ? 1200 ? f_angle_d          ? ? 
'X-RAY DIFFRACTION' ? 0.046  ? 158  ? f_chiral_restr     ? ? 
'X-RAY DIFFRACTION' ? 0.010  ? 31   ? f_plane_restr      ? ? 
'X-RAY DIFFRACTION' ? 16.708 ? 389  ? f_dihedral_angle_d ? ? 
# 
loop_
_refine_ls_shell.pdbx_refine_id 
_refine_ls_shell.d_res_high 
_refine_ls_shell.d_res_low 
_refine_ls_shell.number_reflns_all 
_refine_ls_shell.number_reflns_obs 
_refine_ls_shell.number_reflns_R_free 
_refine_ls_shell.number_reflns_R_work 
_refine_ls_shell.percent_reflns_obs 
_refine_ls_shell.percent_reflns_R_free 
_refine_ls_shell.R_factor_all 
_refine_ls_shell.R_factor_obs 
_refine_ls_shell.R_factor_R_free 
_refine_ls_shell.R_factor_R_free_error 
_refine_ls_shell.R_factor_R_work 
_refine_ls_shell.redundancy_reflns_all 
_refine_ls_shell.redundancy_reflns_obs 
_refine_ls_shell.wR_factor_all 
_refine_ls_shell.wR_factor_obs 
_refine_ls_shell.wR_factor_R_free 
_refine_ls_shell.wR_factor_R_work 
_refine_ls_shell.pdbx_total_number_of_bins_used 
_refine_ls_shell.pdbx_phase_error 
_refine_ls_shell.pdbx_fsc_work 
_refine_ls_shell.pdbx_fsc_free 
'X-RAY DIFFRACTION' 2.5602 2.9305  2526 . 125 2401 99.0000 . . . 0.4636 0.0000 0.4625 . . . . . . 3 . . . 
'X-RAY DIFFRACTION' 2.9305 3.6918  2528 . 127 2401 99.0000 . . . 0.2702 0.0000 0.2423 . . . . . . 3 . . . 
'X-RAY DIFFRACTION' 3.6918 41.0970 2710 . 137 2573 99.0000 . . . 0.2087 0.0000 0.2033 . . . . . . 3 . . . 
# 
_struct.entry_id                     6E1V 
_struct.title                        
;Crystal structure of a class I PreQ1 riboswitch complexed with a synthetic compound 3: 2-[(9H-carbazol-3-yl)oxy]-N,N-dimethylethan-1-amine
;
_struct.pdbx_model_details           ? 
_struct.pdbx_formula_weight          ? 
_struct.pdbx_formula_weight_method   ? 
_struct.pdbx_model_type_details      ? 
_struct.pdbx_CASP_flag               N 
# 
_struct_keywords.entry_id        6E1V 
_struct_keywords.text            'PreQ1 riboswitch, Synthetic compound, Complex, RNA' 
_struct_keywords.pdbx_keywords   RNA 
# 
loop_
_struct_asym.id 
_struct_asym.pdbx_blank_PDB_chainid_flag 
_struct_asym.pdbx_modified 
_struct_asym.entity_id 
_struct_asym.details 
A N N 1 ? 
B N N 2 ? 
C N N 3 ? 
# 
loop_
_struct_conn.id 
_struct_conn.conn_type_id 
_struct_conn.pdbx_leaving_atom_flag 
_struct_conn.pdbx_PDB_id 
_struct_conn.ptnr1_label_asym_id 
_struct_conn.ptnr1_label_comp_id 
_struct_conn.ptnr1_label_seq_id 
_struct_conn.ptnr1_label_atom_id 
_struct_conn.pdbx_ptnr1_label_alt_id 
_struct_conn.pdbx_ptnr1_PDB_ins_code 
_struct_conn.pdbx_ptnr1_standard_comp_id 
_struct_conn.ptnr1_symmetry 
_struct_conn.ptnr2_label_asym_id 
_struct_conn.ptnr2_label_comp_id 
_struct_conn.ptnr2_label_seq_id 
_struct_conn.ptnr2_label_atom_id 
_struct_conn.pdbx_ptnr2_label_alt_id 
_struct_conn.pdbx_ptnr2_PDB_ins_code 
_struct_conn.ptnr1_auth_asym_id 
_struct_conn.ptnr1_auth_comp_id 
_struct_conn.ptnr1_auth_seq_id 
_struct_conn.ptnr2_auth_asym_id 
_struct_conn.ptnr2_auth_comp_id 
_struct_conn.ptnr2_auth_seq_id 
_struct_conn.ptnr2_symmetry 
_struct_conn.pdbx_ptnr3_label_atom_id 
_struct_conn.pdbx_ptnr3_label_seq_id 
_struct_conn.pdbx_ptnr3_label_comp_id 
_struct_conn.pdbx_ptnr3_label_asym_id 
_struct_conn.pdbx_ptnr3_label_alt_id 
_struct_conn.pdbx_ptnr3_PDB_ins_code 
_struct_conn.details 
_struct_conn.pdbx_dist_value 
_struct_conn.pdbx_value_order 
_struct_conn.pdbx_role 
covale1  covale both ? A U 12 "O3'" ? ? ? 1_555 A N 13 P  ? ? A U 12 A N 13 1_555 ? ? ? ? ? ? ?             1.602 ? ? 
covale2  covale both ? A N 13 "O3'" ? ? ? 1_555 A N 14 P  ? ? A N 13 A N 14 1_555 ? ? ? ? ? ? ?             1.605 ? ? 
covale3  covale both ? A N 14 "O3'" ? ? ? 1_555 A N 15 P  ? ? A N 14 A N 15 1_555 ? ? ? ? ? ? ?             1.616 ? ? 
covale4  covale both ? A N 15 "O3'" ? ? ? 1_555 A C 16 P  ? ? A N 15 A C 16 1_555 ? ? ? ? ? ? ?             1.615 ? ? 
hydrog1  hydrog ?    ? A C 1  N3    ? ? ? 1_555 A G 20 N1 ? ? A C 1  A G 20 1_555 ? ? ? ? ? ? WATSON-CRICK  ?     ? ? 
hydrog2  hydrog ?    ? A C 1  N4    ? ? ? 1_555 A G 20 O6 ? ? A C 1  A G 20 1_555 ? ? ? ? ? ? WATSON-CRICK  ?     ? ? 
hydrog3  hydrog ?    ? A C 1  O2    ? ? ? 1_555 A G 20 N2 ? ? A C 1  A G 20 1_555 ? ? ? ? ? ? WATSON-CRICK  ?     ? ? 
hydrog4  hydrog ?    ? A U 2  N3    ? ? ? 1_555 A A 19 N1 ? ? A U 2  A A 19 1_555 ? ? ? ? ? ? WATSON-CRICK  ?     ? ? 
hydrog5  hydrog ?    ? A U 2  O4    ? ? ? 1_555 A A 19 N6 ? ? A U 2  A A 19 1_555 ? ? ? ? ? ? WATSON-CRICK  ?     ? ? 
hydrog6  hydrog ?    ? A G 3  N1    ? ? ? 1_555 A C 18 N3 ? ? A G 3  A C 18 1_555 ? ? ? ? ? ? WATSON-CRICK  ?     ? ? 
hydrog7  hydrog ?    ? A G 3  N2    ? ? ? 1_555 A C 18 O2 ? ? A G 3  A C 18 1_555 ? ? ? ? ? ? WATSON-CRICK  ?     ? ? 
hydrog8  hydrog ?    ? A G 3  O6    ? ? ? 1_555 A C 18 N4 ? ? A G 3  A C 18 1_555 ? ? ? ? ? ? WATSON-CRICK  ?     ? ? 
hydrog9  hydrog ?    ? A G 4  N1    ? ? ? 1_555 A C 17 N3 ? ? A G 4  A C 17 1_555 ? ? ? ? ? ? WATSON-CRICK  ?     ? ? 
hydrog10 hydrog ?    ? A G 4  N2    ? ? ? 1_555 A C 17 O2 ? ? A G 4  A C 17 1_555 ? ? ? ? ? ? WATSON-CRICK  ?     ? ? 
hydrog11 hydrog ?    ? A G 4  O6    ? ? ? 1_555 A C 17 N4 ? ? A G 4  A C 17 1_555 ? ? ? ? ? ? WATSON-CRICK  ?     ? ? 
hydrog12 hydrog ?    ? A G 5  N1    ? ? ? 1_555 A C 16 N3 ? ? A G 5  A C 16 1_555 ? ? ? ? ? ? WATSON-CRICK  ?     ? ? 
hydrog13 hydrog ?    ? A G 5  N2    ? ? ? 1_555 A C 16 O2 ? ? A G 5  A C 16 1_555 ? ? ? ? ? ? WATSON-CRICK  ?     ? ? 
hydrog14 hydrog ?    ? A G 5  O6    ? ? ? 1_555 A C 16 N4 ? ? A G 5  A C 16 1_555 ? ? ? ? ? ? WATSON-CRICK  ?     ? ? 
hydrog15 hydrog ?    ? A G 5  N2    ? ? ? 1_555 A A 27 N1 ? ? A G 5  A A 27 1_555 ? ? ? ? ? ? TYPE_10_PAIR  ?     ? ? 
hydrog16 hydrog ?    ? A G 5  N3    ? ? ? 1_555 A A 27 N6 ? ? A G 5  A A 27 1_555 ? ? ? ? ? ? TYPE_10_PAIR  ?     ? ? 
hydrog17 hydrog ?    ? A U 6  N3    ? ? ? 1_555 A A 28 N7 ? ? A U 6  A A 28 1_555 ? ? ? ? ? ? HOOGSTEEN     ?     ? ? 
hydrog18 hydrog ?    ? A U 6  O4    ? ? ? 1_555 A A 28 N6 ? ? A U 6  A A 28 1_555 ? ? ? ? ? ? HOOGSTEEN     ?     ? ? 
hydrog19 hydrog ?    ? A C 7  N4    ? ? ? 1_555 A G 11 N7 ? ? A C 7  A G 11 1_555 ? ? ? ? ? ? 'C-G PAIR'    ?     ? ? 
hydrog20 hydrog ?    ? A C 7  O2    ? ? ? 1_555 A C 30 N4 ? ? A C 7  A C 30 1_555 ? ? ? ? ? ? 'C-C MISPAIR' ?     ? ? 
hydrog21 hydrog ?    ? A G 8  N2    ? ? ? 1_555 A A 31 N1 ? ? A G 8  A A 31 1_555 ? ? ? ? ? ? TYPE_10_PAIR  ?     ? ? 
hydrog22 hydrog ?    ? A G 8  N3    ? ? ? 1_555 A A 31 N6 ? ? A G 8  A A 31 1_555 ? ? ? ? ? ? TYPE_10_PAIR  ?     ? ? 
hydrog23 hydrog ?    ? A C 9  N3    ? ? ? 1_555 A G 33 N1 ? ? A C 9  A G 33 1_555 ? ? ? ? ? ? WATSON-CRICK  ?     ? ? 
hydrog24 hydrog ?    ? A C 9  N4    ? ? ? 1_555 A G 33 O6 ? ? A C 9  A G 33 1_555 ? ? ? ? ? ? WATSON-CRICK  ?     ? ? 
hydrog25 hydrog ?    ? A C 9  O2    ? ? ? 1_555 A G 33 N2 ? ? A C 9  A G 33 1_555 ? ? ? ? ? ? WATSON-CRICK  ?     ? ? 
hydrog26 hydrog ?    ? A A 10 N3    ? ? ? 1_555 A A 32 N6 ? ? A A 10 A A 32 1_555 ? ? ? ? ? ? 'A-A MISPAIR' ?     ? ? 
hydrog27 hydrog ?    ? A G 11 N1    ? ? ? 1_555 A C 30 N3 ? ? A G 11 A C 30 1_555 ? ? ? ? ? ? WATSON-CRICK  ?     ? ? 
hydrog28 hydrog ?    ? A G 11 N2    ? ? ? 1_555 A C 30 O2 ? ? A G 11 A C 30 1_555 ? ? ? ? ? ? WATSON-CRICK  ?     ? ? 
hydrog29 hydrog ?    ? A G 11 O6    ? ? ? 1_555 A C 30 N4 ? ? A G 11 A C 30 1_555 ? ? ? ? ? ? WATSON-CRICK  ?     ? ? 
hydrog30 hydrog ?    ? A C 16 O2    ? ? ? 1_555 A A 28 N6 ? ? A C 16 A A 28 1_555 ? ? ? ? ? ? 'C-A MISPAIR' ?     ? ? 
hydrog31 hydrog ?    ? A C 17 O2    ? ? ? 1_555 A A 26 N6 ? ? A C 17 A A 26 1_555 ? ? ? ? ? ? 'C-A MISPAIR' ?     ? ? 
# 
loop_
_struct_conn_type.id 
_struct_conn_type.criteria 
_struct_conn_type.reference 
covale ? ? 
hydrog ? ? 
# 
_struct_site.id                   AC1 
_struct_site.pdbx_evidence_code   Software 
_struct_site.pdbx_auth_asym_id    A 
_struct_site.pdbx_auth_comp_id    HMV 
_struct_site.pdbx_auth_seq_id     101 
_struct_site.pdbx_auth_ins_code   ? 
_struct_site.pdbx_num_residues    7 
_struct_site.details              'binding site for residue HMV A 101' 
# 
loop_
_struct_site_gen.id 
_struct_site_gen.site_id 
_struct_site_gen.pdbx_num_res 
_struct_site_gen.label_comp_id 
_struct_site_gen.label_asym_id 
_struct_site_gen.label_seq_id 
_struct_site_gen.pdbx_auth_ins_code 
_struct_site_gen.auth_comp_id 
_struct_site_gen.auth_asym_id 
_struct_site_gen.auth_seq_id 
_struct_site_gen.label_atom_id 
_struct_site_gen.label_alt_id 
_struct_site_gen.symmetry 
_struct_site_gen.details 
1 AC1 7 G A 5  ? G A 5  . ? 1_555 ? 
2 AC1 7 U A 6  ? U A 6  . ? 1_555 ? 
3 AC1 7 C A 7  ? C A 7  . ? 1_555 ? 
4 AC1 7 G A 11 ? G A 11 . ? 1_555 ? 
5 AC1 7 N A 14 ? N A 14 . ? 1_555 ? 
6 AC1 7 C A 16 ? C A 16 . ? 1_555 ? 
7 AC1 7 A A 29 ? A A 29 . ? 1_555 ? 
# 
_atom_sites.entry_id                    6E1V 
_atom_sites.fract_transf_matrix[1][1]   -0.00319555 
_atom_sites.fract_transf_matrix[1][2]   -0.00320851 
_atom_sites.fract_transf_matrix[1][3]   0.00892070 
_atom_sites.fract_transf_matrix[2][1]   -0.00696463 
_atom_sites.fract_transf_matrix[2][2]   0.00517745 
_atom_sites.fract_transf_matrix[2][3]   0.00497675 
_atom_sites.fract_transf_matrix[3][1]   -0.01225308 
_atom_sites.fract_transf_matrix[3][2]   -0.00911295 
_atom_sites.fract_transf_matrix[3][3]   -0.00766692 
_atom_sites.fract_transf_vector[1]      0.510849 
_atom_sites.fract_transf_vector[2]      0.379854 
_atom_sites.fract_transf_vector[3]      0.460728 
# 
loop_
_atom_type.symbol 
C 
N 
O 
P 
# 
loop_
_atom_site.group_PDB 
_atom_site.id 
_atom_site.type_symbol 
_atom_site.label_atom_id 
_atom_site.label_alt_id 
_atom_site.label_comp_id 
_atom_site.label_asym_id 
_atom_site.label_entity_id 
_atom_site.label_seq_id 
_atom_site.pdbx_PDB_ins_code 
_atom_site.Cartn_x 
_atom_site.Cartn_y 
_atom_site.Cartn_z 
_atom_site.occupancy 
_atom_site.B_iso_or_equiv 
_atom_site.pdbx_formal_charge 
_atom_site.auth_seq_id 
_atom_site.auth_comp_id 
_atom_site.auth_asym_id 
_atom_site.auth_atom_id 
_atom_site.pdbx_PDB_model_num 
ATOM   1   O "O5'" . C   A 1 1  ? -7.079  14.205  5.875   1.00 87.84  ? 1   C   A "O5'" 1 
ATOM   2   C "C5'" . C   A 1 1  ? -7.137  12.833  6.247   1.00 91.98  ? 1   C   A "C5'" 1 
ATOM   3   C "C4'" . C   A 1 1  ? -8.552  12.311  6.219   1.00 90.56  ? 1   C   A "C4'" 1 
ATOM   4   O "O4'" . C   A 1 1  ? -9.201  12.733  4.990   1.00 90.81  ? 1   C   A "O4'" 1 
ATOM   5   C "C3'" . C   A 1 1  ? -8.697  10.794  6.230   1.00 86.37  ? 1   C   A "C3'" 1 
ATOM   6   O "O3'" . C   A 1 1  ? -8.667  10.256  7.542   1.00 87.04  ? 1   C   A "O3'" 1 
ATOM   7   C "C2'" . C   A 1 1  ? -10.025 10.576  5.523   1.00 85.90  ? 1   C   A "C2'" 1 
ATOM   8   O "O2'" . C   A 1 1  ? -11.105 10.814  6.411   1.00 90.32  ? 1   C   A "O2'" 1 
ATOM   9   C "C1'" . C   A 1 1  ? -10.007 11.694  4.483   1.00 92.73  ? 1   C   A "C1'" 1 
ATOM   10  N N1    . C   A 1 1  ? -9.434  11.245  3.189   1.00 93.40  ? 1   C   A N1    1 
ATOM   11  C C2    . C   A 1 1  ? -10.197 10.418  2.362   1.00 93.76  ? 1   C   A C2    1 
ATOM   12  O O2    . C   A 1 1  ? -11.336 10.076  2.721   1.00 97.12  ? 1   C   A O2    1 
ATOM   13  N N3    . C   A 1 1  ? -9.674  10.001  1.188   1.00 83.13  ? 1   C   A N3    1 
ATOM   14  C C4    . C   A 1 1  ? -8.456  10.384  0.819   1.00 83.11  ? 1   C   A C4    1 
ATOM   15  N N4    . C   A 1 1  ? -8.002  9.951   -0.356  1.00 82.43  ? 1   C   A N4    1 
ATOM   16  C C5    . C   A 1 1  ? -7.656  11.231  1.631   1.00 83.88  ? 1   C   A C5    1 
ATOM   17  C C6    . C   A 1 1  ? -8.181  11.632  2.792   1.00 84.66  ? 1   C   A C6    1 
ATOM   18  P P     . U   A 1 2  ? -8.166  8.752   7.809   1.00 91.36  ? 2   U   A P     1 
ATOM   19  O OP1   . U   A 1 2  ? -8.388  8.472   9.243   1.00 99.92  ? 2   U   A OP1   1 
ATOM   20  O OP2   . U   A 1 2  ? -6.808  8.568   7.231   1.00 86.02  ? 2   U   A OP2   1 
ATOM   21  O "O5'" . U   A 1 2  ? -9.190  7.825   7.022   1.00 90.37  ? 2   U   A "O5'" 1 
ATOM   22  C "C5'" . U   A 1 2  ? -10.533 7.680   7.455   1.00 86.23  ? 2   U   A "C5'" 1 
ATOM   23  C "C4'" . U   A 1 2  ? -11.318 6.805   6.513   1.00 85.38  ? 2   U   A "C4'" 1 
ATOM   24  O "O4'" . U   A 1 2  ? -11.428 7.454   5.217   1.00 84.67  ? 2   U   A "O4'" 1 
ATOM   25  C "C3'" . U   A 1 2  ? -10.700 5.449   6.190   1.00 87.58  ? 2   U   A "C3'" 1 
ATOM   26  O "O3'" . U   A 1 2  ? -10.928 4.475   7.192   1.00 85.32  ? 2   U   A "O3'" 1 
ATOM   27  C "C2'" . U   A 1 2  ? -11.349 5.108   4.858   1.00 86.18  ? 2   U   A "C2'" 1 
ATOM   28  O "O2'" . U   A 1 2  ? -12.684 4.667   5.055   1.00 90.02  ? 2   U   A "O2'" 1 
ATOM   29  C "C1'" . U   A 1 2  ? -11.388 6.483   4.190   1.00 86.51  ? 2   U   A "C1'" 1 
ATOM   30  N N1    . U   A 1 2  ? -10.176 6.709   3.374   1.00 83.24  ? 2   U   A N1    1 
ATOM   31  C C2    . U   A 1 2  ? -10.096 6.064   2.159   1.00 82.40  ? 2   U   A C2    1 
ATOM   32  O O2    . U   A 1 2  ? -10.966 5.340   1.721   1.00 82.05  ? 2   U   A O2    1 
ATOM   33  N N3    . U   A 1 2  ? -8.950  6.289   1.452   1.00 83.06  ? 2   U   A N3    1 
ATOM   34  C C4    . U   A 1 2  ? -7.893  7.077   1.833   1.00 82.46  ? 2   U   A C4    1 
ATOM   35  O O4    . U   A 1 2  ? -6.934  7.182   1.076   1.00 82.14  ? 2   U   A O4    1 
ATOM   36  C C5    . U   A 1 2  ? -8.048  7.713   3.104   1.00 83.29  ? 2   U   A C5    1 
ATOM   37  C C6    . U   A 1 2  ? -9.156  7.512   3.817   1.00 83.67  ? 2   U   A C6    1 
ATOM   38  P P     . G   A 1 3  ? -9.882  3.283   7.438   1.00 91.27  ? 3   G   A P     1 
ATOM   39  O OP1   . G   A 1 3  ? -10.361 2.554   8.632   1.00 99.64  ? 3   G   A OP1   1 
ATOM   40  O OP2   . G   A 1 3  ? -8.501  3.817   7.404   1.00 93.66  ? 3   G   A OP2   1 
ATOM   41  O "O5'" . G   A 1 3  ? -10.063 2.304   6.196   1.00 84.29  ? 3   G   A "O5'" 1 
ATOM   42  C "C5'" . G   A 1 3  ? -11.239 1.531   6.047   1.00 84.27  ? 3   G   A "C5'" 1 
ATOM   43  C "C4'" . G   A 1 3  ? -11.315 0.893   4.686   1.00 83.37  ? 3   G   A "C4'" 1 
ATOM   44  O "O4'" . G   A 1 3  ? -11.263 1.905   3.645   1.00 82.75  ? 3   G   A "O4'" 1 
ATOM   45  C "C3'" . G   A 1 3  ? -10.182 -0.037  4.320   1.00 83.08  ? 3   G   A "C3'" 1 
ATOM   46  O "O3'" . G   A 1 3  ? -10.252 -1.298  4.951   1.00 85.73  ? 3   G   A "O3'" 1 
ATOM   47  C "C2'" . G   A 1 3  ? -10.295 -0.086  2.804   1.00 82.22  ? 3   G   A "C2'" 1 
ATOM   48  O "O2'" . G   A 1 3  ? -11.388 -0.896  2.404   1.00 82.12  ? 3   G   A "O2'" 1 
ATOM   49  C "C1'" . G   A 1 3  ? -10.640 1.368   2.493   1.00 82.04  ? 3   G   A "C1'" 1 
ATOM   50  N N9    . G   A 1 3  ? -9.429  2.157   2.188   1.00 81.86  ? 3   G   A N9    1 
ATOM   51  C C8    . G   A 1 3  ? -8.814  3.067   3.004   1.00 82.34  ? 3   G   A C8    1 
ATOM   52  N N7    . G   A 1 3  ? -7.759  3.600   2.467   1.00 82.09  ? 3   G   A N7    1 
ATOM   53  C C5    . G   A 1 3  ? -7.672  3.009   1.220   1.00 81.43  ? 3   G   A C5    1 
ATOM   54  C C6    . G   A 1 3  ? -6.727  3.195   0.183   1.00 81.03  ? 3   G   A C6    1 
ATOM   55  O O6    . G   A 1 3  ? -5.750  3.946   0.164   1.00 81.14  ? 3   G   A O6    1 
ATOM   56  N N1    . G   A 1 3  ? -7.000  2.400   -0.920  1.00 80.54  ? 3   G   A N1    1 
ATOM   57  C C2    . G   A 1 3  ? -8.047  1.531   -1.015  1.00 80.43  ? 3   G   A C2    1 
ATOM   58  N N2    . G   A 1 3  ? -8.142  0.852   -2.165  1.00 80.02  ? 3   G   A N2    1 
ATOM   59  N N3    . G   A 1 3  ? -8.934  1.346   -0.052  1.00 80.79  ? 3   G   A N3    1 
ATOM   60  C C4    . G   A 1 3  ? -8.690  2.112   1.031   1.00 81.29  ? 3   G   A C4    1 
ATOM   61  P P     . G   A 1 4  ? -8.919  -1.954  5.570   1.00 89.92  ? 4   G   A P     1 
ATOM   62  O OP1   . G   A 1 4  ? -9.342  -3.025  6.501   1.00 94.91  ? 4   G   A OP1   1 
ATOM   63  O OP2   . G   A 1 4  ? -8.036  -0.861  6.052   1.00 90.74  ? 4   G   A OP2   1 
ATOM   64  O "O5'" . G   A 1 4  ? -8.191  -2.628  4.324   1.00 83.22  ? 4   G   A "O5'" 1 
ATOM   65  C "C5'" . G   A 1 4  ? -8.860  -3.594  3.533   1.00 83.00  ? 4   G   A "C5'" 1 
ATOM   66  C "C4'" . G   A 1 4  ? -8.422  -3.557  2.087   1.00 91.82  ? 4   G   A "C4'" 1 
ATOM   67  O "O4'" . G   A 1 4  ? -8.519  -2.207  1.548   1.00 81.74  ? 4   G   A "O4'" 1 
ATOM   68  C "C3'" . G   A 1 4  ? -6.989  -3.939  1.781   1.00 82.15  ? 4   G   A "C3'" 1 
ATOM   69  O "O3'" . G   A 1 4  ? -6.732  -5.321  1.857   1.00 82.54  ? 4   G   A "O3'" 1 
ATOM   70  C "C2'" . G   A 1 4  ? -6.813  -3.359  0.388   1.00 85.13  ? 4   G   A "C2'" 1 
ATOM   71  O "O2'" . G   A 1 4  ? -7.547  -4.118  -0.561  1.00 89.70  ? 4   G   A "O2'" 1 
ATOM   72  C "C1'" . G   A 1 4  ? -7.527  -2.027  0.555   1.00 81.28  ? 4   G   A "C1'" 1 
ATOM   73  N N9    . G   A 1 4  ? -6.593  -0.971  0.981   1.00 81.35  ? 4   G   A N9    1 
ATOM   74  C C8    . G   A 1 4  ? -6.520  -0.307  2.181   1.00 81.83  ? 4   G   A C8    1 
ATOM   75  N N7    . G   A 1 4  ? -5.563  0.580   2.210   1.00 81.81  ? 4   G   A N7    1 
ATOM   76  C C5    . G   A 1 4  ? -4.972  0.487   0.955   1.00 81.30  ? 4   G   A C5    1 
ATOM   77  C C6    . G   A 1 4  ? -3.883  1.195   0.387   1.00 81.13  ? 4   G   A C6    1 
ATOM   78  O O6    . G   A 1 4  ? -3.197  2.080   0.903   1.00 81.38  ? 4   G   A O6    1 
ATOM   79  N N1    . G   A 1 4  ? -3.624  0.784   -0.914  1.00 80.71  ? 4   G   A N1    1 
ATOM   80  C C2    . G   A 1 4  ? -4.320  -0.189  -1.584  1.00 80.49  ? 4   G   A C2    1 
ATOM   81  N N2    . G   A 1 4  ? -3.923  -0.458  -2.829  1.00 80.22  ? 4   G   A N2    1 
ATOM   82  N N3    . G   A 1 4  ? -5.336  -0.859  -1.075  1.00 80.62  ? 4   G   A N3    1 
ATOM   83  C C4    . G   A 1 4  ? -5.599  -0.468  0.189   1.00 81.02  ? 4   G   A C4    1 
ATOM   84  P P     . G   A 1 5  ? -5.315  -5.835  2.421   1.00 91.02  ? 5   G   A P     1 
ATOM   85  O OP1   . G   A 1 5  ? -5.514  -7.268  2.737   1.00 83.56  ? 5   G   A OP1   1 
ATOM   86  O OP2   . G   A 1 5  ? -4.801  -4.893  3.454   1.00 83.14  ? 5   G   A OP2   1 
ATOM   87  O "O5'" . G   A 1 5  ? -4.329  -5.688  1.182   1.00 82.40  ? 5   G   A "O5'" 1 
ATOM   88  C "C5'" . G   A 1 5  ? -4.642  -6.242  -0.085  1.00 82.11  ? 5   G   A "C5'" 1 
ATOM   89  C "C4'" . G   A 1 5  ? -3.713  -5.715  -1.148  1.00 81.66  ? 5   G   A "C4'" 1 
ATOM   90  O "O4'" . G   A 1 5  ? -3.845  -4.274  -1.240  1.00 81.23  ? 5   G   A "O4'" 1 
ATOM   91  C "C3'" . G   A 1 5  ? -2.223  -5.925  -0.913  1.00 87.56  ? 5   G   A "C3'" 1 
ATOM   92  O "O3'" . G   A 1 5  ? -1.791  -7.228  -1.265  1.00 87.29  ? 5   G   A "O3'" 1 
ATOM   93  C "C2'" . G   A 1 5  ? -1.602  -4.844  -1.782  1.00 85.49  ? 5   G   A "C2'" 1 
ATOM   94  O "O2'" . G   A 1 5  ? -1.613  -5.255  -3.142  1.00 81.27  ? 5   G   A "O2'" 1 
ATOM   95  C "C1'" . G   A 1 5  ? -2.612  -3.703  -1.618  1.00 81.11  ? 5   G   A "C1'" 1 
ATOM   96  N N9    . G   A 1 5  ? -2.215  -2.705  -0.603  1.00 81.23  ? 5   G   A N9    1 
ATOM   97  C C8    . G   A 1 5  ? -2.724  -2.556  0.662   1.00 81.57  ? 5   G   A C8    1 
ATOM   98  N N7    . G   A 1 5  ? -2.180  -1.567  1.314   1.00 81.70  ? 5   G   A N7    1 
ATOM   99  C C5    . G   A 1 5  ? -1.263  -1.021  0.428   1.00 81.40  ? 5   G   A C5    1 
ATOM   100 C C6    . G   A 1 5  ? -0.376  0.076   0.561   1.00 81.45  ? 5   G   A C6    1 
ATOM   101 O O6    . G   A 1 5  ? -0.209  0.822   1.525   1.00 81.77  ? 5   G   A O6    1 
ATOM   102 N N1    . G   A 1 5  ? 0.372   0.291   -0.584  1.00 81.20  ? 5   G   A N1    1 
ATOM   103 C C2    . G   A 1 5  ? 0.278   -0.462  -1.719  1.00 80.95  ? 5   G   A C2    1 
ATOM   104 N N2    . G   A 1 5  ? 1.079   -0.116  -2.729  1.00 80.86  ? 5   G   A N2    1 
ATOM   105 N N3    . G   A 1 5  ? -0.542  -1.482  -1.862  1.00 80.91  ? 5   G   A N3    1 
ATOM   106 C C4    . G   A 1 5  ? -1.279  -1.708  -0.759  1.00 81.13  ? 5   G   A C4    1 
ATOM   107 P P     . U   A 1 6  ? -0.514  -7.898  -0.556  1.00 91.88  ? 6   U   A P     1 
ATOM   108 O OP1   . U   A 1 6  ? -1.055  -9.153  0.024   1.00 92.13  ? 6   U   A OP1   1 
ATOM   109 O OP2   . U   A 1 6  ? 0.171   -6.925  0.345   1.00 83.13  ? 6   U   A OP2   1 
ATOM   110 O "O5'" . U   A 1 6  ? 0.453   -8.260  -1.773  1.00 85.06  ? 6   U   A "O5'" 1 
ATOM   111 C "C5'" . U   A 1 6  ? -0.048  -8.927  -2.926  1.00 82.86  ? 6   U   A "C5'" 1 
ATOM   112 C "C4'" . U   A 1 6  ? 0.772   -8.641  -4.165  1.00 82.70  ? 6   U   A "C4'" 1 
ATOM   113 O "O4'" . U   A 1 6  ? 0.542   -7.282  -4.623  1.00 82.06  ? 6   U   A "O4'" 1 
ATOM   114 C "C3'" . U   A 1 6  ? 2.282   -8.713  -4.023  1.00 92.32  ? 6   U   A "C3'" 1 
ATOM   115 O "O3'" . U   A 1 6  ? 2.795   -10.029 -4.002  1.00 92.82  ? 6   U   A "O3'" 1 
ATOM   116 C "C2'" . U   A 1 6  ? 2.748   -7.897  -5.216  1.00 90.06  ? 6   U   A "C2'" 1 
ATOM   117 O "O2'" . U   A 1 6  ? 2.583   -8.631  -6.420  1.00 97.27  ? 6   U   A "O2'" 1 
ATOM   118 C "C1'" . U   A 1 6  ? 1.723   -6.766  -5.203  1.00 88.26  ? 6   U   A "C1'" 1 
ATOM   119 N N1    . U   A 1 6  ? 2.208   -5.630  -4.382  1.00 85.41  ? 6   U   A N1    1 
ATOM   120 C C2    . U   A 1 6  ? 3.115   -4.787  -4.981  1.00 81.72  ? 6   U   A C2    1 
ATOM   121 O O2    . U   A 1 6  ? 3.475   -4.941  -6.134  1.00 81.82  ? 6   U   A O2    1 
ATOM   122 N N3    . U   A 1 6  ? 3.569   -3.763  -4.190  1.00 81.61  ? 6   U   A N3    1 
ATOM   123 C C4    . U   A 1 6  ? 3.220   -3.493  -2.882  1.00 81.61  ? 6   U   A C4    1 
ATOM   124 O O4    . U   A 1 6  ? 3.713   -2.522  -2.307  1.00 81.59  ? 6   U   A O4    1 
ATOM   125 C C5    . U   A 1 6  ? 2.279   -4.412  -2.323  1.00 81.73  ? 6   U   A C5    1 
ATOM   126 C C6    . U   A 1 6  ? 1.827   -5.427  -3.072  1.00 81.82  ? 6   U   A C6    1 
ATOM   127 P P     . C   A 1 7  ? 3.823   -10.469 -2.846  1.00 104.66 ? 7   C   A P     1 
ATOM   128 O OP1   . C   A 1 7  ? 4.336   -11.810 -3.203  1.00 84.99  ? 7   C   A OP1   1 
ATOM   129 O OP2   . C   A 1 7  ? 3.160   -10.250 -1.534  1.00 102.13 ? 7   C   A OP2   1 
ATOM   130 O "O5'" . C   A 1 7  ? 5.014   -9.407  -2.923  1.00 100.54 ? 7   C   A "O5'" 1 
ATOM   131 C "C5'" . C   A 1 7  ? 5.764   -9.204  -4.114  1.00 92.36  ? 7   C   A "C5'" 1 
ATOM   132 C "C4'" . C   A 1 7  ? 6.543   -7.909  -4.070  1.00 89.00  ? 7   C   A "C4'" 1 
ATOM   133 O "O4'" . C   A 1 7  ? 5.671   -6.797  -3.729  1.00 82.91  ? 7   C   A "O4'" 1 
ATOM   134 C "C3'" . C   A 1 7  ? 7.650   -7.814  -3.033  1.00 93.65  ? 7   C   A "C3'" 1 
ATOM   135 O "O3'" . C   A 1 7  ? 8.825   -8.530  -3.380  1.00 84.28  ? 7   C   A "O3'" 1 
ATOM   136 C "C2'" . C   A 1 7  ? 7.861   -6.308  -2.932  1.00 86.07  ? 7   C   A "C2'" 1 
ATOM   137 O "O2'" . C   A 1 7  ? 8.607   -5.824  -4.039  1.00 83.25  ? 7   C   A "O2'" 1 
ATOM   138 C "C1'" . C   A 1 7  ? 6.424   -5.795  -3.065  1.00 82.78  ? 7   C   A "C1'" 1 
ATOM   139 N N1    . C   A 1 7  ? 5.816   -5.477  -1.746  1.00 82.68  ? 7   C   A N1    1 
ATOM   140 C C2    . C   A 1 7  ? 6.327   -4.377  -1.029  1.00 82.58  ? 7   C   A C2    1 
ATOM   141 O O2    . C   A 1 7  ? 7.260   -3.711  -1.492  1.00 82.55  ? 7   C   A O2    1 
ATOM   142 N N3    . C   A 1 7  ? 5.813   -4.042  0.173   1.00 82.62  ? 7   C   A N3    1 
ATOM   143 C C4    . C   A 1 7  ? 4.831   -4.755  0.691   1.00 82.75  ? 7   C   A C4    1 
ATOM   144 N N4    . C   A 1 7  ? 4.394   -4.357  1.886   1.00 82.90  ? 7   C   A N4    1 
ATOM   145 C C5    . C   A 1 7  ? 4.281   -5.879  -0.001  1.00 82.83  ? 7   C   A C5    1 
ATOM   146 C C6    . C   A 1 7  ? 4.788   -6.203  -1.203  1.00 82.79  ? 7   C   A C6    1 
ATOM   147 P P     . G   A 1 8  ? 9.404   -9.694  -2.427  1.00 96.89  ? 8   G   A P     1 
ATOM   148 O OP1   . G   A 1 8  ? 10.460  -10.332 -3.233  1.00 85.50  ? 8   G   A OP1   1 
ATOM   149 O OP2   . G   A 1 8  ? 8.316   -10.543 -1.880  1.00 98.13  ? 8   G   A OP2   1 
ATOM   150 O "O5'" . G   A 1 8  ? 10.095  -8.923  -1.217  1.00 84.80  ? 8   G   A "O5'" 1 
ATOM   151 C "C5'" . G   A 1 8  ? 11.136  -8.005  -1.476  1.00 84.64  ? 8   G   A "C5'" 1 
ATOM   152 C "C4'" . G   A 1 8  ? 11.244  -6.941  -0.420  1.00 84.33  ? 8   G   A "C4'" 1 
ATOM   153 O "O4'" . G   A 1 8  ? 10.060  -6.093  -0.382  1.00 84.97  ? 8   G   A "O4'" 1 
ATOM   154 C "C3'" . G   A 1 8  ? 11.407  -7.417  1.007   1.00 84.68  ? 8   G   A "C3'" 1 
ATOM   155 O "O3'" . G   A 1 8  ? 12.734  -7.831  1.264   1.00 97.30  ? 8   G   A "O3'" 1 
ATOM   156 C "C2'" . G   A 1 8  ? 11.029  -6.170  1.795   1.00 89.18  ? 8   G   A "C2'" 1 
ATOM   157 O "O2'" . G   A 1 8  ? 12.139  -5.281  1.855   1.00 84.28  ? 8   G   A "O2'" 1 
ATOM   158 C "C1'" . G   A 1 8  ? 9.886   -5.584  0.928   1.00 88.14  ? 8   G   A "C1'" 1 
ATOM   159 N N9    . G   A 1 8  ? 8.593   -6.062  1.468   1.00 83.81  ? 8   G   A N9    1 
ATOM   160 C C8    . G   A 1 8  ? 7.816   -7.099  0.996   1.00 83.94  ? 8   G   A C8    1 
ATOM   161 N N7    . G   A 1 8  ? 6.788   -7.359  1.753   1.00 84.03  ? 8   G   A N7    1 
ATOM   162 C C5    . G   A 1 8  ? 6.901   -6.453  2.795   1.00 84.00  ? 8   G   A C5    1 
ATOM   163 C C6    . G   A 1 8  ? 6.081   -6.259  3.919   1.00 84.18  ? 8   G   A C6    1 
ATOM   164 O O6    . G   A 1 8  ? 5.063   -6.880  4.192   1.00 85.62  ? 8   G   A O6    1 
ATOM   165 N N1    . G   A 1 8  ? 6.540   -5.242  4.749   1.00 84.21  ? 8   G   A N1    1 
ATOM   166 C C2    . G   A 1 8  ? 7.660   -4.490  4.515   1.00 84.06  ? 8   G   A C2    1 
ATOM   167 N N2    . G   A 1 8  ? 7.962   -3.545  5.417   1.00 84.20  ? 8   G   A N2    1 
ATOM   168 N N3    . G   A 1 8  ? 8.432   -4.658  3.461   1.00 83.87  ? 8   G   A N3    1 
ATOM   169 C C4    . G   A 1 8  ? 8.003   -5.650  2.648   1.00 83.86  ? 8   G   A C4    1 
ATOM   170 P P     . C   A 1 9  ? 13.115  -9.348  1.662   1.00 92.05  ? 9   C   A P     1 
ATOM   171 O OP1   . C   A 1 9  ? 14.524  -9.450  1.226   1.00 86.91  ? 9   C   A OP1   1 
ATOM   172 O OP2   . C   A 1 9  ? 12.130  -10.347 1.163   1.00 88.31  ? 9   C   A OP2   1 
ATOM   173 O "O5'" . C   A 1 9  ? 13.095  -9.349  3.253   1.00 86.10  ? 9   C   A "O5'" 1 
ATOM   174 C "C5'" . C   A 1 9  ? 12.530  -10.430 3.978   1.00 86.65  ? 9   C   A "C5'" 1 
ATOM   175 C "C4'" . C   A 1 9  ? 12.572  -10.140 5.450   1.00 86.87  ? 9   C   A "C4'" 1 
ATOM   176 O "O4'" . C   A 1 9  ? 13.893  -9.658  5.781   1.00 86.92  ? 9   C   A "O4'" 1 
ATOM   177 C "C3'" . C   A 1 9  ? 11.667  -9.024  5.928   1.00 87.13  ? 9   C   A "C3'" 1 
ATOM   178 O "O3'" . C   A 1 9  ? 10.317  -9.404  6.097   1.00 86.46  ? 9   C   A "O3'" 1 
ATOM   179 C "C2'" . C   A 1 9  ? 12.357  -8.561  7.204   1.00 92.43  ? 9   C   A "C2'" 1 
ATOM   180 O "O2'" . C   A 1 9  ? 12.128  -9.475  8.270   1.00 87.43  ? 9   C   A "O2'" 1 
ATOM   181 C "C1'" . C   A 1 9  ? 13.814  -8.680  6.794   1.00 86.78  ? 9   C   A "C1'" 1 
ATOM   182 N N1    . C   A 1 9  ? 14.393  -7.424  6.268   1.00 86.24  ? 9   C   A N1    1 
ATOM   183 C C2    . C   A 1 9  ? 14.701  -6.374  7.140   1.00 86.20  ? 9   C   A C2    1 
ATOM   184 O O2    . C   A 1 9  ? 14.436  -6.488  8.346   1.00 86.60  ? 9   C   A O2    1 
ATOM   185 N N3    . C   A 1 9  ? 15.267  -5.254  6.643   1.00 85.83  ? 9   C   A N3    1 
ATOM   186 C C4    . C   A 1 9  ? 15.536  -5.181  5.341   1.00 85.52  ? 9   C   A C4    1 
ATOM   187 N N4    . C   A 1 9  ? 16.097  -4.062  4.884   1.00 85.28  ? 9   C   A N4    1 
ATOM   188 C C5    . C   A 1 9  ? 15.245  -6.237  4.433   1.00 85.56  ? 9   C   A C5    1 
ATOM   189 C C6    . C   A 1 9  ? 14.682  -7.332  4.937   1.00 85.92  ? 9   C   A C6    1 
ATOM   190 P P     . A   A 1 10 ? 9.172   -8.387  5.633   1.00 85.78  ? 10  A   A P     1 
ATOM   191 O OP1   . A   A 1 10 ? 7.855   -8.944  6.021   1.00 86.02  ? 10  A   A OP1   1 
ATOM   192 O OP2   . A   A 1 10 ? 9.451   -8.093  4.201   1.00 85.26  ? 10  A   A OP2   1 
ATOM   193 O "O5'" . A   A 1 10 ? 9.456   -7.087  6.510   1.00 85.63  ? 10  A   A "O5'" 1 
ATOM   194 C "C5'" . A   A 1 10 ? 9.189   -7.067  7.904   1.00 86.15  ? 10  A   A "C5'" 1 
ATOM   195 C "C4'" . A   A 1 10 ? 9.846   -5.884  8.564   1.00 86.11  ? 10  A   A "C4'" 1 
ATOM   196 O "O4'" . A   A 1 10 ? 11.154  -5.718  7.991   1.00 85.93  ? 10  A   A "O4'" 1 
ATOM   197 C "C3'" . A   A 1 10 ? 9.168   -4.542  8.341   1.00 89.31  ? 10  A   A "C3'" 1 
ATOM   198 O "O3'" . A   A 1 10 ? 8.128   -4.295  9.265   1.00 85.97  ? 10  A   A "O3'" 1 
ATOM   199 C "C2'" . A   A 1 10 ? 10.313  -3.538  8.435   1.00 87.38  ? 10  A   A "C2'" 1 
ATOM   200 O "O2'" . A   A 1 10 ? 10.574  -3.171  9.780   1.00 86.13  ? 10  A   A "O2'" 1 
ATOM   201 C "C1'" . A   A 1 10 ? 11.492  -4.352  7.920   1.00 85.61  ? 10  A   A "C1'" 1 
ATOM   202 N N9    . A   A 1 10 ? 11.911  -4.039  6.536   1.00 85.09  ? 10  A   A N9    1 
ATOM   203 C C8    . A   A 1 10 ? 11.742  -4.810  5.411   1.00 84.88  ? 10  A   A C8    1 
ATOM   204 N N7    . A   A 1 10 ? 12.286  -4.300  4.337   1.00 84.56  ? 10  A   A N7    1 
ATOM   205 C C5    . A   A 1 10 ? 12.866  -3.125  4.791   1.00 84.55  ? 10  A   A C5    1 
ATOM   206 C C6    . A   A 1 10 ? 13.600  -2.118  4.145   1.00 84.38  ? 10  A   A C6    1 
ATOM   207 N N6    . A   A 1 10 ? 13.871  -2.129  2.848   1.00 84.18  ? 10  A   A N6    1 
ATOM   208 N N1    . A   A 1 10 ? 14.032  -1.068  4.869   1.00 84.54  ? 10  A   A N1    1 
ATOM   209 C C2    . A   A 1 10 ? 13.737  -1.054  6.172   1.00 84.84  ? 10  A   A C2    1 
ATOM   210 N N3    . A   A 1 10 ? 13.063  -1.938  6.902   1.00 85.05  ? 10  A   A N3    1 
ATOM   211 C C4    . A   A 1 10 ? 12.649  -2.958  6.141   1.00 84.87  ? 10  A   A C4    1 
ATOM   212 P P     . G   A 1 11 ? 6.646   -3.990  8.740   1.00 77.94  ? 11  G   A P     1 
ATOM   213 O OP1   . G   A 1 11 ? 5.829   -3.809  9.967   1.00 81.75  ? 11  G   A OP1   1 
ATOM   214 O OP2   . G   A 1 11 ? 6.269   -5.002  7.696   1.00 72.01  ? 11  G   A OP2   1 
ATOM   215 O "O5'" . G   A 1 11 ? 6.782   -2.551  8.063   1.00 77.05  ? 11  G   A "O5'" 1 
ATOM   216 C "C5'" . G   A 1 11 ? 7.046   -1.384  8.845   1.00 72.34  ? 11  G   A "C5'" 1 
ATOM   217 C "C4'" . G   A 1 11 ? 6.234   -0.199  8.372   1.00 82.74  ? 11  G   A "C4'" 1 
ATOM   218 O "O4'" . G   A 1 11 ? 6.440   -0.029  6.941   1.00 86.53  ? 11  G   A "O4'" 1 
ATOM   219 C "C3'" . G   A 1 11 ? 4.721   -0.324  8.568   1.00 75.57  ? 11  G   A "C3'" 1 
ATOM   220 O "O3'" . G   A 1 11 ? 4.158   0.978   8.720   1.00 76.86  ? 11  G   A "O3'" 1 
ATOM   221 C "C2'" . G   A 1 11 ? 4.271   -0.900  7.231   1.00 76.53  ? 11  G   A "C2'" 1 
ATOM   222 O "O2'" . G   A 1 11 ? 2.911   -0.676  6.936   1.00 78.49  ? 11  G   A "O2'" 1 
ATOM   223 C "C1'" . G   A 1 11 ? 5.205   -0.164  6.262   1.00 76.46  ? 11  G   A "C1'" 1 
ATOM   224 N N9    . G   A 1 11 ? 5.456   -0.841  4.986   1.00 76.59  ? 11  G   A N9    1 
ATOM   225 C C8    . G   A 1 11 ? 4.927   -2.000  4.462   1.00 76.90  ? 11  G   A C8    1 
ATOM   226 N N7    . G   A 1 11 ? 5.367   -2.280  3.267   1.00 77.05  ? 11  G   A N7    1 
ATOM   227 C C5    . G   A 1 11 ? 6.242   -1.237  3.000   1.00 76.85  ? 11  G   A C5    1 
ATOM   228 C C6    . G   A 1 11 ? 7.040   -0.969  1.867   1.00 76.98  ? 11  G   A C6    1 
ATOM   229 O O6    . G   A 1 11 ? 7.122   -1.646  0.846   1.00 77.25  ? 11  G   A O6    1 
ATOM   230 N N1    . G   A 1 11 ? 7.781   0.207   2.003   1.00 76.90  ? 11  G   A N1    1 
ATOM   231 C C2    . G   A 1 11 ? 7.765   1.037   3.097   1.00 76.70  ? 11  G   A C2    1 
ATOM   232 N N2    . G   A 1 11 ? 8.544   2.128   3.057   1.00 76.81  ? 11  G   A N2    1 
ATOM   233 N N3    . G   A 1 11 ? 7.022   0.798   4.168   1.00 76.51  ? 11  G   A N3    1 
ATOM   234 C C4    . G   A 1 11 ? 6.301   -0.342  4.045   1.00 76.60  ? 11  G   A C4    1 
ATOM   235 P P     . U   A 1 12 ? 4.501   1.885   10.003  1.00 85.61  ? 12  U   A P     1 
ATOM   236 O OP1   . U   A 1 12 ? 5.424   2.987   9.630   1.00 76.27  ? 12  U   A OP1   1 
ATOM   237 O OP2   . U   A 1 12 ? 4.828   0.954   11.116  1.00 90.51  ? 12  U   A OP2   1 
ATOM   238 O "O5'" . U   A 1 12 ? 3.128   2.621   10.333  1.00 92.09  ? 12  U   A "O5'" 1 
ATOM   239 C "C5'" . U   A 1 12 ? 2.095   1.981   11.078  1.00 84.48  ? 12  U   A "C5'" 1 
ATOM   240 C "C4'" . U   A 1 12 ? 1.357   2.976   11.935  1.00 79.50  ? 12  U   A "C4'" 1 
ATOM   241 O "O4'" . U   A 1 12 ? 1.590   2.678   13.345  1.00 90.85  ? 12  U   A "O4'" 1 
ATOM   242 C "C3'" . U   A 1 12 ? 1.787   4.429   11.733  1.00 82.27  ? 12  U   A "C3'" 1 
ATOM   243 O "O3'" . U   A 1 12 ? 0.665   5.276   11.921  1.00 97.47  ? 12  U   A "O3'" 1 
ATOM   244 C "C2'" . U   A 1 12 ? 2.764   4.644   12.879  1.00 85.91  ? 12  U   A "C2'" 1 
ATOM   245 O "O2'" . U   A 1 12 ? 2.968   5.987   13.258  1.00 78.95  ? 12  U   A "O2'" 1 
ATOM   246 C "C1'" . U   A 1 12 ? 2.102   3.830   13.986  1.00 87.91  ? 12  U   A "C1'" 1 
ATOM   247 N N1    . U   A 1 12 ? 3.035   3.455   15.063  1.00 84.25  ? 12  U   A N1    1 
ATOM   248 C C2    . U   A 1 12 ? 2.739   3.906   16.337  1.00 76.84  ? 12  U   A C2    1 
ATOM   249 O O2    . U   A 1 12 ? 1.732   4.538   16.589  1.00 78.28  ? 12  U   A O2    1 
ATOM   250 N N3    . U   A 1 12 ? 3.649   3.589   17.308  1.00 75.57  ? 12  U   A N3    1 
ATOM   251 C C4    . U   A 1 12 ? 4.819   2.888   17.119  1.00 78.92  ? 12  U   A C4    1 
ATOM   252 O O4    . U   A 1 12 ? 5.552   2.669   18.086  1.00 80.15  ? 12  U   A O4    1 
ATOM   253 C C5    . U   A 1 12 ? 5.068   2.472   15.774  1.00 74.00  ? 12  U   A C5    1 
ATOM   254 C C6    . U   A 1 12 ? 4.195   2.768   14.807  1.00 75.23  ? 12  U   A C6    1 
ATOM   255 P P     . N   A 1 13 ? 0.115   6.152   10.697  1.00 102.58 ? 13  N   A P     1 
ATOM   256 O OP1   . N   A 1 13 ? 1.238   6.176   9.683   1.00 109.42 ? 13  N   A OP1   1 
ATOM   257 O OP2   . N   A 1 13 ? -0.445  7.438   11.254  1.00 89.53  ? 13  N   A OP2   1 
ATOM   258 O "O5'" . N   A 1 13 ? -1.070  5.275   10.103  1.00 101.31 ? 13  N   A "O5'" 1 
ATOM   259 C "C5'" . N   A 1 13 ? -0.853  4.462   8.965   1.00 105.93 ? 13  N   A "C5'" 1 
ATOM   260 C "C4'" . N   A 1 13 ? -2.127  4.243   8.189   1.00 119.01 ? 13  N   A "C4'" 1 
ATOM   261 O "O4'" . N   A 1 13 ? -2.812  5.506   7.965   1.00 124.75 ? 13  N   A "O4'" 1 
ATOM   262 C "C3'" . N   A 1 13 ? -1.944  3.664   6.799   0.10 119.86 ? 13  N   A "C3'" 1 
ATOM   263 O "O3'" . N   A 1 13 ? -1.757  2.261   6.815   1.00 115.39 ? 13  N   A "O3'" 1 
ATOM   264 C "C2'" . N   A 1 13 ? -3.204  4.122   6.075   0.83 126.65 ? 13  N   A "C2'" 1 
ATOM   265 O "O2'" . N   A 1 13 ? -4.310  3.305   6.428   1.00 128.11 ? 13  N   A "O2'" 1 
ATOM   266 C "C1'" . N   A 1 13 ? -3.408  5.511   6.682   1.00 128.60 ? 13  N   A "C1'" 1 
ATOM   267 P P     . N   A 1 14 ? -0.819  1.558   5.719   0.55 116.08 ? 14  N   A P     1 
ATOM   268 O OP1   . N   A 1 14 ? -1.201  2.131   4.373   0.68 116.31 ? 14  N   A OP1   1 
ATOM   269 O OP2   . N   A 1 14 ? -0.880  0.070   5.963   0.73 112.82 ? 14  N   A OP2   1 
ATOM   270 O "O5'" . N   A 1 14 ? 0.654   2.054   6.077   0.51 115.83 ? 14  N   A "O5'" 1 
ATOM   271 C "C5'" . N   A 1 14 ? 1.219   3.189   5.436   0.00 117.17 ? 14  N   A "C5'" 1 
ATOM   272 C "C4'" . N   A 1 14 ? 1.949   4.068   6.419   1.00 116.72 ? 14  N   A "C4'" 1 
ATOM   273 O "O4'" . N   A 1 14 ? 3.208   3.442   6.799   1.00 107.36 ? 14  N   A "O4'" 1 
ATOM   274 C "C3'" . N   A 1 14 ? 2.350   5.453   5.920   0.25 121.39 ? 14  N   A "C3'" 1 
ATOM   275 O "O3'" . N   A 1 14 ? 1.294   6.406   5.991   0.93 127.12 ? 14  N   A "O3'" 1 
ATOM   276 C "C2'" . N   A 1 14 ? 3.534   5.787   6.817   0.00 120.05 ? 14  N   A "C2'" 1 
ATOM   277 O "O2'" . N   A 1 14 ? 3.087   6.159   8.114   1.00 126.95 ? 14  N   A "O2'" 1 
ATOM   278 C "C1'" . N   A 1 14 ? 4.214   4.423   6.926   1.00 111.17 ? 14  N   A "C1'" 1 
ATOM   279 P P     . N   A 1 15 ? 0.555   6.953   4.662   1.00 130.92 ? 15  N   A P     1 
ATOM   280 O OP1   . N   A 1 15 ? -0.299  8.156   5.029   1.00 128.34 ? 15  N   A OP1   1 
ATOM   281 O OP2   . N   A 1 15 ? -0.096  5.772   3.979   1.00 131.11 ? 15  N   A OP2   1 
ATOM   282 O "O5'" . N   A 1 15 ? 1.743   7.473   3.731   0.76 133.78 ? 15  N   A "O5'" 1 
ATOM   283 C "C5'" . N   A 1 15 ? 1.813   8.833   3.310   1.00 133.44 ? 15  N   A "C5'" 1 
ATOM   284 C "C4'" . N   A 1 15 ? 3.180   9.167   2.756   1.00 127.90 ? 15  N   A "C4'" 1 
ATOM   285 O "O4'" . N   A 1 15 ? 4.205   8.594   3.614   1.00 122.82 ? 15  N   A "O4'" 1 
ATOM   286 C "C3'" . N   A 1 15 ? 3.505   8.626   1.368   1.00 123.95 ? 15  N   A "C3'" 1 
ATOM   287 O "O3'" . N   A 1 15 ? 2.964   9.432   0.325   1.00 116.17 ? 15  N   A "O3'" 1 
ATOM   288 C "C2'" . N   A 1 15 ? 5.029   8.521   1.399   1.00 118.56 ? 15  N   A "C2'" 1 
ATOM   289 O "O2'" . N   A 1 15 ? 5.640   9.792   1.251   1.00 122.76 ? 15  N   A "O2'" 1 
ATOM   290 C "C1'" . N   A 1 15 ? 5.258   8.069   2.833   1.00 118.42 ? 15  N   A "C1'" 1 
ATOM   291 P P     . C   A 1 16 ? 3.610   9.506   -1.153  1.00 86.90  ? 16  C   A P     1 
ATOM   292 O OP1   . C   A 1 16 ? 4.815   10.382  -1.128  1.00 80.22  ? 16  C   A OP1   1 
ATOM   293 O OP2   . C   A 1 16 ? 2.494   9.862   -2.059  1.00 98.67  ? 16  C   A OP2   1 
ATOM   294 O "O5'" . C   A 1 16 ? 4.066   8.021   -1.526  1.00 76.78  ? 16  C   A "O5'" 1 
ATOM   295 C "C5'" . C   A 1 16 ? 5.100   7.811   -2.483  1.00 65.94  ? 16  C   A "C5'" 1 
ATOM   296 C "C4'" . C   A 1 16 ? 5.002   6.454   -3.130  1.00 65.64  ? 16  C   A "C4'" 1 
ATOM   297 O "O4'" . C   A 1 16 ? 5.139   5.423   -2.121  1.00 65.76  ? 16  C   A "O4'" 1 
ATOM   298 C "C3'" . C   A 1 16 ? 3.688   6.121   -3.820  1.00 64.78  ? 16  C   A "C3'" 1 
ATOM   299 O "O3'" . C   A 1 16 ? 3.613   6.663   -5.128  1.00 64.98  ? 16  C   A "O3'" 1 
ATOM   300 C "C2'" . C   A 1 16 ? 3.693   4.600   -3.811  1.00 71.82  ? 16  C   A "C2'" 1 
ATOM   301 O "O2'" . C   A 1 16 ? 4.558   4.110   -4.823  1.00 65.69  ? 16  C   A "O2'" 1 
ATOM   302 C "C1'" . C   A 1 16 ? 4.348   4.304   -2.462  1.00 68.18  ? 16  C   A "C1'" 1 
ATOM   303 N N1    . C   A 1 16 ? 3.383   4.035   -1.354  1.00 68.09  ? 16  C   A N1    1 
ATOM   304 C C2    . C   A 1 16 ? 2.597   2.859   -1.321  1.00 64.91  ? 16  C   A C2    1 
ATOM   305 O O2    . C   A 1 16 ? 2.660   2.043   -2.252  1.00 65.11  ? 16  C   A O2    1 
ATOM   306 N N3    . C   A 1 16 ? 1.757   2.628   -0.282  1.00 64.97  ? 16  C   A N3    1 
ATOM   307 C C4    . C   A 1 16 ? 1.684   3.500   0.725   1.00 65.07  ? 16  C   A C4    1 
ATOM   308 N N4    . C   A 1 16 ? 0.843   3.234   1.737   1.00 65.49  ? 16  C   A N4    1 
ATOM   309 C C5    . C   A 1 16 ? 2.473   4.691   0.732   1.00 65.09  ? 16  C   A C5    1 
ATOM   310 C C6    . C   A 1 16 ? 3.294   4.913   -0.301  1.00 65.01  ? 16  C   A C6    1 
ATOM   311 P P     . C   A 1 17 ? 2.211   6.869   -5.882  1.00 64.18  ? 17  C   A P     1 
ATOM   312 O OP1   . C   A 1 17 ? 2.538   7.482   -7.192  1.00 83.02  ? 17  C   A OP1   1 
ATOM   313 O OP2   . C   A 1 17 ? 1.258   7.525   -4.957  1.00 63.49  ? 17  C   A OP2   1 
ATOM   314 O "O5'" . C   A 1 17 ? 1.650   5.409   -6.149  1.00 63.80  ? 17  C   A "O5'" 1 
ATOM   315 C "C5'" . C   A 1 17 ? 2.090   4.609   -7.229  1.00 64.54  ? 17  C   A "C5'" 1 
ATOM   316 C "C4'" . C   A 1 17 ? 1.245   3.369   -7.317  1.00 64.25  ? 17  C   A "C4'" 1 
ATOM   317 O "O4'" . C   A 1 17 ? 1.348   2.629   -6.074  1.00 64.24  ? 17  C   A "O4'" 1 
ATOM   318 C "C3'" . C   A 1 17 ? -0.245  3.612   -7.450  1.00 69.65  ? 17  C   A "C3'" 1 
ATOM   319 O "O3'" . C   A 1 17 ? -0.651  3.919   -8.764  1.00 65.61  ? 17  C   A "O3'" 1 
ATOM   320 C "C2'" . C   A 1 17 ? -0.832  2.318   -6.917  1.00 68.55  ? 17  C   A "C2'" 1 
ATOM   321 O "O2'" . C   A 1 17 ? -0.626  1.271   -7.854  1.00 75.19  ? 17  C   A "O2'" 1 
ATOM   322 C "C1'" . C   A 1 17 ? 0.101   2.039   -5.759  1.00 63.69  ? 17  C   A "C1'" 1 
ATOM   323 N N1    . C   A 1 17 ? -0.378  2.555   -4.452  1.00 63.12  ? 17  C   A N1    1 
ATOM   324 C C2    . C   A 1 17 ? -1.329  1.841   -3.699  1.00 63.11  ? 17  C   A C2    1 
ATOM   325 O O2    . C   A 1 17 ? -1.824  0.807   -4.154  1.00 63.48  ? 17  C   A O2    1 
ATOM   326 N N3    . C   A 1 17 ? -1.705  2.294   -2.488  1.00 63.02  ? 17  C   A N3    1 
ATOM   327 C C4    . C   A 1 17 ? -1.163  3.408   -2.017  1.00 62.89  ? 17  C   A C4    1 
ATOM   328 N N4    . C   A 1 17 ? -1.541  3.848   -0.822  1.00 63.11  ? 17  C   A N4    1 
ATOM   329 C C5    . C   A 1 17 ? -0.194  4.147   -2.746  1.00 62.87  ? 17  C   A C5    1 
ATOM   330 C C6    . C   A 1 17 ? 0.175   3.687   -3.939  1.00 63.01  ? 17  C   A C6    1 
ATOM   331 P P     . C   A 1 18 ? -1.964  4.797   -8.982  1.00 66.45  ? 18  C   A P     1 
ATOM   332 O OP1   . C   A 1 18 ? -2.038  5.147   -10.421 1.00 80.11  ? 18  C   A OP1   1 
ATOM   333 O OP2   . C   A 1 18 ? -1.961  5.849   -7.934  1.00 61.84  ? 18  C   A OP2   1 
ATOM   334 O "O5'" . C   A 1 18 ? -3.154  3.801   -8.640  1.00 72.28  ? 18  C   A "O5'" 1 
ATOM   335 C "C5'" . C   A 1 18 ? -3.374  2.621   -9.395  1.00 66.53  ? 18  C   A "C5'" 1 
ATOM   336 C "C4'" . C   A 1 18 ? -4.475  1.795   -8.783  1.00 67.85  ? 18  C   A "C4'" 1 
ATOM   337 O "O4'" . C   A 1 18 ? -4.068  1.321   -7.472  1.00 66.51  ? 18  C   A "O4'" 1 
ATOM   338 C "C3'" . C   A 1 18 ? -5.779  2.516   -8.500  1.00 64.52  ? 18  C   A "C3'" 1 
ATOM   339 O "O3'" . C   A 1 18 ? -6.590  2.692   -9.642  1.00 60.65  ? 18  C   A "O3'" 1 
ATOM   340 C "C2'" . C   A 1 18 ? -6.412  1.611   -7.457  1.00 67.44  ? 18  C   A "C2'" 1 
ATOM   341 O "O2'" . C   A 1 18 ? -6.883  0.431   -8.080  1.00 73.91  ? 18  C   A "O2'" 1 
ATOM   342 C "C1'" . C   A 1 18 ? -5.196  1.235   -6.626  1.00 61.56  ? 18  C   A "C1'" 1 
ATOM   343 N N1    . C   A 1 18 ? -4.992  2.141   -5.475  1.00 61.18  ? 18  C   A N1    1 
ATOM   344 C C2    . C   A 1 18 ? -5.700  1.932   -4.294  1.00 61.32  ? 18  C   A C2    1 
ATOM   345 O O2    . C   A 1 18 ? -6.517  1.005   -4.232  1.00 64.51  ? 18  C   A O2    1 
ATOM   346 N N3    . C   A 1 18 ? -5.487  2.756   -3.244  1.00 61.31  ? 18  C   A N3    1 
ATOM   347 C C4    . C   A 1 18 ? -4.612  3.755   -3.340  1.00 61.12  ? 18  C   A C4    1 
ATOM   348 N N4    . C   A 1 18 ? -4.435  4.545   -2.279  1.00 61.37  ? 18  C   A N4    1 
ATOM   349 C C5    . C   A 1 18 ? -3.877  3.990   -4.529  1.00 60.99  ? 18  C   A C5    1 
ATOM   350 C C6    . C   A 1 18 ? -4.095  3.163   -5.552  1.00 61.05  ? 18  C   A C6    1 
ATOM   351 P P     . A   A 1 19 ? -7.686  3.860   -9.669  1.00 64.60  ? 19  A   A P     1 
ATOM   352 O OP1   . A   A 1 19 ? -8.368  3.811   -10.988 1.00 59.37  ? 19  A   A OP1   1 
ATOM   353 O OP2   . A   A 1 19 ? -7.033  5.072   -9.121  1.00 64.41  ? 19  A   A OP2   1 
ATOM   354 O "O5'" . A   A 1 19 ? -8.756  3.457   -8.567  1.00 58.90  ? 19  A   A "O5'" 1 
ATOM   355 C "C5'" . A   A 1 19 ? -9.934  2.736   -8.887  1.00 58.79  ? 19  A   A "C5'" 1 
ATOM   356 C "C4'" . A   A 1 19 ? -10.540 2.193   -7.625  1.00 58.98  ? 19  A   A "C4'" 1 
ATOM   357 O "O4'" . A   A 1 19 ? -9.490  2.065   -6.633  1.00 59.54  ? 19  A   A "O4'" 1 
ATOM   358 C "C3'" . A   A 1 19 ? -11.576 3.078   -6.953  1.00 58.38  ? 19  A   A "C3'" 1 
ATOM   359 O "O3'" . A   A 1 19 ? -12.862 2.901   -7.496  1.00 58.05  ? 19  A   A "O3'" 1 
ATOM   360 C "C2'" . A   A 1 19 ? -11.486 2.664   -5.489  1.00 66.78  ? 19  A   A "C2'" 1 
ATOM   361 O "O2'" . A   A 1 19 ? -12.229 1.477   -5.250  1.00 59.90  ? 19  A   A "O2'" 1 
ATOM   362 C "C1'" . A   A 1 19 ? -10.003 2.334   -5.349  1.00 59.64  ? 19  A   A "C1'" 1 
ATOM   363 N N9    . A   A 1 19 ? -9.202  3.400   -4.723  1.00 59.51  ? 19  A   A N9    1 
ATOM   364 C C8    . A   A 1 19 ? -8.129  4.066   -5.241  1.00 59.34  ? 19  A   A C8    1 
ATOM   365 N N7    . A   A 1 19 ? -7.591  4.923   -4.414  1.00 59.53  ? 19  A   A N7    1 
ATOM   366 C C5    . A   A 1 19 ? -8.344  4.792   -3.269  1.00 59.90  ? 19  A   A C5    1 
ATOM   367 C C6    . A   A 1 19 ? -8.282  5.423   -2.025  1.00 60.51  ? 19  A   A C6    1 
ATOM   368 N N6    . A   A 1 19 ? -7.387  6.349   -1.706  1.00 60.77  ? 19  A   A N6    1 
ATOM   369 N N1    . A   A 1 19 ? -9.193  5.068   -1.098  1.00 65.27  ? 19  A   A N1    1 
ATOM   370 C C2    . A   A 1 19 ? -10.103 4.141   -1.407  1.00 63.26  ? 19  A   A C2    1 
ATOM   371 N N3    . A   A 1 19 ? -10.259 3.474   -2.544  1.00 60.54  ? 19  A   A N3    1 
ATOM   372 C C4    . A   A 1 19 ? -9.337  3.856   -3.442  1.00 59.92  ? 19  A   A C4    1 
ATOM   373 P P     . G   A 1 20 ? -13.984 4.028   -7.305  1.00 66.10  ? 20  G   A P     1 
ATOM   374 O OP1   . G   A 1 20 ? -15.174 3.553   -8.048  1.00 57.15  ? 20  G   A OP1   1 
ATOM   375 O OP2   . G   A 1 20 ? -13.404 5.361   -7.583  1.00 57.92  ? 20  G   A OP2   1 
ATOM   376 O "O5'" . G   A 1 20 ? -14.322 3.986   -5.754  1.00 64.01  ? 20  G   A "O5'" 1 
ATOM   377 C "C5'" . G   A 1 20 ? -15.032 2.894   -5.172  1.00 68.79  ? 20  G   A "C5'" 1 
ATOM   378 C "C4'" . G   A 1 20 ? -15.450 3.211   -3.759  1.00 63.46  ? 20  G   A "C4'" 1 
ATOM   379 O "O4'" . G   A 1 20 ? -14.296 3.699   -3.021  1.00 61.94  ? 20  G   A "O4'" 1 
ATOM   380 C "C3'" . G   A 1 20 ? -16.491 4.309   -3.650  1.00 59.38  ? 20  G   A "C3'" 1 
ATOM   381 O "O3'" . G   A 1 20 ? -17.193 4.115   -2.431  1.00 68.68  ? 20  G   A "O3'" 1 
ATOM   382 C "C2'" . G   A 1 20 ? -15.625 5.557   -3.539  1.00 59.03  ? 20  G   A "C2'" 1 
ATOM   383 O "O2'" . G   A 1 20 ? -16.262 6.687   -2.994  1.00 59.37  ? 20  G   A "O2'" 1 
ATOM   384 C "C1'" . G   A 1 20 ? -14.506 5.051   -2.645  1.00 59.86  ? 20  G   A "C1'" 1 
ATOM   385 N N9    . G   A 1 20 ? -13.248 5.778   -2.806  1.00 59.52  ? 20  G   A N9    1 
ATOM   386 C C8    . G   A 1 20 ? -12.398 5.731   -3.879  1.00 58.79  ? 20  G   A C8    1 
ATOM   387 N N7    . G   A 1 20 ? -11.349 6.486   -3.719  1.00 58.91  ? 20  G   A N7    1 
ATOM   388 C C5    . G   A 1 20 ? -11.517 7.056   -2.476  1.00 59.73  ? 20  G   A C5    1 
ATOM   389 C C6    . G   A 1 20 ? -10.693 7.959   -1.781  1.00 60.39  ? 20  G   A C6    1 
ATOM   390 O O6    . G   A 1 20 ? -9.612  8.438   -2.144  1.00 60.31  ? 20  G   A O6    1 
ATOM   391 N N1    . G   A 1 20 ? -11.236 8.289   -0.545  1.00 61.50  ? 20  G   A N1    1 
ATOM   392 C C2    . G   A 1 20 ? -12.422 7.811   -0.045  1.00 61.99  ? 20  G   A C2    1 
ATOM   393 N N2    . G   A 1 20 ? -12.773 8.250   1.170   1.00 63.46  ? 20  G   A N2    1 
ATOM   394 N N3    . G   A 1 20 ? -13.197 6.958   -0.689  1.00 61.34  ? 20  G   A N3    1 
ATOM   395 C C4    . G   A 1 20 ? -12.683 6.629   -1.892  1.00 60.19  ? 20  G   A C4    1 
ATOM   396 P P     . U   A 1 21 ? -18.722 3.646   -2.447  1.00 70.57  ? 21  U   A P     1 
ATOM   397 O OP1   . U   A 1 21 ? -18.958 2.738   -3.594  1.00 60.60  ? 21  U   A OP1   1 
ATOM   398 O OP2   . U   A 1 21 ? -19.526 4.886   -2.279  1.00 66.73  ? 21  U   A OP2   1 
ATOM   399 O "O5'" . U   A 1 21 ? -18.871 2.810   -1.109  1.00 63.31  ? 21  U   A "O5'" 1 
ATOM   400 C "C5'" . U   A 1 21 ? -18.140 1.611   -0.884  1.00 64.20  ? 21  U   A "C5'" 1 
ATOM   401 C "C4'" . U   A 1 21 ? -18.211 1.225   0.569   1.00 66.47  ? 21  U   A "C4'" 1 
ATOM   402 O "O4'" . U   A 1 21 ? -17.251 2.021   1.310   1.00 72.20  ? 21  U   A "O4'" 1 
ATOM   403 C "C3'" . U   A 1 21 ? -19.563 1.482   1.221   1.00 68.75  ? 21  U   A "C3'" 1 
ATOM   404 O "O3'" . U   A 1 21 ? -19.798 0.512   2.231   1.00 71.25  ? 21  U   A "O3'" 1 
ATOM   405 C "C2'" . U   A 1 21 ? -19.379 2.854   1.854   1.00 71.87  ? 21  U   A "C2'" 1 
ATOM   406 O "O2'" . U   A 1 21 ? -20.248 3.122   2.932   1.00 78.02  ? 21  U   A "O2'" 1 
ATOM   407 C "C1'" . U   A 1 21 ? -17.918 2.798   2.288   1.00 73.06  ? 21  U   A "C1'" 1 
ATOM   408 N N1    . U   A 1 21 ? -17.260 4.110   2.331   1.00 74.00  ? 21  U   A N1    1 
ATOM   409 C C2    . U   A 1 21 ? -16.957 4.650   3.562   1.00 77.86  ? 21  U   A C2    1 
ATOM   410 O O2    . U   A 1 21 ? -17.222 4.092   4.607   1.00 85.22  ? 21  U   A O2    1 
ATOM   411 N N3    . U   A 1 21 ? -16.336 5.870   3.531   1.00 76.60  ? 21  U   A N3    1 
ATOM   412 C C4    . U   A 1 21 ? -15.994 6.589   2.408   1.00 75.88  ? 21  U   A C4    1 
ATOM   413 O O4    . U   A 1 21 ? -15.441 7.683   2.536   1.00 75.42  ? 21  U   A O4    1 
ATOM   414 C C5    . U   A 1 21 ? -16.338 5.958   1.172   1.00 74.03  ? 21  U   A C5    1 
ATOM   415 C C6    . U   A 1 21 ? -16.940 4.768   1.170   1.00 73.16  ? 21  U   A C6    1 
ATOM   416 P P     . U   A 1 22 ? -20.944 -0.575  1.991   1.00 81.29  ? 22  U   A P     1 
ATOM   417 O OP1   . U   A 1 22 ? -22.102 0.184   1.478   1.00 79.88  ? 22  U   A OP1   1 
ATOM   418 O OP2   . U   A 1 22 ? -21.086 -1.420  3.202   1.00 91.60  ? 22  U   A OP2   1 
ATOM   419 O "O5'" . U   A 1 22 ? -20.397 -1.471  0.793   1.00 80.45  ? 22  U   A "O5'" 1 
ATOM   420 C "C5'" . U   A 1 22 ? -19.737 -2.711  1.039   1.00 72.10  ? 22  U   A "C5'" 1 
ATOM   421 C "C4'" . U   A 1 22 ? -19.317 -3.383  -0.248  1.00 73.38  ? 22  U   A "C4'" 1 
ATOM   422 O "O4'" . U   A 1 22 ? -20.493 -3.845  -0.956  1.00 75.32  ? 22  U   A "O4'" 1 
ATOM   423 C "C3'" . U   A 1 22 ? -18.543 -2.510  -1.225  1.00 75.49  ? 22  U   A "C3'" 1 
ATOM   424 O "O3'" . U   A 1 22 ? -17.573 -3.307  -1.891  1.00 83.18  ? 22  U   A "O3'" 1 
ATOM   425 C "C2'" . U   A 1 22 ? -19.606 -2.050  -2.221  1.00 66.75  ? 22  U   A "C2'" 1 
ATOM   426 O "O2'" . U   A 1 22 ? -19.089 -1.817  -3.513  1.00 66.98  ? 22  U   A "O2'" 1 
ATOM   427 C "C1'" . U   A 1 22 ? -20.588 -3.223  -2.226  1.00 68.66  ? 22  U   A "C1'" 1 
ATOM   428 N N1    . U   A 1 22 ? -21.999 -2.846  -2.361  1.00 68.54  ? 22  U   A N1    1 
ATOM   429 C C2    . U   A 1 22 ? -22.730 -3.344  -3.421  1.00 68.24  ? 22  U   A C2    1 
ATOM   430 O O2    . U   A 1 22 ? -22.241 -4.043  -4.284  1.00 68.12  ? 22  U   A O2    1 
ATOM   431 N N3    . U   A 1 22 ? -24.058 -2.997  -3.439  1.00 68.29  ? 22  U   A N3    1 
ATOM   432 C C4    . U   A 1 22 ? -24.718 -2.227  -2.505  1.00 68.78  ? 22  U   A C4    1 
ATOM   433 O O4    . U   A 1 22 ? -25.918 -1.999  -2.649  1.00 68.91  ? 22  U   A O4    1 
ATOM   434 C C5    . U   A 1 22 ? -23.899 -1.758  -1.432  1.00 69.27  ? 22  U   A C5    1 
ATOM   435 C C6    . U   A 1 22 ? -22.601 -2.081  -1.392  1.00 69.09  ? 22  U   A C6    1 
ATOM   436 P P     . A   A 1 23 ? -16.102 -3.436  -1.262  1.00 81.56  ? 23  A   A P     1 
ATOM   437 O OP1   . A   A 1 23 ? -15.349 -4.466  -2.022  1.00 83.84  ? 23  A   A OP1   1 
ATOM   438 O OP2   . A   A 1 23 ? -16.226 -3.549  0.214   1.00 72.88  ? 23  A   A OP2   1 
ATOM   439 O "O5'" . A   A 1 23 ? -15.452 -2.015  -1.563  1.00 74.99  ? 23  A   A "O5'" 1 
ATOM   440 C "C5'" . A   A 1 23 ? -15.084 -1.640  -2.880  1.00 68.73  ? 23  A   A "C5'" 1 
ATOM   441 C "C4'" . A   A 1 23 ? -14.140 -0.471  -2.846  1.00 66.31  ? 23  A   A "C4'" 1 
ATOM   442 O "O4'" . A   A 1 23 ? -14.677 0.543   -1.969  1.00 68.34  ? 23  A   A "O4'" 1 
ATOM   443 C "C3'" . A   A 1 23 ? -12.763 -0.779  -2.291  1.00 63.84  ? 23  A   A "C3'" 1 
ATOM   444 O "O3'" . A   A 1 23 ? -11.903 -1.191  -3.328  1.00 63.43  ? 23  A   A "O3'" 1 
ATOM   445 C "C2'" . A   A 1 23 ? -12.319 0.527   -1.644  1.00 63.15  ? 23  A   A "C2'" 1 
ATOM   446 O "O2'" . A   A 1 23 ? -11.649 1.352   -2.585  1.00 61.70  ? 23  A   A "O2'" 1 
ATOM   447 C "C1'" . A   A 1 23 ? -13.652 1.176   -1.253  1.00 64.66  ? 23  A   A "C1'" 1 
ATOM   448 N N9    . A   A 1 23 ? -13.968 1.055   0.178   1.00 69.62  ? 23  A   A N9    1 
ATOM   449 C C8    . A   A 1 23 ? -14.410 -0.052  0.858   1.00 66.75  ? 23  A   A C8    1 
ATOM   450 N N7    . A   A 1 23 ? -14.625 0.167   2.134   1.00 68.33  ? 23  A   A N7    1 
ATOM   451 C C5    . A   A 1 23 ? -14.314 1.509   2.301   1.00 71.60  ? 23  A   A C5    1 
ATOM   452 C C6    . A   A 1 23 ? -14.334 2.362   3.419   1.00 73.50  ? 23  A   A C6    1 
ATOM   453 N N6    . A   A 1 23 ? -14.687 1.979   4.638   1.00 70.79  ? 23  A   A N6    1 
ATOM   454 N N1    . A   A 1 23 ? -13.969 3.649   3.237   1.00 80.47  ? 23  A   A N1    1 
ATOM   455 C C2    . A   A 1 23 ? -13.611 4.044   2.010   1.00 70.82  ? 23  A   A C2    1 
ATOM   456 N N3    . A   A 1 23 ? -13.547 3.342   0.887   1.00 64.13  ? 23  A   A N3    1 
ATOM   457 C C4    . A   A 1 23 ? -13.915 2.070   1.100   1.00 70.28  ? 23  A   A C4    1 
ATOM   458 P P     . A   A 1 24 ? -10.797 -2.313  -3.080  1.00 74.80  ? 24  A   A P     1 
ATOM   459 O OP1   . A   A 1 24 ? -11.242 -3.119  -1.918  1.00 82.33  ? 24  A   A OP1   1 
ATOM   460 O OP2   . A   A 1 24 ? -9.469  -1.656  -3.018  1.00 71.76  ? 24  A   A OP2   1 
ATOM   461 O "O5'" . A   A 1 24 ? -10.881 -3.188  -4.405  1.00 65.15  ? 24  A   A "O5'" 1 
ATOM   462 C "C5'" . A   A 1 24 ? -12.053 -3.917  -4.703  1.00 65.92  ? 24  A   A "C5'" 1 
ATOM   463 C "C4'" . A   A 1 24 ? -12.082 -4.393  -6.133  1.00 74.86  ? 24  A   A "C4'" 1 
ATOM   464 O "O4'" . A   A 1 24 ? -12.239 -3.276  -7.040  1.00 64.01  ? 24  A   A "O4'" 1 
ATOM   465 C "C3'" . A   A 1 24 ? -10.852 -5.097  -6.662  1.00 72.31  ? 24  A   A "C3'" 1 
ATOM   466 O "O3'" . A   A 1 24 ? -10.717 -6.420  -6.187  1.00 73.55  ? 24  A   A "O3'" 1 
ATOM   467 C "C2'" . A   A 1 24 ? -11.058 -4.991  -8.170  1.00 77.21  ? 24  A   A "C2'" 1 
ATOM   468 O "O2'" . A   A 1 24 ? -12.061 -5.894  -8.607  1.00 86.57  ? 24  A   A "O2'" 1 
ATOM   469 C "C1'" . A   A 1 24 ? -11.639 -3.585  -8.284  1.00 72.30  ? 24  A   A "C1'" 1 
ATOM   470 N N9    . A   A 1 24 ? -10.596 -2.587  -8.588  1.00 69.99  ? 24  A   A N9    1 
ATOM   471 C C8    . A   A 1 24 ? -9.943  -1.777  -7.695  1.00 71.10  ? 24  A   A C8    1 
ATOM   472 N N7    . A   A 1 24 ? -9.055  -0.997  -8.249  1.00 70.33  ? 24  A   A N7    1 
ATOM   473 C C5    . A   A 1 24 ? -9.115  -1.318  -9.602  1.00 71.13  ? 24  A   A C5    1 
ATOM   474 C C6    . A   A 1 24 ? -8.411  -0.826  -10.722 1.00 68.03  ? 24  A   A C6    1 
ATOM   475 N N6    . A   A 1 24 ? -7.480  0.121   -10.632 1.00 61.90  ? 24  A   A N6    1 
ATOM   476 N N1    . A   A 1 24 ? -8.699  -1.342  -11.938 1.00 63.10  ? 24  A   A N1    1 
ATOM   477 C C2    . A   A 1 24 ? -9.643  -2.293  -12.002 1.00 65.18  ? 24  A   A C2    1 
ATOM   478 N N3    . A   A 1 24 ? -10.372 -2.833  -11.024 1.00 67.10  ? 24  A   A N3    1 
ATOM   479 C C4    . A   A 1 24 ? -10.060 -2.299  -9.828  1.00 69.91  ? 24  A   A C4    1 
ATOM   480 P P     . C   A 1 25 ? -9.256  -7.028  -5.879  1.00 78.91  ? 25  C   A P     1 
ATOM   481 O OP1   . C   A 1 25 ? -9.468  -8.293  -5.129  1.00 80.19  ? 25  C   A OP1   1 
ATOM   482 O OP2   . C   A 1 25 ? -8.385  -5.985  -5.283  1.00 75.93  ? 25  C   A OP2   1 
ATOM   483 O "O5'" . C   A 1 25 ? -8.684  -7.374  -7.322  1.00 77.03  ? 25  C   A "O5'" 1 
ATOM   484 C "C5'" . C   A 1 25 ? -9.472  -8.092  -8.259  1.00 76.53  ? 25  C   A "C5'" 1 
ATOM   485 C "C4'" . C   A 1 25 ? -8.848  -8.074  -9.628  1.00 81.91  ? 25  C   A "C4'" 1 
ATOM   486 O "O4'" . C   A 1 25 ? -9.051  -6.777  -10.246 1.00 82.39  ? 25  C   A "O4'" 1 
ATOM   487 C "C3'" . C   A 1 25 ? -7.340  -8.259  -9.678  1.00 85.85  ? 25  C   A "C3'" 1 
ATOM   488 O "O3'" . C   A 1 25 ? -6.922  -9.601  -9.516  1.00 91.86  ? 25  C   A "O3'" 1 
ATOM   489 C "C2'" . C   A 1 25 ? -6.990  -7.660  -11.030 1.00 89.34  ? 25  C   A "C2'" 1 
ATOM   490 O "O2'" . C   A 1 25 ? -7.343  -8.552  -12.076 1.00 89.21  ? 25  C   A "O2'" 1 
ATOM   491 C "C1'" . C   A 1 25 ? -7.941  -6.461  -11.067 1.00 83.80  ? 25  C   A "C1'" 1 
ATOM   492 N N1    . C   A 1 25 ? -7.282  -5.233  -10.554 1.00 80.41  ? 25  C   A N1    1 
ATOM   493 C C2    . C   A 1 25 ? -6.584  -4.457  -11.478 1.00 80.36  ? 25  C   A C2    1 
ATOM   494 O O2    . C   A 1 25 ? -6.580  -4.822  -12.659 1.00 82.18  ? 25  C   A O2    1 
ATOM   495 N N3    . C   A 1 25 ? -5.946  -3.333  -11.075 1.00 78.42  ? 25  C   A N3    1 
ATOM   496 C C4    . C   A 1 25 ? -5.980  -2.984  -9.790  1.00 82.17  ? 25  C   A C4    1 
ATOM   497 N N4    . C   A 1 25 ? -5.336  -1.867  -9.443  1.00 84.97  ? 25  C   A N4    1 
ATOM   498 C C5    . C   A 1 25 ? -6.677  -3.758  -8.810  1.00 75.89  ? 25  C   A C5    1 
ATOM   499 C C6    . C   A 1 25 ? -7.307  -4.862  -9.232  1.00 76.97  ? 25  C   A C6    1 
ATOM   500 P P     . A   A 1 26 ? -5.602  -9.921  -8.661  1.00 100.68 ? 26  A   A P     1 
ATOM   501 O OP1   . A   A 1 26 ? -5.621  -11.358 -8.298  1.00 100.98 ? 26  A   A OP1   1 
ATOM   502 O OP2   . A   A 1 26 ? -5.478  -8.906  -7.582  1.00 104.08 ? 26  A   A OP2   1 
ATOM   503 O "O5'" . A   A 1 26 ? -4.425  -9.682  -9.705  1.00 101.38 ? 26  A   A "O5'" 1 
ATOM   504 C "C5'" . A   A 1 26 ? -3.289  -8.902  -9.370  1.00 96.83  ? 26  A   A "C5'" 1 
ATOM   505 C "C4'" . A   A 1 26 ? -3.027  -7.860  -10.425 1.00 96.76  ? 26  A   A "C4'" 1 
ATOM   506 O "O4'" . A   A 1 26 ? -3.929  -6.738  -10.233 1.00 92.59  ? 26  A   A "O4'" 1 
ATOM   507 C "C3'" . A   A 1 26 ? -1.639  -7.237  -10.417 1.00 97.65  ? 26  A   A "C3'" 1 
ATOM   508 O "O3'" . A   A 1 26 ? -0.700  -8.020  -11.128 1.00 100.52 ? 26  A   A "O3'" 1 
ATOM   509 C "C2'" . A   A 1 26 ? -1.880  -5.876  -11.052 1.00 89.83  ? 26  A   A "C2'" 1 
ATOM   510 O "O2'" . A   A 1 26 ? -1.980  -5.994  -12.464 1.00 83.77  ? 26  A   A "O2'" 1 
ATOM   511 C "C1'" . A   A 1 26 ? -3.260  -5.528  -10.499 1.00 85.85  ? 26  A   A "C1'" 1 
ATOM   512 N N9    . A   A 1 26 ? -3.185  -4.761  -9.239  1.00 79.53  ? 26  A   A N9    1 
ATOM   513 C C8    . A   A 1 26 ? -3.699  -5.099  -8.010  1.00 76.24  ? 26  A   A C8    1 
ATOM   514 N N7    . A   A 1 26 ? -3.478  -4.204  -7.079  1.00 72.14  ? 26  A   A N7    1 
ATOM   515 C C5    . A   A 1 26 ? -2.775  -3.204  -7.738  1.00 75.58  ? 26  A   A C5    1 
ATOM   516 C C6    . A   A 1 26 ? -2.244  -1.965  -7.317  1.00 79.00  ? 26  A   A C6    1 
ATOM   517 N N6    . A   A 1 26 ? -2.326  -1.477  -6.077  1.00 73.64  ? 26  A   A N6    1 
ATOM   518 N N1    . A   A 1 26 ? -1.598  -1.220  -8.238  1.00 82.17  ? 26  A   A N1    1 
ATOM   519 C C2    . A   A 1 26 ? -1.500  -1.679  -9.492  1.00 78.37  ? 26  A   A C2    1 
ATOM   520 N N3    . A   A 1 26 ? -1.958  -2.812  -10.013 1.00 77.65  ? 26  A   A N3    1 
ATOM   521 C C4    . A   A 1 26 ? -2.592  -3.535  -9.071  1.00 79.68  ? 26  A   A C4    1 
ATOM   522 P P     . A   A 1 27 ? 0.711   -8.404  -10.469 1.00 102.69 ? 27  A   A P     1 
ATOM   523 O OP1   . A   A 1 27 ? 1.280   -9.504  -11.282 1.00 116.21 ? 27  A   A OP1   1 
ATOM   524 O OP2   . A   A 1 27 ? 0.553   -8.565  -8.998  1.00 101.12 ? 27  A   A OP2   1 
ATOM   525 O "O5'" . A   A 1 27 ? 1.613   -7.117  -10.702 1.00 94.63  ? 27  A   A "O5'" 1 
ATOM   526 C "C5'" . A   A 1 27 ? 1.625   -6.427  -11.942 1.00 87.98  ? 27  A   A "C5'" 1 
ATOM   527 C "C4'" . A   A 1 27 ? 2.201   -5.055  -11.745 1.00 87.12  ? 27  A   A "C4'" 1 
ATOM   528 O "O4'" . A   A 1 27 ? 1.200   -4.200  -11.143 1.00 87.62  ? 27  A   A "O4'" 1 
ATOM   529 C "C3'" . A   A 1 27 ? 3.377   -5.001  -10.781 1.00 90.80  ? 27  A   A "C3'" 1 
ATOM   530 O "O3'" . A   A 1 27 ? 4.595   -5.273  -11.436 1.00 89.99  ? 27  A   A "O3'" 1 
ATOM   531 C "C2'" . A   A 1 27 ? 3.299   -3.593  -10.216 1.00 91.91  ? 27  A   A "C2'" 1 
ATOM   532 O "O2'" . A   A 1 27 ? 3.862   -2.661  -11.129 1.00 96.70  ? 27  A   A "O2'" 1 
ATOM   533 C "C1'" . A   A 1 27 ? 1.789   -3.367  -10.171 1.00 84.72  ? 27  A   A "C1'" 1 
ATOM   534 N N9    . A   A 1 27 ? 1.180   -3.696  -8.867  1.00 77.41  ? 27  A   A N9    1 
ATOM   535 C C8    . A   A 1 27 ? 0.398   -4.788  -8.570  1.00 78.04  ? 27  A   A C8    1 
ATOM   536 N N7    . A   A 1 27 ? -0.041  -4.805  -7.333  1.00 80.32  ? 27  A   A N7    1 
ATOM   537 C C5    . A   A 1 27 ? 0.478   -3.637  -6.778  1.00 80.61  ? 27  A   A C5    1 
ATOM   538 C C6    . A   A 1 27 ? 0.381   -3.054  -5.495  1.00 77.79  ? 27  A   A C6    1 
ATOM   539 N N6    . A   A 1 27 ? -0.301  -3.585  -4.494  1.00 78.86  ? 27  A   A N6    1 
ATOM   540 N N1    . A   A 1 27 ? 1.010   -1.888  -5.257  1.00 75.19  ? 27  A   A N1    1 
ATOM   541 C C2    . A   A 1 27 ? 1.686   -1.348  -6.274  1.00 76.68  ? 27  A   A C2    1 
ATOM   542 N N3    . A   A 1 27 ? 1.858   -1.784  -7.520  1.00 74.65  ? 27  A   A N3    1 
ATOM   543 C C4    . A   A 1 27 ? 1.221   -2.946  -7.717  1.00 75.44  ? 27  A   A C4    1 
ATOM   544 P P     . A   A 1 28 ? 5.759   -6.102  -10.711 1.00 92.76  ? 28  A   A P     1 
ATOM   545 O OP1   . A   A 1 28 ? 6.041   -7.218  -11.638 1.00 96.08  ? 28  A   A OP1   1 
ATOM   546 O OP2   . A   A 1 28 ? 5.447   -6.400  -9.287  1.00 89.95  ? 28  A   A OP2   1 
ATOM   547 O "O5'" . A   A 1 28 ? 6.967   -5.071  -10.739 1.00 89.93  ? 28  A   A "O5'" 1 
ATOM   548 C "C5'" . A   A 1 28 ? 6.822   -3.847  -11.452 1.00 91.28  ? 28  A   A "C5'" 1 
ATOM   549 C "C4'" . A   A 1 28 ? 7.625   -2.738  -10.828 1.00 90.98  ? 28  A   A "C4'" 1 
ATOM   550 O "O4'" . A   A 1 28 ? 6.770   -1.932  -9.973  1.00 89.93  ? 28  A   A "O4'" 1 
ATOM   551 C "C3'" . A   A 1 28 ? 8.787   -3.202  -9.951  1.00 92.22  ? 28  A   A "C3'" 1 
ATOM   552 O "O3'" . A   A 1 28 ? 9.866   -2.286  -10.070 1.00 100.30 ? 28  A   A "O3'" 1 
ATOM   553 C "C2'" . A   A 1 28 ? 8.217   -3.076  -8.552  1.00 84.28  ? 28  A   A "C2'" 1 
ATOM   554 O "O2'" . A   A 1 28 ? 9.188   -2.947  -7.536  1.00 81.00  ? 28  A   A "O2'" 1 
ATOM   555 C "C1'" . A   A 1 28 ? 7.372   -1.820  -8.704  1.00 85.30  ? 28  A   A "C1'" 1 
ATOM   556 N N9    . A   A 1 28 ? 6.348   -1.672  -7.677  1.00 85.58  ? 28  A   A N9    1 
ATOM   557 C C8    . A   A 1 28 ? 5.594   -2.644  -7.078  1.00 80.19  ? 28  A   A C8    1 
ATOM   558 N N7    . A   A 1 28 ? 4.800   -2.170  -6.158  1.00 81.08  ? 28  A   A N7    1 
ATOM   559 C C5    . A   A 1 28 ? 5.050   -0.801  -6.149  1.00 82.59  ? 28  A   A C5    1 
ATOM   560 C C6    . A   A 1 28 ? 4.528   0.276   -5.406  1.00 85.91  ? 28  A   A C6    1 
ATOM   561 N N6    . A   A 1 28 ? 3.588   0.151   -4.466  1.00 90.38  ? 28  A   A N6    1 
ATOM   562 N N1    . A   A 1 28 ? 5.009   1.515   -5.664  1.00 81.49  ? 28  A   A N1    1 
ATOM   563 C C2    . A   A 1 28 ? 5.945   1.661   -6.606  1.00 79.21  ? 28  A   A C2    1 
ATOM   564 N N3    . A   A 1 28 ? 6.516   0.729   -7.363  1.00 83.91  ? 28  A   A N3    1 
ATOM   565 C C4    . A   A 1 28 ? 6.012   -0.487  -7.085  1.00 84.92  ? 28  A   A C4    1 
ATOM   566 P P     . A   A 1 29 ? 11.350  -2.758  -9.681  1.00 100.95 ? 29  A   A P     1 
ATOM   567 O OP1   . A   A 1 29 ? 11.939  -3.323  -10.919 1.00 104.29 ? 29  A   A OP1   1 
ATOM   568 O OP2   . A   A 1 29 ? 11.303  -3.574  -8.435  1.00 91.26  ? 29  A   A OP2   1 
ATOM   569 O "O5'" . A   A 1 29 ? 12.097  -1.401  -9.320  1.00 95.47  ? 29  A   A "O5'" 1 
ATOM   570 C "C5'" . A   A 1 29 ? 12.232  -0.990  -7.971  1.00 90.81  ? 29  A   A "C5'" 1 
ATOM   571 C "C4'" . A   A 1 29 ? 11.802  0.442   -7.788  1.00 83.75  ? 29  A   A "C4'" 1 
ATOM   572 O "O4'" . A   A 1 29 ? 10.358  0.540   -7.859  1.00 86.19  ? 29  A   A "O4'" 1 
ATOM   573 C "C3'" . A   A 1 29 ? 12.150  1.043   -6.441  1.00 80.12  ? 29  A   A "C3'" 1 
ATOM   574 O "O3'" . A   A 1 29 ? 13.471  1.514   -6.399  1.00 77.74  ? 29  A   A "O3'" 1 
ATOM   575 C "C2'" . A   A 1 29 ? 11.115  2.134   -6.279  1.00 81.97  ? 29  A   A "C2'" 1 
ATOM   576 O "O2'" . A   A 1 29 ? 11.469  3.271   -7.051  1.00 79.86  ? 29  A   A "O2'" 1 
ATOM   577 C "C1'" . A   A 1 29 ? 9.893   1.464   -6.900  1.00 89.55  ? 29  A   A "C1'" 1 
ATOM   578 N N9    . A   A 1 29 ? 9.129   0.710   -5.890  1.00 91.25  ? 29  A   A N9    1 
ATOM   579 C C8    . A   A 1 29 ? 8.912   -0.639  -5.878  1.00 91.88  ? 29  A   A C8    1 
ATOM   580 N N7    . A   A 1 29 ? 8.190   -1.056  -4.873  1.00 92.64  ? 29  A   A N7    1 
ATOM   581 C C5    . A   A 1 29 ? 7.923   0.101   -4.165  1.00 89.75  ? 29  A   A C5    1 
ATOM   582 C C6    . A   A 1 29 ? 7.201   0.333   -2.986  1.00 85.59  ? 29  A   A C6    1 
ATOM   583 N N6    . A   A 1 29 ? 6.604   -0.635  -2.296  1.00 82.49  ? 29  A   A N6    1 
ATOM   584 N N1    . A   A 1 29 ? 7.120   1.605   -2.537  1.00 91.01  ? 29  A   A N1    1 
ATOM   585 C C2    . A   A 1 29 ? 7.724   2.577   -3.237  1.00 90.31  ? 29  A   A C2    1 
ATOM   586 N N3    . A   A 1 29 ? 8.429   2.482   -4.362  1.00 91.75  ? 29  A   A N3    1 
ATOM   587 C C4    . A   A 1 29 ? 8.498   1.202   -4.775  1.00 89.87  ? 29  A   A C4    1 
ATOM   588 P P     . C   A 1 30 ? 14.476  0.898   -5.323  1.00 85.42  ? 30  C   A P     1 
ATOM   589 O OP1   . C   A 1 30 ? 15.863  1.111   -5.803  1.00 91.93  ? 30  C   A OP1   1 
ATOM   590 O OP2   . C   A 1 30 ? 13.994  -0.476  -5.026  1.00 89.87  ? 30  C   A OP2   1 
ATOM   591 O "O5'" . C   A 1 30 ? 14.259  1.844   -4.065  1.00 87.07  ? 30  C   A "O5'" 1 
ATOM   592 C "C5'" . C   A 1 30 ? 14.108  3.244   -4.251  1.00 83.74  ? 30  C   A "C5'" 1 
ATOM   593 C "C4'" . C   A 1 30 ? 13.240  3.846   -3.182  1.00 82.33  ? 30  C   A "C4'" 1 
ATOM   594 O "O4'" . C   A 1 30 ? 11.890  3.337   -3.317  1.00 80.84  ? 30  C   A "O4'" 1 
ATOM   595 C "C3'" . C   A 1 30 ? 13.626  3.490   -1.757  1.00 81.23  ? 30  C   A "C3'" 1 
ATOM   596 O "O3'" . C   A 1 30 ? 14.682  4.284   -1.248  1.00 73.02  ? 30  C   A "O3'" 1 
ATOM   597 C "C2'" . C   A 1 30 ? 12.317  3.661   -1.003  1.00 74.63  ? 30  C   A "C2'" 1 
ATOM   598 O "O2'" . C   A 1 30 ? 12.071  5.036   -0.743  1.00 70.62  ? 30  C   A "O2'" 1 
ATOM   599 C "C1'" . C   A 1 30 ? 11.305  3.184   -2.042  1.00 78.77  ? 30  C   A "C1'" 1 
ATOM   600 N N1    . C   A 1 30 ? 10.891  1.770   -1.871  1.00 78.28  ? 30  C   A N1    1 
ATOM   601 C C2    . C   A 1 30 ? 10.004  1.452   -0.828  1.00 75.29  ? 30  C   A C2    1 
ATOM   602 O O2    . C   A 1 30 ? 9.627   2.356   -0.058  1.00 70.66  ? 30  C   A O2    1 
ATOM   603 N N3    . C   A 1 30 ? 9.591   0.166   -0.676  1.00 72.66  ? 30  C   A N3    1 
ATOM   604 C C4    . C   A 1 30 ? 10.010  -0.776  -1.523  1.00 72.24  ? 30  C   A C4    1 
ATOM   605 N N4    . C   A 1 30 ? 9.565   -2.021  -1.332  1.00 72.16  ? 30  C   A N4    1 
ATOM   606 C C5    . C   A 1 30 ? 10.898  -0.475  -2.604  1.00 72.82  ? 30  C   A C5    1 
ATOM   607 C C6    . C   A 1 30 ? 11.304  0.799   -2.746  1.00 75.12  ? 30  C   A C6    1 
ATOM   608 P P     . A   A 1 31 ? 15.722  3.645   -0.207  1.00 88.12  ? 31  A   A P     1 
ATOM   609 O OP1   . A   A 1 31 ? 16.949  4.481   -0.211  1.00 89.54  ? 31  A   A OP1   1 
ATOM   610 O OP2   . A   A 1 31 ? 15.749  2.172   -0.447  1.00 74.21  ? 31  A   A OP2   1 
ATOM   611 O "O5'" . A   A 1 31 ? 15.036  3.820   1.211   1.00 78.45  ? 31  A   A "O5'" 1 
ATOM   612 C "C5'" . A   A 1 31 ? 14.826  5.098   1.785   1.00 74.39  ? 31  A   A "C5'" 1 
ATOM   613 C "C4'" . A   A 1 31 ? 14.120  4.953   3.107   1.00 73.16  ? 31  A   A "C4'" 1 
ATOM   614 O "O4'" . A   A 1 31 ? 12.852  4.283   2.900   1.00 71.43  ? 31  A   A "O4'" 1 
ATOM   615 C "C3'" . A   A 1 31 ? 14.836  4.075   4.110   1.00 77.53  ? 31  A   A "C3'" 1 
ATOM   616 O "O3'" . A   A 1 31 ? 15.845  4.772   4.810   1.00 73.95  ? 31  A   A "O3'" 1 
ATOM   617 C "C2'" . A   A 1 31 ? 13.700  3.551   4.991   1.00 82.66  ? 31  A   A "C2'" 1 
ATOM   618 O "O2'" . A   A 1 31 ? 13.306  4.532   5.944   1.00 72.88  ? 31  A   A "O2'" 1 
ATOM   619 C "C1'" . A   A 1 31 ? 12.572  3.415   3.980   1.00 71.72  ? 31  A   A "C1'" 1 
ATOM   620 N N9    . A   A 1 31 ? 12.324  2.054   3.442   1.00 71.81  ? 31  A   A N9    1 
ATOM   621 C C8    . A   A 1 31 ? 12.764  1.543   2.243   1.00 72.01  ? 31  A   A C8    1 
ATOM   622 N N7    . A   A 1 31 ? 12.316  0.341   1.977   1.00 72.31  ? 31  A   A N7    1 
ATOM   623 C C5    . A   A 1 31 ? 11.498  0.036   3.056   1.00 72.28  ? 31  A   A C5    1 
ATOM   624 C C6    . A   A 1 31 ? 10.724  -1.100  3.361   1.00 72.82  ? 31  A   A C6    1 
ATOM   625 N N6    . A   A 1 31 ? 10.645  -2.174  2.580   1.00 73.45  ? 31  A   A N6    1 
ATOM   626 N N1    . A   A 1 31 ? 10.023  -1.093  4.508   1.00 73.03  ? 31  A   A N1    1 
ATOM   627 C C2    . A   A 1 31 ? 10.100  -0.013  5.293   1.00 72.70  ? 31  A   A C2    1 
ATOM   628 N N3    . A   A 1 31 ? 10.782  1.117   5.119   1.00 72.20  ? 31  A   A N3    1 
ATOM   629 C C4    . A   A 1 31 ? 11.479  1.084   3.965   1.00 71.98  ? 31  A   A C4    1 
ATOM   630 P P     . A   A 1 32 ? 16.949  3.931   5.585   1.00 75.02  ? 32  A   A P     1 
ATOM   631 O OP1   . A   A 1 32 ? 18.309  4.341   5.137   1.00 98.71  ? 32  A   A OP1   1 
ATOM   632 O OP2   . A   A 1 32 ? 16.484  2.523   5.436   1.00 74.95  ? 32  A   A OP2   1 
ATOM   633 O "O5'" . A   A 1 32 ? 16.789  4.375   7.105   1.00 86.00  ? 32  A   A "O5'" 1 
ATOM   634 C "C5'" . A   A 1 32 ? 16.554  5.728   7.468   1.00 75.63  ? 32  A   A "C5'" 1 
ATOM   635 C "C4'" . A   A 1 32 ? 15.888  5.801   8.823   1.00 81.56  ? 32  A   A "C4'" 1 
ATOM   636 O "O4'" . A   A 1 32 ? 14.540  5.266   8.734   1.00 75.38  ? 32  A   A "O4'" 1 
ATOM   637 C "C3'" . A   A 1 32 ? 16.533  4.967   9.918   1.00 85.45  ? 32  A   A "C3'" 1 
ATOM   638 O "O3'" . A   A 1 32 ? 17.648  5.588   10.513  1.00 78.38  ? 32  A   A "O3'" 1 
ATOM   639 C "C2'" . A   A 1 32 ? 15.382  4.723   10.883  1.00 82.25  ? 32  A   A "C2'" 1 
ATOM   640 O "O2'" . A   A 1 32 ? 15.123  5.877   11.668  1.00 78.44  ? 32  A   A "O2'" 1 
ATOM   641 C "C1'" . A   A 1 32 ? 14.228  4.551   9.913   1.00 76.28  ? 32  A   A "C1'" 1 
ATOM   642 N N9    . A   A 1 32 ? 13.971  3.142   9.558   1.00 76.08  ? 32  A   A N9    1 
ATOM   643 C C8    . A   A 1 32 ? 14.178  2.534   8.346   1.00 75.39  ? 32  A   A C8    1 
ATOM   644 N N7    . A   A 1 32 ? 13.813  1.273   8.311   1.00 75.65  ? 32  A   A N7    1 
ATOM   645 C C5    . A   A 1 32 ? 13.320  1.030   9.588   1.00 76.71  ? 32  A   A C5    1 
ATOM   646 C C6    . A   A 1 32 ? 12.776  -0.123  10.195  1.00 77.86  ? 32  A   A C6    1 
ATOM   647 N N6    . A   A 1 32 ? 12.616  -1.311  9.592   1.00 78.10  ? 32  A   A N6    1 
ATOM   648 N N1    . A   A 1 32 ? 12.387  -0.006  11.479  1.00 79.14  ? 32  A   A N1    1 
ATOM   649 C C2    . A   A 1 32 ? 12.541  1.170   12.102  1.00 79.23  ? 32  A   A C2    1 
ATOM   650 N N3    . A   A 1 32 ? 13.039  2.317   11.644  1.00 78.25  ? 32  A   A N3    1 
ATOM   651 C C4    . A   A 1 32 ? 13.414  2.178   10.364  1.00 76.98  ? 32  A   A C4    1 
ATOM   652 P P     . G   A 1 33 ? 18.988  4.746   10.694  1.00 93.85  ? 33  G   A P     1 
ATOM   653 O OP1   . G   A 1 33 ? 19.778  5.428   11.752  1.00 80.54  ? 33  G   A OP1   1 
ATOM   654 O OP2   . G   A 1 33 ? 19.570  4.537   9.339   1.00 87.08  ? 33  G   A OP2   1 
ATOM   655 O "O5'" . G   A 1 33 ? 18.473  3.340   11.246  1.00 88.28  ? 33  G   A "O5'" 1 
ATOM   656 C "C5'" . G   A 1 33 ? 18.093  3.195   12.605  1.00 80.73  ? 33  G   A "C5'" 1 
ATOM   657 C "C4'" . G   A 1 33 ? 17.325  1.921   12.833  1.00 81.13  ? 33  G   A "C4'" 1 
ATOM   658 O "O4'" . G   A 1 33 ? 16.457  1.658   11.708  1.00 79.64  ? 33  G   A "O4'" 1 
ATOM   659 C "C3'" . G   A 1 33 ? 18.152  0.655   12.957  1.00 83.80  ? 33  G   A "C3'" 1 
ATOM   660 O "O3'" . G   A 1 33 ? 18.729  0.505   14.241  1.00 87.60  ? 33  G   A "O3'" 1 
ATOM   661 C "C2'" . G   A 1 33 ? 17.153  -0.446  12.592  1.00 82.02  ? 33  G   A "C2'" 1 
ATOM   662 O "O2'" . G   A 1 33 ? 16.376  -0.842  13.712  1.00 83.42  ? 33  G   A "O2'" 1 
ATOM   663 C "C1'" . G   A 1 33 ? 16.250  0.266   11.580  1.00 80.15  ? 33  G   A "C1'" 1 
ATOM   664 N N9    . G   A 1 33 ? 16.540  -0.121  10.195  1.00 79.17  ? 33  G   A N9    1 
ATOM   665 C C8    . G   A 1 33 ? 17.208  0.646   9.279   1.00 78.27  ? 33  G   A C8    1 
ATOM   666 N N7    . G   A 1 33 ? 17.326  0.052   8.127   1.00 77.89  ? 33  G   A N7    1 
ATOM   667 C C5    . G   A 1 33 ? 16.685  -1.168  8.299   1.00 78.52  ? 33  G   A C5    1 
ATOM   668 C C6    . G   A 1 33 ? 16.494  -2.229  7.383   1.00 78.75  ? 33  G   A C6    1 
ATOM   669 O O6    . G   A 1 33 ? 16.860  -2.287  6.203   1.00 78.41  ? 33  G   A O6    1 
ATOM   670 N N1    . G   A 1 33 ? 15.800  -3.286  7.952   1.00 79.81  ? 33  G   A N1    1 
ATOM   671 C C2    . G   A 1 33 ? 15.352  -3.312  9.247   1.00 80.63  ? 33  G   A C2    1 
ATOM   672 N N2    . G   A 1 33 ? 14.713  -4.432  9.614   1.00 82.01  ? 33  G   A N2    1 
ATOM   673 N N3    . G   A 1 33 ? 15.519  -2.326  10.117  1.00 80.47  ? 33  G   A N3    1 
ATOM   674 C C4    . G   A 1 33 ? 16.189  -1.292  9.574   1.00 79.35  ? 33  G   A C4    1 
HETATM 675 C C10   . HMV B 2 .  ? 3.046   0.218   2.498   1.00 27.29  ? 101 HMV A C10   1 
HETATM 676 C C13   . HMV B 2 .  ? 3.857   -0.565  -0.084  1.00 24.71  ? 101 HMV A C13   1 
HETATM 677 C C15   . HMV B 2 .  ? 1.294   -1.273  3.877   1.00 66.57  ? 101 HMV A C15   1 
HETATM 678 C C01   . HMV B 2 .  ? 6.254   4.588   1.982   1.00 43.58  ? 101 HMV A C01   1 
HETATM 679 C C02   . HMV B 2 .  ? 5.474   4.300   3.114   1.00 49.93  ? 101 HMV A C02   1 
HETATM 680 C C03   . HMV B 2 .  ? 4.682   3.143   3.159   1.00 43.41  ? 101 HMV A C03   1 
HETATM 681 C C04   . HMV B 2 .  ? 4.657   2.258   2.054   1.00 25.04  ? 101 HMV A C04   1 
HETATM 682 C C05   . HMV B 2 .  ? 5.419   2.540   0.946   1.00 30.92  ? 101 HMV A C05   1 
HETATM 683 C C06   . HMV B 2 .  ? 6.231   3.709   0.901   1.00 33.71  ? 101 HMV A C06   1 
HETATM 684 C C07   . HMV B 2 .  ? 3.960   1.006   1.766   1.00 27.44  ? 101 HMV A C07   1 
HETATM 685 C C08   . HMV B 2 .  ? 4.352   0.615   0.509   1.00 28.38  ? 101 HMV A C08   1 
HETATM 686 C C11   . HMV B 2 .  ? 2.558   -0.959  1.917   1.00 34.05  ? 101 HMV A C11   1 
HETATM 687 C C12   . HMV B 2 .  ? 2.957   -1.344  0.643   1.00 27.57  ? 101 HMV A C12   1 
HETATM 688 C C16   . HMV B 2 .  ? 0.763   -2.435  4.714   1.00 80.88  ? 101 HMV A C16   1 
HETATM 689 C C18   . HMV B 2 .  ? -0.174  -4.243  3.471   1.00 89.86  ? 101 HMV A C18   1 
HETATM 690 C C19   . HMV B 2 .  ? -1.475  -3.095  5.128   1.00 87.94  ? 101 HMV A C19   1 
HETATM 691 N N09   . HMV B 2 .  ? 5.224   1.547   0.033   1.00 46.42  ? 101 HMV A N09   1 
HETATM 692 N N17   . HMV B 2 .  ? -0.446  -2.963  4.110   1.00 89.54  ? 101 HMV A N17   1 
HETATM 693 O O14   . HMV B 2 .  ? 1.657   -1.774  2.616   1.00 53.95  ? 101 HMV A O14   1 
HETATM 694 O O     . HOH C 3 .  ? 18.776  1.458   6.743   1.00 46.79  ? 201 HOH A O     1 
HETATM 695 O O     . HOH C 3 .  ? 5.058   -9.558  0.064   1.00 56.53  ? 202 HOH A O     1 
# 
loop_
_atom_site_anisotrop.id 
_atom_site_anisotrop.type_symbol 
_atom_site_anisotrop.pdbx_label_atom_id 
_atom_site_anisotrop.pdbx_label_alt_id 
_atom_site_anisotrop.pdbx_label_comp_id 
_atom_site_anisotrop.pdbx_label_asym_id 
_atom_site_anisotrop.pdbx_label_seq_id 
_atom_site_anisotrop.pdbx_PDB_ins_code 
_atom_site_anisotrop.U[1][1] 
_atom_site_anisotrop.U[2][2] 
_atom_site_anisotrop.U[3][3] 
_atom_site_anisotrop.U[1][2] 
_atom_site_anisotrop.U[1][3] 
_atom_site_anisotrop.U[2][3] 
_atom_site_anisotrop.pdbx_auth_seq_id 
_atom_site_anisotrop.pdbx_auth_comp_id 
_atom_site_anisotrop.pdbx_auth_asym_id 
_atom_site_anisotrop.pdbx_auth_atom_id 
1   O "O5'" . C A 1  ? 0.6011 1.3832 1.3530 0.2776  -0.2775 0.2178 1  C A "O5'" 
2   C "C5'" . C A 1  ? 0.6525 1.4449 1.3977 0.2711  -0.2605 0.2331 1  C A "C5'" 
3   C "C4'" . C A 1  ? 0.6326 1.4344 1.3737 0.2715  -0.2560 0.2301 1  C A "C4'" 
4   O "O4'" . C A 1  ? 0.6419 1.4271 1.3812 0.2709  -0.2584 0.2282 1  C A "O4'" 
5   C "C3'" . C A 1  ? 0.5803 1.3892 1.3123 0.2635  -0.2363 0.2500 1  C A "C3'" 
6   O "O3'" . C A 1  ? 0.5811 1.4133 1.3129 0.2647  -0.2332 0.2505 1  C A "O3'" 
7   C "C2'" . C A 1  ? 0.5766 1.3829 1.3042 0.2629  -0.2335 0.2483 1  C A "C2'" 
8   O "O2'" . C A 1  ? 0.6253 1.4512 1.3554 0.2692  -0.2409 0.2331 1  C A "O2'" 
9   C "C1'" . C A 1  ? 0.6687 1.4546 1.4001 0.2653  -0.2445 0.2398 1  C A "C1'" 
10  N N1    . C A 1  ? 0.6853 1.4511 1.4123 0.2568  -0.2336 0.2582 1  C A N1    
11  C C2    . C A 1  ? 0.6934 1.4548 1.4143 0.2516  -0.2222 0.2682 1  C A C2    
12  O O2    . C A 1  ? 0.7327 1.5065 1.4510 0.2540  -0.2211 0.2624 1  C A O2    
13  N N3    . C A 1  ? 0.5649 1.3097 1.2838 0.2442  -0.2129 0.2839 1  C A N3    
14  C C4    . C A 1  ? 0.5674 1.3006 1.2898 0.2412  -0.2141 0.2908 1  C A C4    
15  N N4    . C A 1  ? 0.5638 1.2830 1.2852 0.2339  -0.2049 0.3059 1  C A N4    
16  C C5    . C A 1  ? 0.5743 1.3108 1.3021 0.2457  -0.2252 0.2821 1  C A C5    
17  C C6    . C A 1  ? 0.5779 1.3308 1.3080 0.2537  -0.2348 0.2655 1  C A C6    
18  P P     . U A 2  ? 0.6355 1.4757 1.3601 0.2564  -0.2145 0.2737 2  U A P     
19  O OP1   . U A 2  ? 0.7344 1.6027 1.4593 0.2593  -0.2150 0.2703 2  U A OP1   
20  O OP2   . U A 2  ? 0.5736 1.3961 1.2987 0.2511  -0.2089 0.2875 2  U A OP2   
21  O "O5'" . U A 2  ? 0.6264 1.4633 1.3440 0.2515  -0.2029 0.2839 2  U A "O5'" 
22  C "C5'" . U A 2  ? 0.5690 1.4232 1.2841 0.2544  -0.2039 0.2766 2  U A "C5'" 
23  C "C4'" . U A 2  ? 0.5628 1.4091 1.2720 0.2489  -0.1929 0.2880 2  U A "C4'" 
24  O "O4'" . U A 2  ? 0.5614 1.3840 1.2718 0.2490  -0.1974 0.2834 2  U A "O4'" 
25  C "C3'" . U A 2  ? 0.5933 1.4349 1.2993 0.2405  -0.1770 0.3110 2  U A "C3'" 
26  O "O3'" . U A 2  ? 0.5581 1.4223 1.2614 0.2382  -0.1694 0.3207 2  U A "O3'" 
27  C "C2'" . U A 2  ? 0.5820 1.4066 1.2857 0.2371  -0.1717 0.3160 2  U A "C2'" 
28  O "O2'" . U A 2  ? 0.6274 1.4656 1.3274 0.2376  -0.1693 0.3143 2  U A "O2'" 
29  C "C1'" . U A 2  ? 0.5904 1.3996 1.2970 0.2418  -0.1844 0.3002 2  U A "C1'" 
30  N N1    . U A 2  ? 0.5549 1.3437 1.2640 0.2384  -0.1831 0.3076 2  U A N1    
31  C C2    . U A 2  ? 0.5500 1.3232 1.2577 0.2324  -0.1736 0.3203 2  U A C2    
32  O O2    . U A 2  ? 0.5462 1.3202 1.2510 0.2302  -0.1668 0.3250 2  U A O2    
33  N N3    . U A 2  ? 0.5627 1.3198 1.2732 0.2291  -0.1725 0.3274 2  U A N3    
34  C C4    . U A 2  ? 0.5547 1.3091 1.2692 0.2308  -0.1798 0.3239 2  U A C4    
35  O O4    . U A 2  ? 0.5546 1.2949 1.2716 0.2267  -0.1774 0.3324 2  U A O4    
36  C C5    . U A 2  ? 0.5595 1.3296 1.2757 0.2374  -0.1900 0.3100 2  U A C5    
37  C C6    . U A 2  ? 0.5595 1.3463 1.2732 0.2410  -0.1913 0.3021 2  U A C6    
38  P P     . G A 3  ? 0.6330 1.4979 1.3370 0.2313  -0.1572 0.3420 3  G A P     
39  O OP1   . G A 3  ? 0.7304 1.6236 1.4320 0.2304  -0.1530 0.3483 3  G A OP1   
40  O OP2   . G A 3  ? 0.6659 1.5189 1.3739 0.2316  -0.1605 0.3416 3  G A OP2   
41  O "O5'" . G A 3  ? 0.5506 1.3974 1.2544 0.2248  -0.1465 0.3563 3  G A "O5'" 
42  C "C5'" . G A 3  ? 0.5487 1.4031 1.2500 0.2227  -0.1411 0.3614 3  G A "C5'" 
43  C "C4'" . G A 3  ? 0.5439 1.3768 1.2471 0.2181  -0.1340 0.3704 3  G A "C4'" 
44  O "O4'" . G A 3  ? 0.5426 1.3561 1.2454 0.2209  -0.1403 0.3591 3  G A "O4'" 
45  C "C3'" . G A 3  ? 0.5423 1.3637 1.2508 0.2126  -0.1252 0.3870 3  G A "C3'" 
46  O "O3'" . G A 3  ? 0.5706 1.4047 1.2820 0.2081  -0.1174 0.4022 3  G A "O3'" 
47  C "C2'" . G A 3  ? 0.5385 1.3373 1.2483 0.2110  -0.1226 0.3874 3  G A "C2'" 
48  O "O2'" . G A 3  ? 0.5364 1.3371 1.2466 0.2090  -0.1180 0.3920 3  G A "O2'" 
49  C "C1'" . G A 3  ? 0.5392 1.3327 1.2453 0.2164  -0.1333 0.3697 3  G A "C1'" 
50  N N9    . G A 3  ? 0.5405 1.3212 1.2487 0.2170  -0.1374 0.3672 3  G A N9    
51  C C8    . G A 3  ? 0.5445 1.3310 1.2530 0.2207  -0.1456 0.3587 3  G A C8    
52  N N7    . G A 3  ? 0.5451 1.3174 1.2564 0.2198  -0.1477 0.3597 3  G A N7    
53  C C5    . G A 3  ? 0.5414 1.2988 1.2540 0.2153  -0.1400 0.3691 3  G A C5    
54  C C6    . G A 3  ? 0.5408 1.2815 1.2564 0.2124  -0.1381 0.3749 3  G A C6    
55  O O6    . G A 3  ? 0.5435 1.2783 1.2613 0.2126  -0.1429 0.3736 3  G A O6    
56  N N1    . G A 3  ? 0.5372 1.2690 1.2539 0.2090  -0.1299 0.3827 3  G A N1    
57  C C2    . G A 3  ? 0.5346 1.2713 1.2501 0.2085  -0.1247 0.3849 3  G A C2    
58  N N2    . G A 3  ? 0.5317 1.2586 1.2500 0.2058  -0.1180 0.3915 3  G A N2    
59  N N3    . G A 3  ? 0.5351 1.2865 1.2478 0.2105  -0.1264 0.3810 3  G A N3    
60  C C4    . G A 3  ? 0.5386 1.3003 1.2496 0.2139  -0.1339 0.3732 3  G A C4    
61  P P     . G A 4  ? 0.6212 1.4576 1.3379 0.2045  -0.1123 0.4159 4  G A P     
62  O OP1   . G A 4  ? 0.6768 1.5335 1.3958 0.2009  -0.1075 0.4290 4  G A OP1   
63  O OP2   . G A 4  ? 0.6319 1.4692 1.3467 0.2084  -0.1192 0.4062 4  G A OP2   
64  O "O5'" . G A 4  ? 0.5420 1.3546 1.2656 0.2007  -0.1056 0.4255 4  G A "O5'" 
65  C "C5'" . G A 4  ? 0.5400 1.3454 1.2681 0.1977  -0.1001 0.4328 4  G A "C5'" 
66  C "C4'" . G A 4  ? 0.6584 1.4407 1.3897 0.1974  -0.0980 0.4315 4  G A "C4'" 
67  O "O4'" . G A 4  ? 0.5356 1.3102 1.2600 0.2014  -0.1048 0.4169 4  G A "O4'" 
68  C "C3'" . G A 4  ? 0.5373 1.3088 1.2754 0.1953  -0.0936 0.4399 4  G A "C3'" 
69  O "O3'" . G A 4  ? 0.5387 1.3104 1.2870 0.1914  -0.0870 0.4541 4  G A "O3'" 
70  C "C2'" . G A 4  ? 0.5814 1.3349 1.3184 0.1967  -0.0946 0.4329 4  G A "C2'" 
71  O "O2'" . G A 4  ? 0.6401 1.3867 1.3814 0.1957  -0.0907 0.4352 4  G A "O2'" 
72  C "C1'" . G A 4  ? 0.5344 1.2917 1.2621 0.2005  -0.1031 0.4183 4  G A "C1'" 
73  N N9    . G A 4  ? 0.5362 1.2933 1.2612 0.2024  -0.1088 0.4127 4  G A N9    
74  C C8    . G A 4  ? 0.5391 1.3095 1.2605 0.2051  -0.1149 0.4065 4  G A C8    
75  N N7    . G A 4  ? 0.5407 1.3055 1.2621 0.2064  -0.1198 0.4022 4  G A N7    
76  C C5    . G A 4  ? 0.5388 1.2867 1.2634 0.2040  -0.1162 0.4070 4  G A C5    
77  C C6    . G A 4  ? 0.5398 1.2763 1.2662 0.2034  -0.1186 0.4069 4  G A C6    
78  O O6    . G A 4  ? 0.5428 1.2804 1.2688 0.2049  -0.1252 0.4023 4  G A O6    
79  N N1    . G A 4  ? 0.5377 1.2618 1.2672 0.2008  -0.1129 0.4131 4  G A N1    
80  C C2    . G A 4  ? 0.5349 1.2569 1.2665 0.1996  -0.1063 0.4173 4  G A C2    
81  N N2    . G A 4  ? 0.5335 1.2454 1.2689 0.1981  -0.1019 0.4217 4  G A N2    
82  N N3    . G A 4  ? 0.5341 1.2645 1.2647 0.2000  -0.1044 0.4174 4  G A N3    
83  C C4    . G A 4  ? 0.5361 1.2794 1.2628 0.2019  -0.1093 0.4128 4  G A C4    
84  P P     . G A 5  ? 0.6436 1.4158 1.3988 0.1890  -0.0835 0.4651 5  G A P     
85  O OP1   . G A 5  ? 0.5439 1.3208 1.3103 0.1850  -0.0788 0.4792 5  G A OP1   
86  O OP2   . G A 5  ? 0.5427 1.3256 1.2907 0.1907  -0.0881 0.4604 5  G A OP2   
87  O "O5'" . G A 5  ? 0.5395 1.2928 1.2985 0.1897  -0.0814 0.4635 5  G A "O5'" 
88  C "C5'" . G A 5  ? 0.5379 1.2790 1.3027 0.1899  -0.0783 0.4632 5  G A "C5'" 
89  C "C4'" . G A 5  ? 0.5367 1.2649 1.3013 0.1914  -0.0777 0.4592 5  G A "C4'" 
90  O "O4'" . G A 5  ? 0.5351 1.2627 1.2888 0.1934  -0.0838 0.4486 5  G A "O4'" 
91  C "C3'" . G A 5  ? 0.6101 1.3364 1.3803 0.1902  -0.0750 0.4664 5  G A "C3'" 
92  O "O3'" . G A 5  ? 0.6037 1.3257 1.3870 0.1892  -0.0696 0.4751 5  G A "O3'" 
93  C "C2'" . G A 5  ? 0.5884 1.3065 1.3534 0.1918  -0.0773 0.4596 5  G A "C2'" 
94  O "O2'" . G A 5  ? 0.5361 1.2456 1.3062 0.1929  -0.0741 0.4588 5  G A "O2'" 
95  C "C1'" . G A 5  ? 0.5355 1.2566 1.2895 0.1934  -0.0841 0.4489 5  G A "C1'" 
96  N N9    . G A 5  ? 0.5370 1.2645 1.2848 0.1940  -0.0899 0.4450 5  G A N9    
97  C C8    . G A 5  ? 0.5383 1.2789 1.2820 0.1948  -0.0933 0.4429 5  G A C8    
98  N N7    . G A 5  ? 0.5401 1.2843 1.2797 0.1962  -0.0992 0.4376 5  G A N7    
99  C C5    . G A 5  ? 0.5399 1.2721 1.2810 0.1958  -0.0997 0.4375 5  G A C5    
100 C C6    . G A 5  ? 0.5420 1.2713 1.2814 0.1964  -0.1058 0.4335 5  G A C6    
101 O O6    . G A 5  ? 0.5445 1.2810 1.2812 0.1984  -0.1125 0.4277 5  G A O6    
102 N N1    . G A 5  ? 0.5416 1.2596 1.2840 0.1948  -0.1040 0.4368 5  G A N1    
103 C C2    . G A 5  ? 0.5394 1.2509 1.2856 0.1935  -0.0973 0.4418 5  G A C2    
104 N N2    . G A 5  ? 0.5397 1.2440 1.2885 0.1922  -0.0965 0.4447 5  G A N2    
105 N N3    . G A 5  ? 0.5376 1.2509 1.2858 0.1937  -0.0922 0.4439 5  G A N3    
106 C C4    . G A 5  ? 0.5380 1.2610 1.2835 0.1944  -0.0938 0.4422 5  G A C4    
107 P P     . U A 6  ? 0.6581 1.3825 1.4502 0.1872  -0.0664 0.4858 6  U A P     
108 O OP1   . U A 6  ? 0.6561 1.3857 1.4587 0.1848  -0.0646 0.4950 6  U A OP1   
109 O OP2   . U A 6  ? 0.5482 1.2787 1.3317 0.1867  -0.0694 0.4850 6  U A OP2   
110 O "O5'" . U A 6  ? 0.5725 1.2865 1.3731 0.1891  -0.0629 0.4859 6  U A "O5'" 
111 C "C5'" . U A 6  ? 0.5442 1.2517 1.3524 0.1913  -0.0611 0.4828 6  U A "C5'" 
112 C "C4'" . U A 6  ? 0.5437 1.2452 1.3532 0.1942  -0.0593 0.4785 6  U A "C4'" 
113 O "O4'" . U A 6  ? 0.5403 1.2412 1.3365 0.1946  -0.0625 0.4710 6  U A "O4'" 
114 C "C3'" . U A 6  ? 0.6640 1.3655 1.4782 0.1941  -0.0570 0.4839 6  U A "C3'" 
115 O "O3'" . U A 6  ? 0.6653 1.3657 1.4955 0.1950  -0.0539 0.4898 6  U A "O3'" 
116 C "C2'" . U A 6  ? 0.6378 1.3372 1.4470 0.1963  -0.0570 0.4781 6  U A "C2'" 
117 O "O2'" . U A 6  ? 0.7266 1.4241 1.5451 0.2002  -0.0546 0.4744 6  U A "O2'" 
118 C "C1'" . U A 6  ? 0.6194 1.3189 1.4151 0.1953  -0.0616 0.4715 6  U A "C1'" 
119 N N1    . U A 6  ? 0.5857 1.2876 1.3719 0.1930  -0.0654 0.4719 6  U A N1    
120 C C2    . U A 6  ? 0.5404 1.2410 1.3237 0.1929  -0.0664 0.4716 6  U A C2    
121 O O2    . U A 6  ? 0.5405 1.2403 1.3281 0.1946  -0.0639 0.4713 6  U A O2    
122 N N3    . U A 6  ? 0.5408 1.2428 1.3173 0.1909  -0.0709 0.4717 6  U A N3    
123 C C4    . U A 6  ? 0.5410 1.2469 1.3128 0.1899  -0.0745 0.4707 6  U A C4    
124 O O4    . U A 6  ? 0.5419 1.2494 1.3087 0.1890  -0.0793 0.4693 6  U A O4    
125 C C5    . U A 6  ? 0.5406 1.2501 1.3147 0.1902  -0.0726 0.4716 6  U A C5    
126 C C6    . U A 6  ? 0.5404 1.2468 1.3218 0.1913  -0.0683 0.4728 6  U A C6    
127 P P     . C A 7  ? 0.8122 1.5159 1.6484 0.1923  -0.0527 0.5001 7  C A P     
128 O OP1   . C A 7  ? 0.5580 1.2584 1.4129 0.1944  -0.0503 0.5038 7  C A OP1   
129 O OP2   . C A 7  ? 0.7803 1.4903 1.6097 0.1884  -0.0551 0.5044 7  C A OP2   
130 O "O5'" . C A 7  ? 0.7627 1.4672 1.5902 0.1922  -0.0525 0.4995 7  C A "O5'" 
131 C "C5'" . C A 7  ? 0.6592 1.3616 1.4885 0.1953  -0.0508 0.4956 7  C A "C5'" 
132 C "C4'" . C A 7  ? 0.6197 1.3238 1.4381 0.1938  -0.0524 0.4955 7  C A "C4'" 
133 O "O4'" . C A 7  ? 0.5469 1.2514 1.3519 0.1919  -0.0571 0.4906 7  C A "O4'" 
134 C "C3'" . C A 7  ? 0.6775 1.3844 1.4965 0.1912  -0.0520 0.5031 7  C A "C3'" 
135 O "O3'" . C A 7  ? 0.5549 1.2621 1.3851 0.1930  -0.0482 0.5077 7  C A "O3'" 
136 C "C2'" . C A 7  ? 0.5854 1.2931 1.3915 0.1894  -0.0562 0.5002 7  C A "C2'" 
137 O "O2'" . C A 7  ? 0.5498 1.2574 1.3560 0.1905  -0.0554 0.4993 7  C A "O2'" 
138 C "C1'" . C A 7  ? 0.5469 1.2533 1.3447 0.1896  -0.0600 0.4925 7  C A "C1'" 
139 N N1    . C A 7  ? 0.5465 1.2569 1.3379 0.1877  -0.0637 0.4920 7  C A N1    
140 C C2    . C A 7  ? 0.5468 1.2600 1.3309 0.1863  -0.0683 0.4910 7  C A C2    
141 O O2    . C A 7  ? 0.5475 1.2583 1.3308 0.1858  -0.0692 0.4917 7  C A O2    
142 N N3    . C A 7  ? 0.5471 1.2665 1.3255 0.1857  -0.0723 0.4890 7  C A N3    
143 C C4    . C A 7  ? 0.5468 1.2709 1.3263 0.1858  -0.0713 0.4897 7  C A C4    
144 N N4    . C A 7  ? 0.5475 1.2810 1.3211 0.1856  -0.0754 0.4876 7  C A N4    
145 C C5    . C A 7  ? 0.5465 1.2670 1.3337 0.1862  -0.0666 0.4922 7  C A C5    
146 C C6    . C A 7  ? 0.5465 1.2596 1.3397 0.1875  -0.0632 0.4925 7  C A C6    
147 P P     . G A 8  ? 0.7103 1.4184 1.5526 0.1919  -0.0459 0.5164 8  G A P     
148 O OP1   . G A 8  ? 0.5622 1.2701 1.4161 0.1956  -0.0426 0.5170 8  G A OP1   
149 O OP2   . G A 8  ? 0.7245 1.4317 1.5724 0.1909  -0.0466 0.5180 8  G A OP2   
150 O "O5'" . G A 8  ? 0.5586 1.2706 1.3929 0.1879  -0.0475 0.5221 8  G A "O5'" 
151 C "C5'" . G A 8  ? 0.5580 1.2710 1.3867 0.1875  -0.0478 0.5223 8  G A "C5'" 
152 C "C4'" . G A 8  ? 0.5567 1.2729 1.3746 0.1842  -0.0519 0.5232 8  G A "C4'" 
153 O "O4'" . G A 8  ? 0.5686 1.2844 1.3756 0.1840  -0.0567 0.5154 8  G A "O4'" 
154 C "C3'" . G A 8  ? 0.5587 1.2798 1.3790 0.1816  -0.0518 0.5302 8  G A "C3'" 
155 O "O3'" . G A 8  ? 0.7156 1.4379 1.5435 0.1809  -0.0488 0.5380 8  G A "O3'" 
156 C "C2'" . G A 8  ? 0.6185 1.3438 1.4260 0.1801  -0.0576 0.5256 8  G A "C2'" 
157 O "O2'" . G A 8  ? 0.5575 1.2829 1.3618 0.1792  -0.0595 0.5264 8  G A "O2'" 
158 C "C1'" . G A 8  ? 0.6089 1.3303 1.4097 0.1820  -0.0605 0.5159 8  G A "C1'" 
159 N N9    . G A 8  ? 0.5534 1.2783 1.3528 0.1820  -0.0613 0.5141 8  G A N9    
160 C C8    . G A 8  ? 0.5534 1.2759 1.3600 0.1829  -0.0582 0.5150 8  G A C8    
161 N N7    . G A 8  ? 0.5534 1.2818 1.3579 0.1819  -0.0598 0.5152 8  G A N7    
162 C C5    . G A 8  ? 0.5534 1.2896 1.3487 0.1810  -0.0640 0.5136 8  G A C5    
163 C C6    . G A 8  ? 0.5537 1.3015 1.3434 0.1804  -0.0672 0.5126 8  G A C6    
164 O O6    . G A 8  ? 0.5696 1.3226 1.3609 0.1798  -0.0667 0.5144 8  G A O6    
165 N N1    . G A 8  ? 0.5544 1.3089 1.3365 0.1809  -0.0720 0.5089 8  G A N1    
166 C C2    . G A 8  ? 0.5546 1.3039 1.3353 0.1811  -0.0736 0.5075 8  G A C2    
167 N N2    . G A 8  ? 0.5559 1.3128 1.3306 0.1819  -0.0793 0.5031 8  G A N2    
168 N N3    . G A 8  ? 0.5540 1.2929 1.3399 0.1809  -0.0701 0.5099 8  G A N3    
169 C C4    . G A 8  ? 0.5534 1.2868 1.3462 0.1811  -0.0653 0.5125 8  G A C4    
170 P P     . C A 9  ? 0.6438 1.3666 1.4870 0.1807  -0.0447 0.5468 9  C A P     
171 O OP1   . C A 9  ? 0.5769 1.2988 1.4263 0.1820  -0.0420 0.5502 9  C A OP1   
172 O OP2   . C A 9  ? 0.5947 1.3142 1.4467 0.1826  -0.0438 0.5449 9  C A OP2   
173 O "O5'" . C A 9  ? 0.5665 1.2975 1.4074 0.1768  -0.0464 0.5540 9  C A "O5'" 
174 C "C5'" . C A 9  ? 0.5693 1.3039 1.4190 0.1749  -0.0455 0.5613 9  C A "C5'" 
175 C "C4'" . C A 9  ? 0.5702 1.3160 1.4145 0.1714  -0.0473 0.5674 9  C A "C4'" 
176 O "O4'" . C A 9  ? 0.5709 1.3180 1.4135 0.1708  -0.0468 0.5704 9  C A "O4'" 
177 C "C3'" . C A 9  ? 0.5764 1.3290 1.4053 0.1715  -0.0520 0.5595 9  C A "C3'" 
178 O "O3'" . C A 9  ? 0.5667 1.3235 1.3951 0.1712  -0.0530 0.5585 9  C A "O3'" 
179 C "C2'" . C A 9  ? 0.6413 1.4050 1.4658 0.1696  -0.0537 0.5642 9  C A "C2'" 
180 O "O2'" . C A 9  ? 0.5720 1.3467 1.4034 0.1664  -0.0524 0.5754 9  C A "O2'" 
181 C "C1'" . C A 9  ? 0.5698 1.3265 1.4008 0.1695  -0.0507 0.5684 9  C A "C1'" 
182 N N1    . C A 9  ? 0.5676 1.3196 1.3896 0.1712  -0.0535 0.5602 9  C A N1    
183 C C2    . C A 9  ? 0.5676 1.3269 1.3806 0.1707  -0.0582 0.5573 9  C A C2    
184 O O2    . C A 9  ? 0.5693 1.3405 1.3806 0.1695  -0.0597 0.5606 9  C A O2    
185 N N3    . C A 9  ? 0.5665 1.3207 1.3740 0.1717  -0.0616 0.5510 9  C A N3    
186 C C4    . C A 9  ? 0.5652 1.3095 1.3749 0.1726  -0.0596 0.5489 9  C A C4    
187 N N4    . C A 9  ? 0.5649 1.3055 1.3699 0.1728  -0.0634 0.5445 9  C A N4    
188 C C5    . C A 9  ? 0.5649 1.3036 1.3825 0.1738  -0.0543 0.5512 9  C A C5    
189 C C6    . C A 9  ? 0.5662 1.3080 1.3903 0.1732  -0.0517 0.5562 9  C A C6    
190 P P     . A A 10 ? 0.5627 1.3184 1.3781 0.1738  -0.0572 0.5453 10 A A P     
191 O OP1   . A A 10 ? 0.5632 1.3259 1.3794 0.1728  -0.0578 0.5470 10 A A OP1   
192 O OP2   . A A 10 ? 0.5605 1.3029 1.3761 0.1764  -0.0562 0.5383 10 A A OP2   
193 O "O5'" . A A 10 ? 0.5621 1.3266 1.3651 0.1743  -0.0623 0.5398 10 A A "O5'" 
194 C "C5'" . A A 10 ? 0.5642 1.3451 1.3640 0.1729  -0.0644 0.5435 10 A A "C5'" 
195 C "C4'" . A A 10 ? 0.5646 1.3513 1.3560 0.1743  -0.0694 0.5375 10 A A "C4'" 
196 O "O4'" . A A 10 ? 0.5646 1.3404 1.3598 0.1739  -0.0675 0.5398 10 A A "O4'" 
197 C "C3'" . A A 10 ? 0.6089 1.3950 1.3893 0.1780  -0.0767 0.5219 10 A A "C3'" 
198 O "O3'" . A A 10 ? 0.5635 1.3655 1.3376 0.1796  -0.0808 0.5169 10 A A "O3'" 
199 C "C2'" . A A 10 ? 0.5863 1.3692 1.3644 0.1789  -0.0806 0.5180 10 A A "C2'" 
200 O "O2'" . A A 10 ? 0.5664 1.3647 1.3415 0.1795  -0.0846 0.5176 10 A A "O2'" 
201 C "C1'" . A A 10 ? 0.5638 1.3377 1.3511 0.1760  -0.0736 0.5297 10 A A "C1'" 
202 N N9    . A A 10 ? 0.5619 1.3205 1.3507 0.1765  -0.0725 0.5267 10 A A N9    
203 C C8    . A A 10 ? 0.5606 1.3096 1.3551 0.1763  -0.0672 0.5294 10 A A C8    
204 N N7    . A A 10 ? 0.5595 1.2994 1.3541 0.1769  -0.0673 0.5266 10 A A N7    
205 C C5    . A A 10 ? 0.5605 1.3024 1.3497 0.1768  -0.0732 0.5228 10 A A C5    
206 C C6    . A A 10 ? 0.5609 1.2969 1.3485 0.1765  -0.0766 0.5201 10 A A C6    
207 N N6    . A A 10 ? 0.5599 1.2884 1.3502 0.1763  -0.0739 0.5212 10 A A N6    
208 N N1    . A A 10 ? 0.5629 1.3024 1.3468 0.1765  -0.0837 0.5163 10 A A N1    
209 C C2    . A A 10 ? 0.5643 1.3138 1.3455 0.1775  -0.0867 0.5142 10 A A C2    
210 N N3    . A A 10 ? 0.5640 1.3221 1.3453 0.1777  -0.0835 0.5170 10 A A N3    
211 C C4    . A A 10 ? 0.5620 1.3150 1.3478 0.1769  -0.0767 0.5219 10 A A C4    
212 P P     . G A 11 ? 0.4829 1.3708 1.1077 0.0957  -0.0566 0.3210 11 G A P     
213 O OP1   . G A 11 ? 0.5196 1.4136 1.1731 0.0987  -0.0445 0.3070 11 G A OP1   
214 O OP2   . G A 11 ? 0.4016 1.3056 1.0290 0.0908  -0.0596 0.3129 11 G A OP2   
215 O "O5'" . G A 11 ? 0.4789 1.3535 1.0951 0.1070  -0.0794 0.3322 11 G A "O5'" 
216 C "C5'" . G A 11 ? 0.4235 1.2833 1.0416 0.1132  -0.0805 0.3385 11 G A "C5'" 
217 C "C4'" . G A 11 ? 0.5509 1.4095 1.1834 0.1271  -0.0992 0.3362 11 G A "C4'" 
218 O "O4'" . G A 11 ? 0.6074 1.4606 1.2197 0.1320  -0.1157 0.3461 11 G A "O4'" 
219 C "C3'" . G A 11 ? 0.4408 1.3210 1.1096 0.1330  -0.1017 0.3137 11 G A "C3'" 
220 O "O3'" . G A 11 ? 0.4545 1.3288 1.1372 0.1462  -0.1138 0.3126 11 G A "O3'" 
221 C "C2'" . G A 11 ? 0.4491 1.3433 1.1154 0.1353  -0.1144 0.3081 11 G A "C2'" 
222 O "O2'" . G A 11 ? 0.4575 1.3710 1.1540 0.1460  -0.1262 0.2887 11 G A "O2'" 
223 C "C1'" . G A 11 ? 0.4673 1.3392 1.0985 0.1408  -0.1282 0.3303 11 G A "C1'" 
224 N N9    . G A 11 ? 0.4745 1.3505 1.0851 0.1395  -0.1361 0.3340 11 G A N9    
225 C C8    . G A 11 ? 0.4676 1.3665 1.0879 0.1348  -0.1355 0.3189 11 G A C8    
226 N N7    . G A 11 ? 0.4792 1.3746 1.0738 0.1362  -0.1451 0.3270 11 G A N7    
227 C C5    . G A 11 ? 0.4957 1.3626 1.0615 0.1419  -0.1509 0.3496 11 G A C5    
228 C C6    . G A 11 ? 0.5157 1.3638 1.0453 0.1459  -0.1596 0.3674 11 G A C6    
229 O O6    . G A 11 ? 0.5223 1.3764 1.0363 0.1455  -0.1653 0.3664 11 G A O6    
230 N N1    . G A 11 ? 0.5295 1.3496 1.0428 0.1506  -0.1601 0.3871 11 G A N1    
231 C C2    . G A 11 ? 0.5237 1.3363 1.0541 0.1517  -0.1544 0.3887 11 G A C2    
232 N N2    . G A 11 ? 0.5390 1.3252 1.0542 0.1562  -0.1549 0.4078 11 G A N2    
233 N N3    . G A 11 ? 0.5049 1.3350 1.0670 0.1485  -0.1474 0.3718 11 G A N3    
234 C C4    . G A 11 ? 0.4925 1.3481 1.0697 0.1438  -0.1455 0.3535 11 G A C4    
235 P P     . U A 12 ? 0.5680 1.4279 1.2570 0.1475  -0.1053 0.3169 12 U A P     
236 O OP1   . U A 12 ? 0.4646 1.3010 1.1323 0.1526  -0.1143 0.3368 12 U A OP1   
237 O OP2   . U A 12 ? 0.6278 1.4925 1.3186 0.1361  -0.0828 0.3114 12 U A OP2   
238 O "O5'" . U A 12 ? 0.6349 1.5057 1.3585 0.1593  -0.1132 0.3004 12 U A "O5'" 
239 C "C5'" . U A 12 ? 0.5210 1.4125 1.2763 0.1565  -0.1020 0.2788 12 U A "C5'" 
240 C "C4'" . U A 12 ? 0.4497 1.3404 1.2307 0.1653  -0.1035 0.2698 12 U A "C4'" 
241 O "O4'" . U A 12 ? 0.5920 1.4805 1.3793 0.1583  -0.0817 0.2660 12 U A "O4'" 
242 C "C3'" . U A 12 ? 0.4956 1.3653 1.2650 0.1760  -0.1176 0.2849 12 U A "C3'" 
243 O "O3'" . U A 12 ? 0.6765 1.5529 1.4739 0.1882  -0.1273 0.2724 12 U A "O3'" 
244 C "C2'" . U A 12 ? 0.5496 1.4047 1.3097 0.1693  -0.1023 0.2933 12 U A "C2'" 
245 O "O2'" . U A 12 ? 0.4655 1.3051 1.2292 0.1775  -0.1081 0.2999 12 U A "O2'" 
246 C "C1'" . U A 12 ? 0.5625 1.4332 1.3446 0.1637  -0.0839 0.2753 12 U A "C1'" 
247 N N1    . U A 12 ? 0.5237 1.3861 1.2914 0.1564  -0.0649 0.2802 12 U A N1    
248 C C2    . U A 12 ? 0.4248 1.2861 1.2086 0.1602  -0.0549 0.2717 12 U A C2    
249 O O2    . U A 12 ? 0.4321 1.2993 1.2428 0.1674  -0.0601 0.2602 12 U A O2    
250 N N3    . U A 12 ? 0.4167 1.2710 1.1838 0.1565  -0.0388 0.2758 12 U A N3    
251 C C4    . U A 12 ? 0.4711 1.3194 1.2079 0.1494  -0.0324 0.2873 12 U A C4    
252 O O4    . U A 12 ? 0.4928 1.3367 1.2160 0.1493  -0.0188 0.2884 12 U A O4    
253 C C5    . U A 12 ? 0.4134 1.2622 1.1362 0.1442  -0.0433 0.2963 12 U A C5    
254 C C6    . U A 12 ? 0.4219 1.2772 1.1594 0.1480  -0.0588 0.2929 12 U A C6    
255 P P     . N A 13 ? 0.7428 1.6170 1.5379 0.2053  -0.1520 0.2754 13 N A P     
256 O OP1   . N A 13 ? 0.8479 1.7042 1.6051 0.2045  -0.1579 0.2980 13 N A OP1   
257 O OP2   . N A 13 ? 0.5734 1.4408 1.3876 0.2175  -0.1580 0.2724 13 N A OP2   
258 O "O5'" . N A 13 ? 0.7095 1.6135 1.5264 0.2078  -0.1586 0.2526 13 N A "O5'" 
259 C "C5'" . N A 13 ? 0.7714 1.6828 1.5706 0.2057  -0.1652 0.2548 13 N A "C5'" 
260 C "C4'" . N A 13 ? 0.9205 1.8583 1.7432 0.2171  -0.1811 0.2325 13 N A "C4'" 
261 O "O4'" . N A 13 ? 0.9921 1.9252 1.8226 0.2372  -0.1991 0.2306 13 N A "O4'" 
262 C "C3'" . N A 13 ? 0.9365 1.8801 1.7376 0.2207  -0.1939 0.2351 13 N A "C3'" 
263 O "O3'" . N A 13 ? 0.8730 1.8326 1.6787 0.2040  -0.1799 0.2268 13 N A "O3'" 
264 C "C2'" . N A 13 ? 1.0096 1.9715 1.8312 0.2410  -0.2164 0.2158 13 N A "C2'" 
265 O "O2'" . N A 13 ? 1.0017 1.9976 1.8683 0.2358  -0.2113 0.1845 13 N A "O2'" 
266 C "C1'" . N A 13 ? 1.0383 1.9830 1.8647 0.2528  -0.2208 0.2227 13 N A "C1'" 
267 P P     . N A 14 ? 0.8963 1.8491 1.6649 0.1989  -0.1831 0.2414 14 N A P     
268 O OP1   . N A 14 ? 0.9040 1.8569 1.6583 0.2191  -0.2092 0.2417 14 N A OP1   
269 O OP2   . N A 14 ? 0.8429 1.8165 1.6274 0.1813  -0.1657 0.2272 14 N A OP2   
270 O "O5'" . N A 14 ? 0.9171 1.8355 1.6484 0.1916  -0.1737 0.2722 14 N A "O5'" 
271 C "C5'" . N A 14 ? 0.9526 1.8450 1.6544 0.2044  -0.1870 0.2935 14 N A "C5'" 
272 C "C4'" . N A 14 ? 0.9564 1.8251 1.6535 0.2008  -0.1767 0.3093 14 N A "C4'" 
273 O "O4'" . N A 14 ? 0.8483 1.7060 1.5249 0.1835  -0.1601 0.3229 14 N A "O4'" 
274 C "C3'" . N A 14 ? 1.0314 1.8728 1.7081 0.2157  -0.1882 0.3292 14 N A "C3'" 
275 O "O3'" . N A 14 ? 1.0960 1.9407 1.7932 0.2332  -0.2006 0.3197 14 N A "O3'" 
276 C "C2'" . N A 14 ? 1.0239 1.8454 1.6922 0.2037  -0.1723 0.3455 14 N A "C2'" 
277 O "O2'" . N A 14 ? 1.0999 1.9265 1.7972 0.2018  -0.1638 0.3342 14 N A "O2'" 
278 C "C1'" . N A 14 ? 0.9122 1.7425 1.5694 0.1851  -0.1589 0.3446 14 N A "C1'" 
279 P P     . N A 15 ? 1.1481 1.9926 1.8338 0.2571  -0.2241 0.3182 15 N A P     
280 O OP1   . N A 15 ? 1.1099 1.9508 1.8155 0.2745  -0.2332 0.3127 15 N A OP1   
281 O OP2   . N A 15 ? 1.1384 2.0119 1.8314 0.2559  -0.2311 0.2981 15 N A OP2   
282 O "O5'" . N A 15 ? 1.2104 2.0216 1.8510 0.2620  -0.2260 0.3482 15 N A "O5'" 
283 C "C5'" . N A 15 ? 1.2205 2.0042 1.8455 0.2813  -0.2344 0.3650 15 N A "C5'" 
284 C "C4'" . N A 15 ? 1.1735 1.9245 1.7614 0.2781  -0.2270 0.3943 15 N A "C4'" 
285 O "O4'" . N A 15 ? 1.1075 1.8590 1.7002 0.2537  -0.2084 0.3995 15 N A "O4'" 
286 C "C3'" . N A 15 ? 1.1380 1.8830 1.6886 0.2835  -0.2347 0.4018 15 N A "C3'" 
287 O "O3'" . N A 15 ? 1.0518 1.7812 1.5808 0.3106  -0.2508 0.4070 15 N A "O3'" 
288 C "C2'" . N A 15 ? 1.0849 1.8069 1.6129 0.2671  -0.2186 0.4251 15 N A "C2'" 
289 O "O2'" . N A 15 ? 1.1548 1.8414 1.6680 0.2774  -0.2147 0.4488 15 N A "O2'" 
290 C "C1'" . N A 15 ? 1.0669 1.8058 1.6266 0.2458  -0.2040 0.4153 15 N A "C1'" 
291 P P     . C A 16 ? 0.6416 1.2986 1.3616 0.0229  -0.1417 0.2793 16 C A P     
292 O OP1   . C A 16 ? 0.5510 1.2097 1.2874 0.0188  -0.1529 0.2816 16 C A OP1   
293 O OP2   . C A 16 ? 0.7963 1.4386 1.5141 0.0138  -0.1455 0.2787 16 C A OP2   
294 O "O5'" . C A 16 ? 0.5131 1.1781 1.2263 0.0263  -0.1188 0.2979 16 C A "O5'" 
295 C "C5'" . C A 16 ? 0.3712 1.0423 1.0920 0.0210  -0.1105 0.3141 16 C A "C5'" 
296 C "C4'" . C A 16 ? 0.3669 1.0435 1.0835 0.0255  -0.0923 0.3234 16 C A "C4'" 
297 O "O4'" . C A 16 ? 0.3683 1.0488 1.0815 0.0377  -0.0854 0.3227 16 C A "O4'" 
298 C "C3'" . C A 16 ? 0.3615 1.0280 1.0719 0.0224  -0.0887 0.3216 16 C A "C3'" 
299 O "O3'" . C A 16 ? 0.3624 1.0309 1.0758 0.0117  -0.0898 0.3276 16 C A "O3'" 
300 C "C2'" . C A 16 ? 0.4488 1.1196 1.1605 0.0328  -0.0744 0.3258 16 C A "C2'" 
301 O "O2'" . C A 16 ? 0.3631 1.0495 1.0835 0.0347  -0.0654 0.3313 16 C A "O2'" 
302 C "C1'" . C A 16 ? 0.4011 1.0768 1.1125 0.0415  -0.0755 0.3261 16 C A "C1'" 
303 N N1    . C A 16 ? 0.4040 1.0758 1.1071 0.0454  -0.0783 0.3226 16 C A N1    
304 C C2    . C A 16 ? 0.3645 1.0321 1.0695 0.0489  -0.0710 0.3297 16 C A C2    
305 O O2    . C A 16 ? 0.3650 1.0283 1.0807 0.0506  -0.0636 0.3342 16 C A O2    
306 N N3    . C A 16 ? 0.3665 1.0382 1.0639 0.0508  -0.0733 0.3311 16 C A N3    
307 C C4    . C A 16 ? 0.3673 1.0511 1.0542 0.0521  -0.0823 0.3209 16 C A C4    
308 N N4    . C A 16 ? 0.3704 1.0688 1.0491 0.0548  -0.0836 0.3223 16 C A N4    
309 C C5    . C A 16 ? 0.3666 1.0522 1.0544 0.0512  -0.0916 0.3083 16 C A C5    
310 C C6    . C A 16 ? 0.3654 1.0428 1.0619 0.0465  -0.0895 0.3122 16 C A C6    
311 P P     . C A 17 ? 0.3582 1.0143 1.0662 0.0048  -0.0924 0.3237 17 C A P     
312 O OP1   . C A 17 ? 0.5917 1.2588 1.3039 -0.0067 -0.0939 0.3350 17 C A OP1   
313 O OP2   . C A 17 ? 0.3565 0.9960 1.0597 0.0046  -0.1055 0.3104 17 C A OP2   
314 O "O5'" . C A 17 ? 0.3532 1.0112 1.0596 0.0142  -0.0778 0.3221 17 C A "O5'" 
315 C "C5'" . C A 17 ? 0.3544 1.0303 1.0674 0.0181  -0.0663 0.3259 17 C A "C5'" 
316 C "C4'" . C A 17 ? 0.3516 1.0203 1.0693 0.0271  -0.0589 0.3199 17 C A "C4'" 
317 O "O4'" . C A 17 ? 0.3534 1.0132 1.0742 0.0356  -0.0581 0.3213 17 C A "O4'" 
318 C "C3'" . C A 17 ? 0.4281 1.0791 1.1394 0.0210  -0.0636 0.3145 17 C A "C3'" 
319 O "O3'" . C A 17 ? 0.3743 1.0335 1.0851 0.0150  -0.0629 0.3129 17 C A "O3'" 
320 C "C2'" . C A 17 ? 0.4145 1.0557 1.1346 0.0305  -0.0587 0.3131 17 C A "C2'" 
321 O "O2'" . C A 17 ? 0.4894 1.1410 1.2265 0.0395  -0.0515 0.3094 17 C A "O2'" 
322 C "C1'" . C A 17 ? 0.3512 0.9959 1.0729 0.0367  -0.0585 0.3195 17 C A "C1'" 
323 N N1    . C A 17 ? 0.3503 0.9882 1.0599 0.0339  -0.0654 0.3201 17 C A N1    
324 C C2    . C A 17 ? 0.3517 0.9842 1.0619 0.0358  -0.0651 0.3240 17 C A C2    
325 O O2    . C A 17 ? 0.3539 0.9796 1.0782 0.0385  -0.0608 0.3278 17 C A O2    
326 N N3    . C A 17 ? 0.3524 0.9913 1.0506 0.0351  -0.0706 0.3231 17 C A N3    
327 C C4    . C A 17 ? 0.3517 0.9976 1.0405 0.0344  -0.0781 0.3144 17 C A C4    
328 N N4    . C A 17 ? 0.3534 1.0122 1.0325 0.0369  -0.0849 0.3080 17 C A N4    
329 C C5    . C A 17 ? 0.3509 0.9951 1.0430 0.0314  -0.0806 0.3115 17 C A C5    
330 C C6    . C A 17 ? 0.3504 0.9926 1.0511 0.0303  -0.0732 0.3167 17 C A C6    
331 P P     . C A 18 ? 0.3939 1.0355 1.0954 0.0040  -0.0726 0.3088 18 C A P     
332 O OP1   . C A 18 ? 0.5618 1.2195 1.2628 -0.0028 -0.0716 0.3116 18 C A OP1   
333 O OP2   . C A 18 ? 0.3421 0.9702 1.0372 -0.0014 -0.0854 0.3077 18 C A OP2   
334 O "O5'" . C A 18 ? 0.4716 1.0984 1.1765 0.0102  -0.0690 0.3011 18 C A "O5'" 
335 C "C5'" . C A 18 ? 0.3920 1.0252 1.1107 0.0186  -0.0603 0.2972 18 C A "C5'" 
336 C "C4'" . C A 18 ? 0.4126 1.0270 1.1383 0.0218  -0.0607 0.2947 18 C A "C4'" 
337 O "O4'" . C A 18 ? 0.3962 1.0067 1.1242 0.0264  -0.0604 0.3029 18 C A "O4'" 
338 C "C3'" . C A 18 ? 0.3796 0.9793 1.0924 0.0124  -0.0680 0.2904 18 C A "C3'" 
339 O "O3'" . C A 18 ? 0.3310 0.9290 1.0444 0.0081  -0.0691 0.2829 18 C A "O3'" 
340 C "C2'" . C A 18 ? 0.4172 1.0082 1.1369 0.0160  -0.0670 0.2950 18 C A "C2'" 
341 O "O2'" . C A 18 ? 0.4937 1.0787 1.2356 0.0212  -0.0635 0.2939 18 C A "O2'" 
342 C "C1'" . C A 18 ? 0.3387 0.9381 1.0620 0.0227  -0.0642 0.3048 18 C A "C1'" 
343 N N1    . C A 18 ? 0.3379 0.9429 1.0437 0.0197  -0.0697 0.3057 18 C A N1    
344 C C2    . C A 18 ? 0.3400 0.9493 1.0405 0.0197  -0.0719 0.3097 18 C A C2    
345 O O2    . C A 18 ? 0.3782 0.9835 1.0892 0.0193  -0.0693 0.3168 18 C A O2    
346 N N3    . C A 18 ? 0.3404 0.9624 1.0266 0.0204  -0.0780 0.3053 18 C A N3    
347 C C4    . C A 18 ? 0.3394 0.9626 1.0203 0.0202  -0.0835 0.2977 18 C A C4    
348 N N4    . C A 18 ? 0.3412 0.9774 1.0132 0.0230  -0.0920 0.2890 18 C A N4    
349 C C5    . C A 18 ? 0.3381 0.9539 1.0251 0.0173  -0.0816 0.2986 18 C A C5    
350 C C6    . C A 18 ? 0.3373 0.9477 1.0346 0.0177  -0.0739 0.3024 18 C A C6    
351 P P     . A A 19 ? 0.3900 0.9760 1.0885 -0.0031 -0.0798 0.2764 19 A A P     
352 O OP1   . A A 19 ? 0.3220 0.9098 1.0240 -0.0059 -0.0792 0.2705 19 A A OP1   
353 O OP2   . A A 19 ? 0.3911 0.9777 1.0786 -0.0083 -0.0889 0.2787 19 A A OP2   
354 O "O5'" . A A 19 ? 0.3218 0.8970 1.0191 -0.0021 -0.0816 0.2734 19 A A "O5'" 
355 C "C5'" . A A 19 ? 0.3203 0.8871 1.0263 -0.0023 -0.0796 0.2693 19 A A "C5'" 
356 C "C4'" . A A 19 ? 0.3224 0.8897 1.0290 -0.0013 -0.0794 0.2747 19 A A "C4'" 
357 O "O4'" . A A 19 ? 0.3266 0.9045 1.0311 0.0034  -0.0772 0.2849 19 A A "O4'" 
358 C "C3'" . A A 19 ? 0.3192 0.8898 1.0092 -0.0064 -0.0877 0.2650 19 A A "C3'" 
359 O "O3'" . A A 19 ? 0.3165 0.8789 1.0102 -0.0108 -0.0892 0.2579 19 A A "O3'" 
360 C "C2'" . A A 19 ? 0.4207 1.0087 1.1077 -0.0030 -0.0857 0.2749 19 A A "C2'" 
361 O "O2'" . A A 19 ? 0.3286 0.9174 1.0298 -0.0045 -0.0807 0.2875 19 A A "O2'" 
362 C "C1'" . A A 19 ? 0.3277 0.9178 1.0206 0.0026  -0.0810 0.2858 19 A A "C1'" 
363 N N9    . A A 19 ? 0.3274 0.9276 1.0063 0.0047  -0.0870 0.2793 19 A A N9    
364 C C8    . A A 19 ? 0.3270 0.9225 1.0050 0.0047  -0.0895 0.2770 19 A A C8    
365 N N7    . A A 19 ? 0.3289 0.9340 0.9989 0.0070  -0.0973 0.2708 19 A A N7    
366 C C5    . A A 19 ? 0.3303 0.9520 0.9936 0.0104  -0.0993 0.2668 19 A A C5    
367 C C6    . A A 19 ? 0.3335 0.9774 0.9883 0.0163  -0.1074 0.2556 19 A A C6    
368 N N6    . A A 19 ? 0.3360 0.9823 0.9905 0.0199  -0.1169 0.2452 19 A A N6    
369 N N1    . A A 19 ? 0.3878 1.0557 1.0363 0.0191  -0.1063 0.2545 19 A A N1    
370 C C2    . A A 19 ? 0.3621 1.0271 1.0143 0.0140  -0.0982 0.2670 19 A A C2    
371 N N3    . A A 19 ? 0.3325 0.9719 0.9959 0.0083  -0.0916 0.2770 19 A A N3    
372 C C4    . A A 19 ? 0.3297 0.9497 0.9975 0.0079  -0.0923 0.2746 19 A A C4    
373 P P     . G A 20 ? 0.4232 0.9871 1.1014 -0.0155 -0.1004 0.2405 20 G A P     
374 O OP1   . G A 20 ? 0.3107 0.8641 0.9967 -0.0198 -0.0993 0.2359 20 G A OP1   
375 O OP2   . G A 20 ? 0.3243 0.8839 0.9925 -0.0168 -0.1112 0.2307 20 G A OP2   
376 O "O5'" . G A 20 ? 0.3911 0.9798 1.0610 -0.0122 -0.1013 0.2415 20 G A "O5'" 
377 C "C5'" . G A 20 ? 0.4453 1.0459 1.1228 -0.0136 -0.0942 0.2548 20 G A "C5'" 
378 C "C4'" . G A 20 ? 0.3705 1.0062 1.0345 -0.0108 -0.0973 0.2519 20 G A "C4'" 
379 O "O4'" . G A 20 ? 0.3496 0.9980 1.0059 -0.0039 -0.0994 0.2511 20 G A "O4'" 
380 C "C3'" . G A 20 ? 0.3192 0.9664 0.9707 -0.0100 -0.1084 0.2249 20 G A "C3'" 
381 O "O3'" . G A 20 ? 0.4257 1.1137 1.0699 -0.0076 -0.1073 0.2259 20 G A "O3'" 
382 C "C2'" . G A 20 ? 0.3180 0.9625 0.9622 -0.0037 -0.1200 0.2069 20 G A "C2'" 
383 O "O2'" . G A 20 ? 0.3188 0.9817 0.9553 0.0023  -0.1350 0.1778 20 G A "O2'" 
384 C "C1'" . G A 20 ? 0.3232 0.9838 0.9673 0.0011  -0.1128 0.2237 20 G A "C1'" 
385 N N9    . G A 20 ? 0.3231 0.9710 0.9674 0.0045  -0.1187 0.2187 20 G A N9    
386 C C8    . G A 20 ? 0.3209 0.9402 0.9726 0.0004  -0.1158 0.2280 20 G A C8    
387 N N7    . G A 20 ? 0.3233 0.9407 0.9743 0.0034  -0.1227 0.2233 20 G A N7    
388 C C5    . G A 20 ? 0.3268 0.9711 0.9716 0.0115  -0.1317 0.2070 20 G A C5    
389 C C6    . G A 20 ? 0.3317 0.9858 0.9770 0.0188  -0.1436 0.1928 20 G A C6    
390 O O6    . G A 20 ? 0.3339 0.9727 0.9849 0.0174  -0.1479 0.1960 20 G A O6    
391 N N1    . G A 20 ? 0.3359 1.0244 0.9763 0.0290  -0.1515 0.1725 20 G A N1    
392 C C2    . G A 20 ? 0.3361 1.0493 0.9698 0.0303  -0.1470 0.1701 20 G A C2    
393 N N2    . G A 20 ? 0.3433 1.0943 0.9736 0.0416  -0.1562 0.1486 20 G A N2    
394 N N3    . G A 20 ? 0.3317 1.0349 0.9642 0.0213  -0.1353 0.1872 20 G A N3    
395 C C4    . G A 20 ? 0.3270 0.9935 0.9664 0.0129  -0.1289 0.2034 20 G A C4    
396 P P     . U A 21 ? 0.4446 1.1461 1.0906 -0.0141 -0.1051 0.2268 21 U A P     
397 O OP1   . U A 21 ? 0.3244 0.9896 0.9883 -0.0229 -0.0989 0.2419 21 U A OP1   
398 O OP2   . U A 21 ? 0.3945 1.1118 1.0290 -0.0083 -0.1184 0.1918 21 U A OP2   
399 O "O5'" . U A 21 ? 0.3388 1.0846 0.9821 -0.0148 -0.0972 0.2507 21 U A "O5'" 
400 C "C5'" . U A 21 ? 0.3474 1.0878 1.0041 -0.0191 -0.0881 0.2863 21 U A "C5'" 
401 C "C4'" . U A 21 ? 0.3615 1.1542 1.0097 -0.0183 -0.0845 0.3054 21 U A "C4'" 
402 O "O4'" . U A 21 ? 0.4329 1.2446 1.0657 -0.0068 -0.0881 0.2909 21 U A "O4'" 
403 C "C3'" . U A 21 ? 0.3795 1.2175 1.0150 -0.0196 -0.0858 0.2965 21 U A "C3'" 
404 O "O3'" . U A 21 ? 0.3969 1.2761 1.0341 -0.0262 -0.0794 0.3334 21 U A "O3'" 
405 C "C2'" . U A 21 ? 0.4170 1.2822 1.0316 -0.0051 -0.0948 0.2585 21 U A "C2'" 
406 O "O2'" . U A 21 ? 0.4803 1.4048 1.0793 -0.0009 -0.0959 0.2499 21 U A "O2'" 
407 C "C1'" . U A 21 ? 0.4334 1.2949 1.0475 0.0007  -0.0933 0.2690 21 U A "C1'" 
408 N N1    . U A 21 ? 0.4501 1.3047 1.0570 0.0134  -0.1051 0.2322 21 U A N1    
409 C C2    . U A 21 ? 0.4885 1.3869 1.0828 0.0250  -0.1100 0.2188 21 U A C2    
410 O O2    . U A 21 ? 0.5687 1.5160 1.1532 0.0248  -0.1030 0.2376 21 U A O2    
411 N N3    . U A 21 ? 0.4767 1.3609 1.0729 0.0363  -0.1247 0.1839 21 U A N3    
412 C C4    . U A 21 ? 0.4804 1.3148 1.0878 0.0358  -0.1349 0.1658 21 U A C4    
413 O O4    . U A 21 ? 0.4753 1.3015 1.0887 0.0454  -0.1510 0.1376 21 U A O4    
414 C C5    . U A 21 ? 0.4672 1.2641 1.0813 0.0230  -0.1265 0.1838 21 U A C5    
415 C C6    . U A 21 ? 0.4529 1.2591 1.0677 0.0135  -0.1126 0.2135 21 U A C6    
416 P P     . U A 22 ? 0.5175 1.3975 1.1734 -0.0417 -0.0760 0.3629 22 U A P     
417 O OP1   . U A 22 ? 0.5025 1.3833 1.1494 -0.0407 -0.0797 0.3294 22 U A OP1   
418 O OP2   . U A 22 ? 0.6309 1.5624 1.2870 -0.0486 -0.0718 0.4044 22 U A OP2   
419 O "O5'" . U A 22 ? 0.5183 1.3314 1.2072 -0.0486 -0.0760 0.3794 22 U A "O5'" 
420 C "C5'" . U A 22 ? 0.4072 1.2096 1.1226 -0.0552 -0.0751 0.4212 22 U A "C5'" 
421 C "C4'" . U A 22 ? 0.4334 1.1718 1.1829 -0.0574 -0.0781 0.4224 22 U A "C4'" 
422 O "O4'" . U A 22 ? 0.4577 1.1773 1.2269 -0.0672 -0.0812 0.4229 22 U A "O4'" 
423 C "C3'" . U A 22 ? 0.4753 1.1783 1.2147 -0.0465 -0.0781 0.3863 22 U A "C3'" 
424 O "O3'" . U A 22 ? 0.5759 1.2391 1.3453 -0.0446 -0.0796 0.3972 22 U A "O3'" 
425 C "C2'" . U A 22 ? 0.3717 1.0553 1.1093 -0.0492 -0.0803 0.3598 22 U A "C2'" 
426 O "O2'" . U A 22 ? 0.3864 1.0259 1.1326 -0.0442 -0.0819 0.3389 22 U A "O2'" 
427 C "C1'" . U A 22 ? 0.3869 1.0680 1.1539 -0.0619 -0.0824 0.3866 22 U A "C1'" 
428 N N1    . U A 22 ? 0.3840 1.0794 1.1408 -0.0677 -0.0831 0.3726 22 U A N1    
429 C C2    . U A 22 ? 0.3839 1.0430 1.1660 -0.0739 -0.0870 0.3671 22 U A C2    
430 O O2    . U A 22 ? 0.3861 1.0025 1.1995 -0.0731 -0.0906 0.3697 22 U A O2    
431 N N3    . U A 22 ? 0.3821 1.0590 1.1536 -0.0794 -0.0874 0.3554 22 U A N3    
432 C C4    . U A 22 ? 0.3811 1.1110 1.1212 -0.0782 -0.0849 0.3473 22 U A C4    
433 O O4    . U A 22 ? 0.3800 1.1228 1.1154 -0.0826 -0.0862 0.3351 22 U A O4    
434 C C5    . U A 22 ? 0.3825 1.1500 1.0996 -0.0701 -0.0819 0.3510 22 U A C5    
435 C C6    . U A 22 ? 0.3838 1.1321 1.1093 -0.0659 -0.0809 0.3644 22 U A C6    
436 P P     . A A 23 ? 0.5536 1.2235 1.3218 -0.0370 -0.0779 0.4104 23 A A P     
437 O OP1   . A A 23 ? 0.5825 1.2124 1.3906 -0.0351 -0.0818 0.4210 23 A A OP1   
438 O OP2   . A A 23 ? 0.4317 1.1516 1.1858 -0.0402 -0.0762 0.4354 23 A A OP2   
439 O "O5'" . A A 23 ? 0.4818 1.1503 1.2172 -0.0263 -0.0759 0.3745 23 A A "O5'" 
440 C "C5'" . A A 23 ? 0.4134 1.0449 1.1533 -0.0220 -0.0768 0.3512 23 A A "C5'" 
441 C "C4'" . A A 23 ? 0.3897 1.0250 1.1049 -0.0138 -0.0770 0.3311 23 A A "C4'" 
442 O "O4'" . A A 23 ? 0.4134 1.0817 1.1016 -0.0125 -0.0802 0.3170 23 A A "O4'" 
443 C "C3'" . A A 23 ? 0.3557 0.9956 1.0741 -0.0078 -0.0745 0.3451 23 A A "C3'" 
444 O "O3'" . A A 23 ? 0.3541 0.9643 1.0915 -0.0038 -0.0732 0.3430 23 A A "O3'" 
445 C "C2'" . A A 23 ? 0.3496 1.0109 1.0392 -0.0021 -0.0774 0.3265 23 A A "C2'" 
446 O "O2'" . A A 23 ? 0.3401 0.9787 1.0255 0.0010  -0.0800 0.3071 23 A A "O2'" 
447 C "C1'" . A A 23 ? 0.3664 1.0504 1.0402 -0.0048 -0.0816 0.3118 23 A A "C1'" 
448 N N9    . A A 23 ? 0.4174 1.1477 1.0801 -0.0036 -0.0809 0.3224 23 A A N9    
449 C C8    . A A 23 ? 0.3706 1.1224 1.0433 -0.0099 -0.0764 0.3540 23 A A C8    
450 N N7    . A A 23 ? 0.3797 1.1813 1.0352 -0.0071 -0.0764 0.3578 23 A A N7    
451 C C5    . A A 23 ? 0.4247 1.2348 1.0608 0.0035  -0.0827 0.3216 23 A A C5    
452 C C6    . A A 23 ? 0.4402 1.2957 1.0566 0.0134  -0.0880 0.3016 23 A A C6    
453 N N6    . A A 23 ? 0.3914 1.3010 0.9975 0.0139  -0.0845 0.3179 23 A A N6    
454 N N1    . A A 23 ? 0.5340 1.3791 1.1444 0.0231  -0.0989 0.2639 23 A A N1    
455 C C2    . A A 23 ? 0.4250 1.2212 1.0449 0.0208  -0.1026 0.2527 23 A A C2    
456 N N3    . A A 23 ? 0.3490 1.1054 0.9821 0.0118  -0.0960 0.2700 23 A A N3    
457 C C4    . A A 23 ? 0.4214 1.1857 1.0633 0.0045  -0.0866 0.3019 23 A A C4    
458 P P     . A A 24 ? 0.4916 1.0958 1.2545 0.0011  -0.0720 0.3647 24 A A P     
459 O OP1   . A A 24 ? 0.5771 1.2013 1.3499 -0.0046 -0.0735 0.3939 24 A A OP1   
460 O OP2   . A A 24 ? 0.4567 1.0646 1.2051 0.0086  -0.0699 0.3559 24 A A OP2   
461 O "O5'" . A A 24 ? 0.3683 0.9415 1.1657 0.0035  -0.0743 0.3591 24 A A "O5'" 
462 C "C5'" . A A 24 ? 0.3740 0.9359 1.1948 -0.0029 -0.0787 0.3647 24 A A "C5'" 
463 C "C4'" . A A 24 ? 0.4905 1.0212 1.3326 0.0032  -0.0816 0.3446 24 A A "C4'" 
464 O "O4'" . A A 24 ? 0.3649 0.8920 1.1752 0.0040  -0.0768 0.3172 24 A A "O4'" 
465 C "C3'" . A A 24 ? 0.4572 0.9717 1.3185 0.0160  -0.0833 0.3381 24 A A "C3'" 
466 O "O3'" . A A 24 ? 0.4627 0.9658 1.3661 0.0172  -0.0930 0.3590 24 A A "O3'" 
467 C "C2'" . A A 24 ? 0.5294 1.0217 1.3824 0.0224  -0.0822 0.3049 24 A A "C2'" 
468 O "O2'" . A A 24 ? 0.6485 1.1145 1.5263 0.0206  -0.0905 0.3000 24 A A "O2'" 
469 C "C1'" . A A 24 ? 0.4756 0.9818 1.2897 0.0140  -0.0760 0.2961 24 A A "C1'" 
470 N N9    . A A 24 ? 0.4483 0.9715 1.2396 0.0181  -0.0706 0.2878 24 A A N9    
471 C C8    . A A 24 ? 0.4578 1.0061 1.2376 0.0159  -0.0691 0.3002 24 A A C8    
472 N N7    . A A 24 ? 0.4491 1.0075 1.2155 0.0188  -0.0665 0.2916 24 A A N7    
473 C C5    . A A 24 ? 0.4640 1.0090 1.2297 0.0237  -0.0644 0.2730 24 A A C5    
474 C C6    . A A 24 ? 0.4244 0.9815 1.1789 0.0276  -0.0609 0.2605 24 A A C6    
475 N N6    . A A 24 ? 0.3424 0.9225 1.0872 0.0248  -0.0597 0.2679 24 A A N6    
476 N N1    . A A 24 ? 0.3636 0.9142 1.1196 0.0343  -0.0598 0.2410 24 A A N1    
477 C C2    . A A 24 ? 0.3932 0.9186 1.1646 0.0368  -0.0637 0.2332 24 A A C2    
478 N N3    . A A 24 ? 0.4184 0.9263 1.2048 0.0315  -0.0683 0.2465 24 A A N3    
479 C C4    . A A 24 ? 0.4510 0.9732 1.2321 0.0248  -0.0674 0.2675 24 A A C4    
480 P P     . C A 25 ? 0.5227 1.0279 1.4478 0.0289  -0.0965 0.3673 25 C A P     
481 O OP1   . C A 25 ? 0.5264 1.0224 1.4981 0.0245  -0.1104 0.3982 25 C A OP1   
482 O OP2   . C A 25 ? 0.4863 1.0213 1.3776 0.0297  -0.0863 0.3706 25 C A OP2   
483 O "O5'" . C A 25 ? 0.5038 0.9862 1.4368 0.0449  -0.0986 0.3306 25 C A "O5'" 
484 C "C5'" . C A 25 ? 0.4998 0.9532 1.4548 0.0485  -0.1077 0.3109 25 C A "C5'" 
485 C "C4'" . C A 25 ? 0.5703 1.0220 1.5198 0.0658  -0.1061 0.2713 25 C A "C4'" 
486 O "O4'" . C A 25 ? 0.5865 1.0561 1.4880 0.0612  -0.0919 0.2569 25 C A "O4'" 
487 C "C3'" . C A 25 ? 0.6125 1.0802 1.5695 0.0810  -0.1055 0.2647 25 C A "C3'" 
488 O "O3'" . C A 25 ? 0.6776 1.1258 1.6869 0.0926  -0.1231 0.2652 25 C A "O3'" 
489 C "C2'" . C A 25 ? 0.6593 1.1456 1.5897 0.0918  -0.0967 0.2295 25 C A "C2'" 
490 O "O2'" . C A 25 ? 0.6536 1.1249 1.6112 0.1064  -0.1083 0.1976 25 C A "O2'" 
491 C "C1'" . C A 25 ? 0.6013 1.0925 1.4903 0.0746  -0.0859 0.2357 25 C A "C1'" 
492 N N1    . C A 25 ? 0.5602 1.0790 1.4159 0.0665  -0.0744 0.2511 25 C A N1    
493 C C2    . C A 25 ? 0.5585 1.1043 1.3907 0.0712  -0.0663 0.2354 25 C A C2    
494 O O2    . C A 25 ? 0.5784 1.1297 1.4143 0.0826  -0.0672 0.2091 25 C A O2    
495 N N3    . C A 25 ? 0.5338 1.1030 1.3429 0.0632  -0.0594 0.2497 25 C A N3    
496 C C4    . C A 25 ? 0.5823 1.1501 1.3897 0.0539  -0.0603 0.2732 25 C A C4    
497 N N4    . C A 25 ? 0.6162 1.2066 1.4059 0.0478  -0.0568 0.2830 25 C A N4    
498 C C5    . C A 25 ? 0.5028 1.0513 1.3295 0.0503  -0.0664 0.2887 25 C A C5    
499 C C6    . C A 25 ? 0.5165 1.0404 1.3676 0.0553  -0.0733 0.2797 25 C A C6    
500 P P     . A A 26 ? 0.7795 1.2402 1.8055 0.0991  -0.1258 0.2838 26 A A P     
501 O OP1   . A A 26 ? 0.7724 1.2039 1.8606 0.1048  -0.1497 0.2940 26 A A OP1   
502 O OP2   . A A 26 ? 0.8264 1.3114 1.8167 0.0837  -0.1116 0.3148 26 A A OP2   
503 O "O5'" . A A 26 ? 0.7842 1.2697 1.7981 0.1194  -0.1195 0.2472 26 A A "O5'" 
504 C "C5'" . A A 26 ? 0.7246 1.2426 1.7119 0.1203  -0.1064 0.2549 26 A A "C5'" 
505 C "C4'" . A A 26 ? 0.7266 1.2763 1.6736 0.1226  -0.0911 0.2318 26 A A "C4'" 
506 O "O4'" . A A 26 ? 0.6862 1.2363 1.5955 0.1028  -0.0807 0.2462 26 A A "O4'" 
507 C "C3'" . A A 26 ? 0.7304 1.3188 1.6611 0.1282  -0.0809 0.2323 26 A A "C3'" 
508 O "O3'" . A A 26 ? 0.7526 1.3583 1.7085 0.1510  -0.0871 0.2043 26 A A "O3'" 
509 C "C2'" . A A 26 ? 0.6376 1.2509 1.5244 0.1166  -0.0667 0.2300 26 A A "C2'" 
510 O "O2'" . A A 26 ? 0.5560 1.1879 1.4388 0.1280  -0.0655 0.1983 26 A A "O2'" 
511 C "C1'" . A A 26 ? 0.6012 1.1849 1.4760 0.0987  -0.0678 0.2466 26 A A "C1'" 
512 N N9    . A A 26 ? 0.5247 1.1121 1.3851 0.0843  -0.0642 0.2767 26 A A N9    
513 C C8    . A A 26 ? 0.4844 1.0560 1.3564 0.0764  -0.0696 0.3008 26 A A C8    
514 N N7    . A A 26 ? 0.4367 1.0207 1.2837 0.0666  -0.0648 0.3174 26 A A N7    
515 C C5    . A A 26 ? 0.4811 1.0858 1.3050 0.0667  -0.0578 0.3060 26 A A C5    
516 C C6    . A A 26 ? 0.5310 1.1476 1.3229 0.0582  -0.0537 0.3106 26 A A C6    
517 N N6    . A A 26 ? 0.4705 1.0829 1.2447 0.0509  -0.0553 0.3230 26 A A N6    
518 N N1    . A A 26 ? 0.5681 1.2049 1.3489 0.0581  -0.0496 0.3014 26 A A N1    
519 C C2    . A A 26 ? 0.5096 1.1623 1.3058 0.0671  -0.0474 0.2873 26 A A C2    
520 N N3    . A A 26 ? 0.4963 1.1383 1.3158 0.0782  -0.0502 0.2742 26 A A N3    
521 C C4    . A A 26 ? 0.5261 1.1399 1.3614 0.0769  -0.0566 0.2851 26 A A C4    
522 P P     . A A 27 ? 0.7682 1.3891 1.7443 0.1621  -0.0902 0.2118 27 A A P     
523 O OP1   . A A 27 ? 0.9243 1.5535 1.9376 0.1888  -0.1034 0.1748 27 A A OP1   
524 O OP2   . A A 27 ? 0.7537 1.3481 1.7404 0.1493  -0.0951 0.2494 27 A A OP2   
525 O "O5'" . A A 27 ? 0.6629 1.3320 1.6005 0.1564  -0.0721 0.2167 27 A A "O5'" 
526 C "C5'" . A A 27 ? 0.5747 1.2813 1.4868 0.1575  -0.0620 0.1975 27 A A "C5'" 
527 C "C4'" . A A 27 ? 0.5638 1.3023 1.4441 0.1418  -0.0486 0.2197 27 A A "C4'" 
528 O "O4'" . A A 27 ? 0.5864 1.2979 1.4449 0.1198  -0.0467 0.2427 27 A A "O4'" 
529 C "C3'" . A A 27 ? 0.6039 1.3528 1.4933 0.1433  -0.0481 0.2370 27 A A "C3'" 
530 O "O3'" . A A 27 ? 0.5750 1.3695 1.4747 0.1602  -0.0455 0.2188 27 A A "O3'" 
531 C "C2'" . A A 27 ? 0.6334 1.3766 1.4821 0.1194  -0.0405 0.2604 27 A A "C2'" 
532 O "O2'" . A A 27 ? 0.6869 1.4722 1.5149 0.1140  -0.0322 0.2575 27 A A "O2'" 
533 C "C1'" . A A 27 ? 0.5546 1.2678 1.3963 0.1075  -0.0432 0.2659 27 A A "C1'" 
534 N N9    . A A 27 ? 0.4745 1.1473 1.3192 0.1008  -0.0493 0.2827 27 A A N9    
535 C C8    . A A 27 ? 0.4826 1.1271 1.3553 0.1060  -0.0582 0.2834 27 A A C8    
536 N N7    . A A 27 ? 0.5213 1.1428 1.3877 0.0956  -0.0612 0.3047 27 A A N7    
537 C C5    . A A 27 ? 0.5323 1.1661 1.3645 0.0856  -0.0545 0.3134 27 A A C5    
538 C C6    . A A 27 ? 0.5059 1.1335 1.3162 0.0751  -0.0546 0.3305 27 A A C6    
539 N N6    . A A 27 ? 0.5221 1.1360 1.3384 0.0711  -0.0593 0.3467 27 A A N6    
540 N N1    . A A 27 ? 0.4774 1.1179 1.2616 0.0691  -0.0513 0.3304 27 A A N1    
541 C C2    . A A 27 ? 0.4916 1.1504 1.2715 0.0703  -0.0472 0.3196 27 A A C2    
542 N N3    . A A 27 ? 0.4560 1.1299 1.2505 0.0784  -0.0444 0.3064 27 A A N3    
543 C C4    . A A 27 ? 0.4617 1.1222 1.2824 0.0875  -0.0483 0.3012 27 A A C4    
544 P P     . A A 28 ? 0.6033 1.3948 1.5264 0.1750  -0.0521 0.2157 28 A A P     
545 O OP1   . A A 28 ? 0.6262 1.4401 1.5844 0.2025  -0.0609 0.1795 28 A A OP1   
546 O OP2   . A A 28 ? 0.5840 1.3233 1.5105 0.1656  -0.0593 0.2396 28 A A OP2   
547 O "O5'" . A A 28 ? 0.5641 1.3953 1.4576 0.1666  -0.0401 0.2240 28 A A "O5'" 
548 C "C5'" . A A 28 ? 0.5830 1.4417 1.4436 0.1501  -0.0296 0.2311 28 A A "C5'" 
549 C "C4'" . A A 28 ? 0.5872 1.4482 1.4214 0.1325  -0.0243 0.2531 28 A A "C4'" 
550 O "O4'" . A A 28 ? 0.5951 1.4125 1.4093 0.1124  -0.0267 0.2747 28 A A "O4'" 
551 C "C3'" . A A 28 ? 0.5996 1.4584 1.4460 0.1418  -0.0269 0.2545 28 A A "C3'" 
552 O "O3'" . A A 28 ? 0.6973 1.5875 1.5263 0.1324  -0.0204 0.2633 28 A A "O3'" 
553 C "C2'" . A A 28 ? 0.5190 1.3246 1.3587 0.1307  -0.0324 0.2747 28 A A "C2'" 
554 O "O2'" . A A 28 ? 0.4801 1.2805 1.3169 0.1299  -0.0334 0.2852 28 A A "O2'" 
555 C "C1'" . A A 28 ? 0.5446 1.3405 1.3558 0.1093  -0.0295 0.2877 28 A A "C1'" 
556 N N9    . A A 28 ? 0.5654 1.3178 1.3683 0.0995  -0.0348 0.3004 28 A A N9    
557 C C8    . A A 28 ? 0.5015 1.2248 1.3205 0.1056  -0.0404 0.3018 28 A A C8    
558 N N7    . A A 28 ? 0.5267 1.2242 1.3298 0.0934  -0.0431 0.3155 28 A A N7    
559 C C5    . A A 28 ? 0.5513 1.2576 1.3294 0.0804  -0.0412 0.3196 28 A A C5    
560 C C6    . A A 28 ? 0.6051 1.2973 1.3620 0.0671  -0.0454 0.3273 28 A A C6    
561 N N6    . A A 28 ? 0.6699 1.3424 1.4214 0.0641  -0.0495 0.3327 28 A A N6    
562 N N1    . A A 28 ? 0.5499 1.2525 1.2938 0.0572  -0.0471 0.3286 28 A A N1    
563 C C2    . A A 28 ? 0.5104 1.2400 1.2590 0.0582  -0.0427 0.3270 28 A A C2    
564 N N3    . A A 28 ? 0.5574 1.3100 1.3210 0.0705  -0.0361 0.3192 28 A A N3    
565 C C4    . A A 28 ? 0.5700 1.3076 1.3491 0.0825  -0.0365 0.3134 28 A A C4    
566 P P     . A A 29 ? 0.6935 1.6057 1.5366 0.1457  -0.0206 0.2568 29 A A P     
567 O OP1   . A A 29 ? 0.7122 1.6812 1.5692 0.1636  -0.0170 0.2309 29 A A OP1   
568 O OP2   . A A 29 ? 0.5796 1.4488 1.4391 0.1539  -0.0293 0.2604 29 A A OP2   
569 O "O5'" . A A 29 ? 0.6297 1.5492 1.4485 0.1251  -0.0167 0.2792 29 A A "O5'" 
570 C "C5'" . A A 29 ? 0.5857 1.4672 1.3973 0.1164  -0.0216 0.2956 29 A A "C5'" 
571 C "C4'" . A A 29 ? 0.5089 1.3752 1.2980 0.0932  -0.0235 0.3148 29 A A "C4'" 
572 O "O4'" . A A 29 ? 0.5520 1.3895 1.3336 0.0868  -0.0261 0.3158 29 A A "O4'" 
573 C "C3'" . A A 29 ? 0.4741 1.3132 1.2568 0.0860  -0.0299 0.3271 29 A A "C3'" 
574 O "O3'" . A A 29 ? 0.4348 1.2992 1.2199 0.0837  -0.0291 0.3320 29 A A "O3'" 
575 C "C2'" . A A 29 ? 0.5112 1.3247 1.2786 0.0687  -0.0360 0.3368 29 A A "C2'" 
576 O "O2'" . A A 29 ? 0.4792 1.3137 1.2413 0.0537  -0.0374 0.3471 29 A A "O2'" 
577 C "C1'" . A A 29 ? 0.6101 1.4145 1.3780 0.0729  -0.0332 0.3287 29 A A "C1'" 
578 N N9    . A A 29 ? 0.6418 1.4127 1.4127 0.0799  -0.0367 0.3268 29 A A N9    
579 C C8    . A A 29 ? 0.6456 1.4113 1.4340 0.0950  -0.0355 0.3189 29 A A C8    
580 N N7    . A A 29 ? 0.6652 1.4013 1.4535 0.0954  -0.0401 0.3253 29 A A N7    
581 C C5    . A A 29 ? 0.6390 1.3645 1.4068 0.0820  -0.0437 0.3335 29 A A C5    
582 C C6    . A A 29 ? 0.5966 1.3022 1.3533 0.0774  -0.0490 0.3401 29 A A C6    
583 N N6    . A A 29 ? 0.5592 1.2518 1.3231 0.0828  -0.0504 0.3464 29 A A N6    
584 N N1    . A A 29 ? 0.6710 1.3748 1.4121 0.0675  -0.0547 0.3401 29 A A N1    
585 C C2    . A A 29 ? 0.6588 1.3743 1.3983 0.0599  -0.0560 0.3386 29 A A C2    
586 N N3    . A A 29 ? 0.6677 1.4036 1.4148 0.0603  -0.0502 0.3383 29 A A N3    
587 C C4    . A A 29 ? 0.6374 1.3801 1.3970 0.0728  -0.0433 0.3336 29 A A C4    
588 P P     . C A 30 ? 0.5299 1.3904 1.3253 0.0962  -0.0309 0.3288 30 C A P     
589 O OP1   . C A 30 ? 0.5965 1.4977 1.3987 0.0974  -0.0270 0.3286 30 C A OP1   
590 O OP2   . C A 30 ? 0.5875 1.4317 1.3954 0.1131  -0.0312 0.3183 30 C A OP2   
591 O "O5'" . C A 30 ? 0.5651 1.3940 1.3492 0.0851  -0.0398 0.3398 30 C A "O5'" 
592 C "C5'" . C A 30 ? 0.5261 1.3532 1.3024 0.0673  -0.0458 0.3495 30 C A "C5'" 
593 C "C4'" . C A 30 ? 0.5228 1.3157 1.2899 0.0619  -0.0559 0.3499 30 C A "C4'" 
594 O "O4'" . C A 30 ? 0.5125 1.2866 1.2725 0.0636  -0.0540 0.3459 30 C A "O4'" 
595 C "C3'" . C A 30 ? 0.5123 1.2944 1.2797 0.0717  -0.0597 0.3464 30 C A "C3'" 
596 O "O3'" . C A 30 ? 0.4035 1.1945 1.1766 0.0685  -0.0664 0.3480 30 C A "O3'" 
597 C "C2'" . C A 30 ? 0.4409 1.1979 1.1967 0.0700  -0.0657 0.3432 30 C A "C2'" 
598 O "O2'" . C A 30 ? 0.3933 1.1432 1.1466 0.0592  -0.0779 0.3405 30 C A "O2'" 
599 C "C1'" . C A 30 ? 0.4958 1.2478 1.2492 0.0678  -0.0593 0.3435 30 C A "C1'" 
600 N N1    . C A 30 ? 0.4903 1.2360 1.2480 0.0797  -0.0531 0.3428 30 C A N1    
601 C C2    . C A 30 ? 0.4605 1.1890 1.2112 0.0818  -0.0567 0.3451 30 C A C2    
602 O O2    . C A 30 ? 0.4073 1.1310 1.1466 0.0762  -0.0643 0.3429 30 C A O2    
603 N N3    . C A 30 ? 0.4266 1.1479 1.1863 0.0902  -0.0537 0.3496 30 C A N3    
604 C C4    . C A 30 ? 0.4132 1.1408 1.1908 0.0990  -0.0491 0.3462 30 C A C4    
605 N N4    . C A 30 ? 0.4107 1.1269 1.2042 0.1072  -0.0505 0.3506 30 C A N4    
606 C C5    . C A 30 ? 0.4113 1.1612 1.1944 0.0999  -0.0447 0.3381 30 C A C5    
607 C C6    . C A 30 ? 0.4411 1.2006 1.2126 0.0888  -0.0459 0.3393 30 C A C6    
608 P P     . A A 31 ? 0.5907 1.3882 1.3692 0.0816  -0.0658 0.3452 31 A A P     
609 O OP1   . A A 31 ? 0.5996 1.4139 1.3885 0.0763  -0.0706 0.3477 31 A A OP1   
610 O OP2   . A A 31 ? 0.4119 1.2131 1.1947 0.0949  -0.0563 0.3437 31 A A OP2   
611 O "O5'" . A A 31 ? 0.4779 1.2568 1.2462 0.0851  -0.0744 0.3401 31 A A "O5'" 
612 C "C5'" . A A 31 ? 0.4287 1.2020 1.1957 0.0782  -0.0878 0.3333 31 A A "C5'" 
613 C "C4'" . A A 31 ? 0.4188 1.1861 1.1749 0.0863  -0.0934 0.3252 31 A A "C4'" 
614 O "O4'" . A A 31 ? 0.4040 1.1607 1.1493 0.0861  -0.0872 0.3290 31 A A "O4'" 
615 C "C3'" . A A 31 ? 0.4710 1.2484 1.2264 0.0989  -0.0902 0.3276 31 A A "C3'" 
616 O "O3'" . A A 31 ? 0.4195 1.2079 1.1825 0.1019  -0.0994 0.3193 31 A A "O3'" 
617 C "C2'" . A A 31 ? 0.5414 1.3163 1.2831 0.1039  -0.0904 0.3286 31 A A "C2'" 
618 O "O2'" . A A 31 ? 0.4170 1.1993 1.1529 0.1055  -0.1032 0.3130 31 A A "O2'" 
619 C "C1'" . A A 31 ? 0.4090 1.1694 1.1468 0.0959  -0.0852 0.3325 31 A A "C1'" 
620 N N9    . A A 31 ? 0.4108 1.1651 1.1525 0.0992  -0.0742 0.3456 31 A A N9    
621 C C8    . A A 31 ? 0.4099 1.1628 1.1631 0.0990  -0.0667 0.3483 31 A A C8    
622 N N7    . A A 31 ? 0.4136 1.1599 1.1740 0.1044  -0.0616 0.3554 31 A A N7    
623 C C5    . A A 31 ? 0.4174 1.1594 1.1695 0.1052  -0.0648 0.3632 31 A A C5    
624 C C6    . A A 31 ? 0.4245 1.1594 1.1829 0.1081  -0.0638 0.3769 31 A A C6    
625 N N6    . A A 31 ? 0.4294 1.1540 1.2075 0.1124  -0.0613 0.3810 31 A A N6    
626 N N1    . A A 31 ? 0.4286 1.1707 1.1754 0.1066  -0.0672 0.3861 31 A A N1    
627 C C2    . A A 31 ? 0.4254 1.1816 1.1555 0.1055  -0.0719 0.3757 31 A A C2    
628 N N3    . A A 31 ? 0.4191 1.1784 1.1457 0.1043  -0.0759 0.3588 31 A A N3    
629 C C4    . A A 31 ? 0.4153 1.1660 1.1536 0.1028  -0.0717 0.3561 31 A A C4    
630 P P     . A A 32 ? 0.4275 1.2288 1.1942 0.1138  -0.0958 0.3235 32 A A P     
631 O OP1   . A A 32 ? 0.7191 1.5302 1.5013 0.1117  -0.0966 0.3229 32 A A OP1   
632 O OP2   . A A 32 ? 0.4298 1.2258 1.1921 0.1189  -0.0849 0.3367 32 A A OP2   
633 O "O5'" . A A 32 ? 0.5655 1.3770 1.3253 0.1219  -0.1074 0.3113 32 A A "O5'" 
634 C "C5'" . A A 32 ? 0.4320 1.2457 1.1957 0.1198  -0.1231 0.2916 32 A A "C5'" 
635 C "C4'" . A A 32 ? 0.5059 1.3343 1.2587 0.1301  -0.1314 0.2789 32 A A "C4'" 
636 O "O4'" . A A 32 ? 0.4341 1.2584 1.1715 0.1276  -0.1246 0.2869 32 A A "O4'" 
637 C "C3'" . A A 32 ? 0.5506 1.3976 1.2987 0.1417  -0.1281 0.2857 32 A A "C3'" 
638 O "O3'" . A A 32 ? 0.4528 1.3115 1.2138 0.1484  -0.1391 0.2710 32 A A "O3'" 
639 C "C2'" . A A 32 ? 0.5099 1.3734 1.2417 0.1472  -0.1300 0.2844 32 A A "C2'" 
640 O "O2'" . A A 32 ? 0.4552 1.3340 1.1910 0.1539  -0.1478 0.2551 32 A A "O2'" 
641 C "C1'" . A A 32 ? 0.4428 1.2877 1.1679 0.1369  -0.1226 0.2928 32 A A "C1'" 
642 N N9    . A A 32 ? 0.4444 1.2821 1.1643 0.1343  -0.1073 0.3211 32 A A N9    
643 C C8    . A A 32 ? 0.4401 1.2563 1.1680 0.1281  -0.0974 0.3340 32 A A C8    
644 N N7    . A A 32 ? 0.4445 1.2573 1.1725 0.1290  -0.0889 0.3552 32 A A N7    
645 C C5    . A A 32 ? 0.4541 1.2895 1.1710 0.1338  -0.0919 0.3620 32 A A C5    
646 C C6    . A A 32 ? 0.4657 1.3117 1.1807 0.1348  -0.0877 0.3878 32 A A C6    
647 N N6    . A A 32 ? 0.4700 1.2986 1.1990 0.1321  -0.0820 0.4093 32 A A N6    
648 N N1    . A A 32 ? 0.4754 1.3544 1.1770 0.1389  -0.0917 0.3910 32 A A N1    
649 C C2    . A A 32 ? 0.4734 1.3708 1.1661 0.1444  -0.1006 0.3644 32 A A C2    
650 N N3    . A A 32 ? 0.4634 1.3480 1.1619 0.1449  -0.1081 0.3361 32 A A N3    
651 C C4    . A A 32 ? 0.4539 1.3074 1.1638 0.1381  -0.1024 0.3393 32 A A C4    
652 P P     . G A 33 ? 0.6448 1.5097 1.4114 0.1539  -0.1314 0.2846 33 G A P     
653 O OP1   . G A 33 ? 0.4671 1.3502 1.2427 0.1638  -0.1459 0.2651 33 G A OP1   
654 O OP2   . G A 33 ? 0.5608 1.4102 1.3376 0.1446  -0.1219 0.2963 33 G A OP2   
655 O "O5'" . G A 33 ? 0.5770 1.4489 1.3281 0.1589  -0.1203 0.3068 33 G A "O5'" 
656 C "C5'" . G A 33 ? 0.4768 1.3738 1.2166 0.1679  -0.1254 0.3056 33 G A "C5'" 
657 C "C4'" . G A 33 ? 0.4842 1.3861 1.2121 0.1670  -0.1147 0.3338 33 G A "C4'" 
658 O "O4'" . G A 33 ? 0.4736 1.3517 1.2008 0.1569  -0.1070 0.3424 33 G A "O4'" 
659 C "C3'" . G A 33 ? 0.5156 1.4172 1.2511 0.1711  -0.1079 0.3577 33 G A "C3'" 
660 O "O3'" . G A 33 ? 0.5554 1.4854 1.2875 0.1809  -0.1131 0.3603 33 G A "O3'" 
661 C "C2'" . G A 33 ? 0.4968 1.3889 1.2306 0.1652  -0.0996 0.3841 33 G A "C2'" 
662 O "O2'" . G A 33 ? 0.5094 1.4299 1.2304 0.1667  -0.1004 0.4009 33 G A "O2'" 
663 C "C1'" . G A 33 ? 0.4810 1.3537 1.2108 0.1560  -0.0979 0.3708 33 G A "C1'" 
664 N N9    . G A 33 ? 0.4732 1.3180 1.2170 0.1512  -0.0914 0.3734 33 G A N9    
665 C C8    . G A 33 ? 0.4630 1.2968 1.2144 0.1481  -0.0917 0.3568 33 G A C8    
666 N N7    . G A 33 ? 0.4596 1.2775 1.2224 0.1454  -0.0847 0.3625 33 G A N7    
667 C C5    . G A 33 ? 0.4682 1.2810 1.2342 0.1474  -0.0816 0.3817 33 G A C5    
668 C C6    . G A 33 ? 0.4710 1.2676 1.2535 0.1483  -0.0772 0.3908 33 G A C6    
669 O O6    . G A 33 ? 0.4655 1.2543 1.2595 0.1486  -0.0735 0.3814 33 G A O6    
670 N N1    . G A 33 ? 0.4835 1.2774 1.2717 0.1492  -0.0790 0.4125 33 G A N1    
671 C C2    . G A 33 ? 0.4920 1.3039 1.2679 0.1485  -0.0822 0.4271 33 G A C2    
672 N N2    . G A 33 ? 0.5063 1.3162 1.2936 0.1469  -0.0842 0.4536 33 G A N2    
673 N N3    . G A 33 ? 0.4891 1.3224 1.2459 0.1494  -0.0848 0.4163 33 G A N3    
674 C C4    . G A 33 ? 0.4770 1.3063 1.2316 0.1494  -0.0853 0.3921 33 G A C4    
# 
loop_
_pdbx_poly_seq_scheme.asym_id 
_pdbx_poly_seq_scheme.entity_id 
_pdbx_poly_seq_scheme.seq_id 
_pdbx_poly_seq_scheme.mon_id 
_pdbx_poly_seq_scheme.ndb_seq_num 
_pdbx_poly_seq_scheme.pdb_seq_num 
_pdbx_poly_seq_scheme.auth_seq_num 
_pdbx_poly_seq_scheme.pdb_mon_id 
_pdbx_poly_seq_scheme.auth_mon_id 
_pdbx_poly_seq_scheme.pdb_strand_id 
_pdbx_poly_seq_scheme.pdb_ins_code 
_pdbx_poly_seq_scheme.hetero 
A 1 1  C 1  1  1  C C A . n 
A 1 2  U 2  2  2  U U A . n 
A 1 3  G 3  3  3  G G A . n 
A 1 4  G 4  4  4  G G A . n 
A 1 5  G 5  5  5  G G A . n 
A 1 6  U 6  6  6  U U A . n 
A 1 7  C 7  7  7  C C A . n 
A 1 8  G 8  8  8  G G A . n 
A 1 9  C 9  9  9  C C A . n 
A 1 10 A 10 10 10 A A A . n 
A 1 11 G 11 11 11 G G A . n 
A 1 12 U 12 12 12 U U A . n 
A 1 13 N 13 13 13 N N A . n 
A 1 14 N 14 14 14 N N A . n 
A 1 15 N 15 15 15 N N A . n 
A 1 16 C 16 16 16 C C A . n 
A 1 17 C 17 17 17 C C A . n 
A 1 18 C 18 18 18 C C A . n 
A 1 19 A 19 19 19 A A A . n 
A 1 20 G 20 20 20 G G A . n 
A 1 21 U 21 21 21 U U A . n 
A 1 22 U 22 22 22 U U A . n 
A 1 23 A 23 23 23 A A A . n 
A 1 24 A 24 24 24 A A A . n 
A 1 25 C 25 25 25 C C A . n 
A 1 26 A 26 26 26 A A A . n 
A 1 27 A 27 27 27 A A A . n 
A 1 28 A 28 28 28 A A A . n 
A 1 29 A 29 29 29 A A A . n 
A 1 30 C 30 30 30 C C A . n 
A 1 31 A 31 31 31 A A A . n 
A 1 32 A 32 32 32 A A A . n 
A 1 33 G 33 33 33 G G A . n 
# 
loop_
_pdbx_nonpoly_scheme.asym_id 
_pdbx_nonpoly_scheme.entity_id 
_pdbx_nonpoly_scheme.mon_id 
_pdbx_nonpoly_scheme.ndb_seq_num 
_pdbx_nonpoly_scheme.pdb_seq_num 
_pdbx_nonpoly_scheme.auth_seq_num 
_pdbx_nonpoly_scheme.pdb_mon_id 
_pdbx_nonpoly_scheme.auth_mon_id 
_pdbx_nonpoly_scheme.pdb_strand_id 
_pdbx_nonpoly_scheme.pdb_ins_code 
B 2 HMV 1 101 1 HMV LIG A . 
C 3 HOH 1 201 1 HOH HOH A . 
C 3 HOH 2 202 2 HOH HOH A . 
# 
_pdbx_struct_assembly.id                   1 
_pdbx_struct_assembly.details              author_defined_assembly 
_pdbx_struct_assembly.method_details       ? 
_pdbx_struct_assembly.oligomeric_details   monomeric 
_pdbx_struct_assembly.oligomeric_count     1 
# 
_pdbx_struct_assembly_gen.assembly_id       1 
_pdbx_struct_assembly_gen.oper_expression   1 
_pdbx_struct_assembly_gen.asym_id_list      A,B,C 
# 
loop_
_pdbx_struct_assembly_prop.biol_id 
_pdbx_struct_assembly_prop.type 
_pdbx_struct_assembly_prop.value 
_pdbx_struct_assembly_prop.details 
1 'ABSA (A^2)' 1140 ? 
1 MORE         -6   ? 
1 'SSA (A^2)'  4970 ? 
# 
_pdbx_struct_oper_list.id                   1 
_pdbx_struct_oper_list.type                 'identity operation' 
_pdbx_struct_oper_list.name                 1_555 
_pdbx_struct_oper_list.symmetry_operation   x,y,z 
_pdbx_struct_oper_list.matrix[1][1]         1.0000000000 
_pdbx_struct_oper_list.matrix[1][2]         0.0000000000 
_pdbx_struct_oper_list.matrix[1][3]         0.0000000000 
_pdbx_struct_oper_list.vector[1]            0.0000000000 
_pdbx_struct_oper_list.matrix[2][1]         0.0000000000 
_pdbx_struct_oper_list.matrix[2][2]         1.0000000000 
_pdbx_struct_oper_list.matrix[2][3]         0.0000000000 
_pdbx_struct_oper_list.vector[2]            0.0000000000 
_pdbx_struct_oper_list.matrix[3][1]         0.0000000000 
_pdbx_struct_oper_list.matrix[3][2]         0.0000000000 
_pdbx_struct_oper_list.matrix[3][3]         1.0000000000 
_pdbx_struct_oper_list.vector[3]            0.0000000000 
# 
loop_
_pdbx_audit_revision_history.ordinal 
_pdbx_audit_revision_history.data_content_type 
_pdbx_audit_revision_history.major_revision 
_pdbx_audit_revision_history.minor_revision 
_pdbx_audit_revision_history.revision_date 
1 'Structure model' 1 0 2019-04-10 
2 'Structure model' 1 1 2019-04-17 
3 'Structure model' 2 0 2019-12-04 
4 'Structure model' 2 1 2023-10-11 
# 
_pdbx_audit_revision_details.ordinal             1 
_pdbx_audit_revision_details.revision_ordinal    1 
_pdbx_audit_revision_details.data_content_type   'Structure model' 
_pdbx_audit_revision_details.provider            repository 
_pdbx_audit_revision_details.type                'Initial release' 
_pdbx_audit_revision_details.description         ? 
_pdbx_audit_revision_details.details             ? 
# 
loop_
_pdbx_audit_revision_group.ordinal 
_pdbx_audit_revision_group.revision_ordinal 
_pdbx_audit_revision_group.data_content_type 
_pdbx_audit_revision_group.group 
1 2 'Structure model' 'Data collection'            
2 2 'Structure model' 'Database references'        
3 3 'Structure model' 'Author supporting evidence' 
4 3 'Structure model' 'Polymer sequence'           
5 4 'Structure model' Advisory                     
6 4 'Structure model' 'Data collection'            
7 4 'Structure model' 'Database references'        
8 4 'Structure model' 'Refinement description'     
# 
loop_
_pdbx_audit_revision_category.ordinal 
_pdbx_audit_revision_category.revision_ordinal 
_pdbx_audit_revision_category.data_content_type 
_pdbx_audit_revision_category.category 
1 2 'Structure model' citation                      
2 2 'Structure model' citation_author               
3 3 'Structure model' entity_poly                   
4 3 'Structure model' pdbx_audit_support            
5 4 'Structure model' chem_comp_atom                
6 4 'Structure model' chem_comp_bond                
7 4 'Structure model' database_2                    
8 4 'Structure model' pdbx_initial_refinement_model 
9 4 'Structure model' pdbx_unobs_or_zero_occ_atoms  
# 
loop_
_pdbx_audit_revision_item.ordinal 
_pdbx_audit_revision_item.revision_ordinal 
_pdbx_audit_revision_item.data_content_type 
_pdbx_audit_revision_item.item 
1 2 'Structure model' '_citation.page_first'                     
2 2 'Structure model' '_citation.page_last'                      
3 2 'Structure model' '_citation.pdbx_database_id_PubMed'        
4 2 'Structure model' '_citation.title'                          
5 2 'Structure model' '_citation_author.name'                    
6 3 'Structure model' '_entity_poly.pdbx_seq_one_letter_code'    
7 3 'Structure model' '_pdbx_audit_support.funding_organization' 
8 4 'Structure model' '_database_2.pdbx_DOI'                     
9 4 'Structure model' '_database_2.pdbx_database_accession'      
# 
loop_
_pdbx_refine_tls.pdbx_refine_id 
_pdbx_refine_tls.id 
_pdbx_refine_tls.details 
_pdbx_refine_tls.method 
_pdbx_refine_tls.origin_x 
_pdbx_refine_tls.origin_y 
_pdbx_refine_tls.origin_z 
_pdbx_refine_tls.T[1][1] 
_pdbx_refine_tls.T[2][2] 
_pdbx_refine_tls.T[3][3] 
_pdbx_refine_tls.T[1][2] 
_pdbx_refine_tls.T[1][3] 
_pdbx_refine_tls.T[2][3] 
_pdbx_refine_tls.L[1][1] 
_pdbx_refine_tls.L[2][2] 
_pdbx_refine_tls.L[3][3] 
_pdbx_refine_tls.L[1][2] 
_pdbx_refine_tls.L[1][3] 
_pdbx_refine_tls.L[2][3] 
_pdbx_refine_tls.S[1][1] 
_pdbx_refine_tls.S[2][2] 
_pdbx_refine_tls.S[3][3] 
_pdbx_refine_tls.S[1][2] 
_pdbx_refine_tls.S[1][3] 
_pdbx_refine_tls.S[2][3] 
_pdbx_refine_tls.S[2][1] 
_pdbx_refine_tls.S[3][1] 
_pdbx_refine_tls.S[3][2] 
'X-RAY DIFFRACTION' 1 ? refined 0.5220  -2.2378 2.0921  0.3273 1.3924 1.4045 0.2903 -0.1505 0.6196 2.2371 0.0686 0.5705 -0.0777 0.9653  -0.1355 0.0521  0.0230  0.3168 -0.2867 -0.0396 -0.0647 0.0908  0.1082  0.0121  
'X-RAY DIFFRACTION' 2 ? refined 2.8801  3.0760  7.7737  0.4696 1.3788 1.1998 0.1843 -0.1546 0.3265 1.4667 1.6883 1.1660 -1.2667 -1.1431 1.3916  -0.1037 -0.4377 0.3880 0.3452  0.2838  0.6857  -0.3910 -0.4421 -0.5803 
'X-RAY DIFFRACTION' 3 ? refined -1.1317 0.4758  -2.9438 0.3104 1.0163 1.1135 0.0501 -0.0692 0.3649 6.3385 0.5350 1.7160 -0.6590 2.8635  0.1454  0.0979  0.0981  0.1919 -0.1885 -0.3991 -0.0902 0.0766  0.3958  0.3344  
# 
loop_
_pdbx_refine_tls_group.pdbx_refine_id 
_pdbx_refine_tls_group.id 
_pdbx_refine_tls_group.refine_tls_id 
_pdbx_refine_tls_group.beg_auth_asym_id 
_pdbx_refine_tls_group.beg_auth_seq_id 
_pdbx_refine_tls_group.end_auth_asym_id 
_pdbx_refine_tls_group.end_auth_seq_id 
_pdbx_refine_tls_group.selection_details 
_pdbx_refine_tls_group.beg_label_asym_id 
_pdbx_refine_tls_group.beg_label_seq_id 
_pdbx_refine_tls_group.end_label_asym_id 
_pdbx_refine_tls_group.end_label_seq_id 
_pdbx_refine_tls_group.selection 
'X-RAY DIFFRACTION' 1 1 A 1  A 10 '(chain A and resid 1:10)'  ? ? ? ? ? 
'X-RAY DIFFRACTION' 2 2 A 11 A 15 '(chain A and resid 11:15)' ? ? ? ? ? 
'X-RAY DIFFRACTION' 3 3 A 16 A 33 '(chain A and resid 16:33)' ? ? ? ? ? 
# 
_pdbx_phasing_MR.entry_id                     6E1V 
_pdbx_phasing_MR.method_rotation              ? 
_pdbx_phasing_MR.method_translation           ? 
_pdbx_phasing_MR.model_details                ? 
_pdbx_phasing_MR.R_factor                     ? 
_pdbx_phasing_MR.R_rigid_body                 ? 
_pdbx_phasing_MR.correlation_coeff_Fo_to_Fc   ? 
_pdbx_phasing_MR.correlation_coeff_Io_to_Ic   ? 
_pdbx_phasing_MR.d_res_high_rotation          5.560 
_pdbx_phasing_MR.d_res_low_rotation           41.090 
_pdbx_phasing_MR.d_res_high_translation       5.560 
_pdbx_phasing_MR.d_res_low_translation        41.090 
_pdbx_phasing_MR.packing                      ? 
_pdbx_phasing_MR.reflns_percent_rotation      ? 
_pdbx_phasing_MR.reflns_percent_translation   ? 
_pdbx_phasing_MR.sigma_F_rotation             ? 
_pdbx_phasing_MR.sigma_F_translation          ? 
_pdbx_phasing_MR.sigma_I_rotation             ? 
_pdbx_phasing_MR.sigma_I_translation          ? 
# 
_phasing.method   MR 
# 
loop_
_software.citation_id 
_software.classification 
_software.compiler_name 
_software.compiler_version 
_software.contact_author 
_software.contact_author_email 
_software.date 
_software.description 
_software.dependencies 
_software.hardware 
_software.language 
_software.location 
_software.mods 
_software.name 
_software.os 
_software.os_version 
_software.type 
_software.version 
_software.pdbx_ordinal 
? 'data scaling'    ? ? ? ? ? ? ? ? ? ? ? Aimless     ? ? ? 0.6.2  1 
? phasing           ? ? ? ? ? ? ? ? ? ? ? PHASER      ? ? ? 2.7.16 2 
? refinement        ? ? ? ? ? ? ? ? ? ? ? PHENIX      ? ? ? .      3 
? 'data extraction' ? ? ? ? ? ? ? ? ? ? ? PDB_EXTRACT ? ? ? 3.24   4 
? 'data reduction'  ? ? ? ? ? ? ? ? ? ? ? XDS         ? ? ? .      5 
# 
loop_
_pdbx_unobs_or_zero_occ_atoms.id 
_pdbx_unobs_or_zero_occ_atoms.PDB_model_num 
_pdbx_unobs_or_zero_occ_atoms.polymer_flag 
_pdbx_unobs_or_zero_occ_atoms.occupancy_flag 
_pdbx_unobs_or_zero_occ_atoms.auth_asym_id 
_pdbx_unobs_or_zero_occ_atoms.auth_comp_id 
_pdbx_unobs_or_zero_occ_atoms.auth_seq_id 
_pdbx_unobs_or_zero_occ_atoms.PDB_ins_code 
_pdbx_unobs_or_zero_occ_atoms.auth_atom_id 
_pdbx_unobs_or_zero_occ_atoms.label_alt_id 
_pdbx_unobs_or_zero_occ_atoms.label_asym_id 
_pdbx_unobs_or_zero_occ_atoms.label_comp_id 
_pdbx_unobs_or_zero_occ_atoms.label_seq_id 
_pdbx_unobs_or_zero_occ_atoms.label_atom_id 
1 1 Y 0 A N 14 ? "C5'" ? A N 14 "C5'" 
2 1 Y 0 A N 14 ? "C2'" ? A N 14 "C2'" 
# 
loop_
_chem_comp_atom.comp_id 
_chem_comp_atom.atom_id 
_chem_comp_atom.type_symbol 
_chem_comp_atom.pdbx_aromatic_flag 
_chem_comp_atom.pdbx_stereo_config 
_chem_comp_atom.pdbx_ordinal 
A   OP3    O N N 1   
A   P      P N N 2   
A   OP1    O N N 3   
A   OP2    O N N 4   
A   "O5'"  O N N 5   
A   "C5'"  C N N 6   
A   "C4'"  C N R 7   
A   "O4'"  O N N 8   
A   "C3'"  C N S 9   
A   "O3'"  O N N 10  
A   "C2'"  C N R 11  
A   "O2'"  O N N 12  
A   "C1'"  C N R 13  
A   N9     N Y N 14  
A   C8     C Y N 15  
A   N7     N Y N 16  
A   C5     C Y N 17  
A   C6     C Y N 18  
A   N6     N N N 19  
A   N1     N Y N 20  
A   C2     C Y N 21  
A   N3     N Y N 22  
A   C4     C Y N 23  
A   HOP3   H N N 24  
A   HOP2   H N N 25  
A   "H5'"  H N N 26  
A   "H5''" H N N 27  
A   "H4'"  H N N 28  
A   "H3'"  H N N 29  
A   "HO3'" H N N 30  
A   "H2'"  H N N 31  
A   "HO2'" H N N 32  
A   "H1'"  H N N 33  
A   H8     H N N 34  
A   H61    H N N 35  
A   H62    H N N 36  
A   H2     H N N 37  
C   OP3    O N N 38  
C   P      P N N 39  
C   OP1    O N N 40  
C   OP2    O N N 41  
C   "O5'"  O N N 42  
C   "C5'"  C N N 43  
C   "C4'"  C N R 44  
C   "O4'"  O N N 45  
C   "C3'"  C N S 46  
C   "O3'"  O N N 47  
C   "C2'"  C N R 48  
C   "O2'"  O N N 49  
C   "C1'"  C N R 50  
C   N1     N N N 51  
C   C2     C N N 52  
C   O2     O N N 53  
C   N3     N N N 54  
C   C4     C N N 55  
C   N4     N N N 56  
C   C5     C N N 57  
C   C6     C N N 58  
C   HOP3   H N N 59  
C   HOP2   H N N 60  
C   "H5'"  H N N 61  
C   "H5''" H N N 62  
C   "H4'"  H N N 63  
C   "H3'"  H N N 64  
C   "HO3'" H N N 65  
C   "H2'"  H N N 66  
C   "HO2'" H N N 67  
C   "H1'"  H N N 68  
C   H41    H N N 69  
C   H42    H N N 70  
C   H5     H N N 71  
C   H6     H N N 72  
G   OP3    O N N 73  
G   P      P N N 74  
G   OP1    O N N 75  
G   OP2    O N N 76  
G   "O5'"  O N N 77  
G   "C5'"  C N N 78  
G   "C4'"  C N R 79  
G   "O4'"  O N N 80  
G   "C3'"  C N S 81  
G   "O3'"  O N N 82  
G   "C2'"  C N R 83  
G   "O2'"  O N N 84  
G   "C1'"  C N R 85  
G   N9     N Y N 86  
G   C8     C Y N 87  
G   N7     N Y N 88  
G   C5     C Y N 89  
G   C6     C N N 90  
G   O6     O N N 91  
G   N1     N N N 92  
G   C2     C N N 93  
G   N2     N N N 94  
G   N3     N N N 95  
G   C4     C Y N 96  
G   HOP3   H N N 97  
G   HOP2   H N N 98  
G   "H5'"  H N N 99  
G   "H5''" H N N 100 
G   "H4'"  H N N 101 
G   "H3'"  H N N 102 
G   "HO3'" H N N 103 
G   "H2'"  H N N 104 
G   "HO2'" H N N 105 
G   "H1'"  H N N 106 
G   H8     H N N 107 
G   H1     H N N 108 
G   H21    H N N 109 
G   H22    H N N 110 
HMV C10    C Y N 111 
HMV C13    C Y N 112 
HMV C15    C N N 113 
HMV C01    C Y N 114 
HMV C02    C Y N 115 
HMV C03    C Y N 116 
HMV C04    C Y N 117 
HMV C05    C Y N 118 
HMV C06    C Y N 119 
HMV C07    C Y N 120 
HMV C08    C Y N 121 
HMV C11    C Y N 122 
HMV C12    C Y N 123 
HMV C16    C N N 124 
HMV C18    C N N 125 
HMV C19    C N N 126 
HMV N09    N Y N 127 
HMV N17    N N N 128 
HMV O14    O N N 129 
HMV H1     H N N 130 
HMV H2     H N N 131 
HMV H3     H N N 132 
HMV H4     H N N 133 
HMV H5     H N N 134 
HMV H6     H N N 135 
HMV H7     H N N 136 
HMV H8     H N N 137 
HMV H9     H N N 138 
HMV H10    H N N 139 
HMV H11    H N N 140 
HMV H12    H N N 141 
HMV H13    H N N 142 
HMV H14    H N N 143 
HMV H15    H N N 144 
HMV H16    H N N 145 
HMV H17    H N N 146 
HMV H18    H N N 147 
HOH O      O N N 148 
HOH H1     H N N 149 
HOH H2     H N N 150 
U   OP3    O N N 151 
U   P      P N N 152 
U   OP1    O N N 153 
U   OP2    O N N 154 
U   "O5'"  O N N 155 
U   "C5'"  C N N 156 
U   "C4'"  C N R 157 
U   "O4'"  O N N 158 
U   "C3'"  C N S 159 
U   "O3'"  O N N 160 
U   "C2'"  C N R 161 
U   "O2'"  O N N 162 
U   "C1'"  C N R 163 
U   N1     N N N 164 
U   C2     C N N 165 
U   O2     O N N 166 
U   N3     N N N 167 
U   C4     C N N 168 
U   O4     O N N 169 
U   C5     C N N 170 
U   C6     C N N 171 
U   HOP3   H N N 172 
U   HOP2   H N N 173 
U   "H5'"  H N N 174 
U   "H5''" H N N 175 
U   "H4'"  H N N 176 
U   "H3'"  H N N 177 
U   "HO3'" H N N 178 
U   "H2'"  H N N 179 
U   "HO2'" H N N 180 
U   "H1'"  H N N 181 
U   H3     H N N 182 
U   H5     H N N 183 
U   H6     H N N 184 
# 
loop_
_chem_comp_bond.comp_id 
_chem_comp_bond.atom_id_1 
_chem_comp_bond.atom_id_2 
_chem_comp_bond.value_order 
_chem_comp_bond.pdbx_aromatic_flag 
_chem_comp_bond.pdbx_stereo_config 
_chem_comp_bond.pdbx_ordinal 
A   OP3   P      sing N N 1   
A   OP3   HOP3   sing N N 2   
A   P     OP1    doub N N 3   
A   P     OP2    sing N N 4   
A   P     "O5'"  sing N N 5   
A   OP2   HOP2   sing N N 6   
A   "O5'" "C5'"  sing N N 7   
A   "C5'" "C4'"  sing N N 8   
A   "C5'" "H5'"  sing N N 9   
A   "C5'" "H5''" sing N N 10  
A   "C4'" "O4'"  sing N N 11  
A   "C4'" "C3'"  sing N N 12  
A   "C4'" "H4'"  sing N N 13  
A   "O4'" "C1'"  sing N N 14  
A   "C3'" "O3'"  sing N N 15  
A   "C3'" "C2'"  sing N N 16  
A   "C3'" "H3'"  sing N N 17  
A   "O3'" "HO3'" sing N N 18  
A   "C2'" "O2'"  sing N N 19  
A   "C2'" "C1'"  sing N N 20  
A   "C2'" "H2'"  sing N N 21  
A   "O2'" "HO2'" sing N N 22  
A   "C1'" N9     sing N N 23  
A   "C1'" "H1'"  sing N N 24  
A   N9    C8     sing Y N 25  
A   N9    C4     sing Y N 26  
A   C8    N7     doub Y N 27  
A   C8    H8     sing N N 28  
A   N7    C5     sing Y N 29  
A   C5    C6     sing Y N 30  
A   C5    C4     doub Y N 31  
A   C6    N6     sing N N 32  
A   C6    N1     doub Y N 33  
A   N6    H61    sing N N 34  
A   N6    H62    sing N N 35  
A   N1    C2     sing Y N 36  
A   C2    N3     doub Y N 37  
A   C2    H2     sing N N 38  
A   N3    C4     sing Y N 39  
C   OP3   P      sing N N 40  
C   OP3   HOP3   sing N N 41  
C   P     OP1    doub N N 42  
C   P     OP2    sing N N 43  
C   P     "O5'"  sing N N 44  
C   OP2   HOP2   sing N N 45  
C   "O5'" "C5'"  sing N N 46  
C   "C5'" "C4'"  sing N N 47  
C   "C5'" "H5'"  sing N N 48  
C   "C5'" "H5''" sing N N 49  
C   "C4'" "O4'"  sing N N 50  
C   "C4'" "C3'"  sing N N 51  
C   "C4'" "H4'"  sing N N 52  
C   "O4'" "C1'"  sing N N 53  
C   "C3'" "O3'"  sing N N 54  
C   "C3'" "C2'"  sing N N 55  
C   "C3'" "H3'"  sing N N 56  
C   "O3'" "HO3'" sing N N 57  
C   "C2'" "O2'"  sing N N 58  
C   "C2'" "C1'"  sing N N 59  
C   "C2'" "H2'"  sing N N 60  
C   "O2'" "HO2'" sing N N 61  
C   "C1'" N1     sing N N 62  
C   "C1'" "H1'"  sing N N 63  
C   N1    C2     sing N N 64  
C   N1    C6     sing N N 65  
C   C2    O2     doub N N 66  
C   C2    N3     sing N N 67  
C   N3    C4     doub N N 68  
C   C4    N4     sing N N 69  
C   C4    C5     sing N N 70  
C   N4    H41    sing N N 71  
C   N4    H42    sing N N 72  
C   C5    C6     doub N N 73  
C   C5    H5     sing N N 74  
C   C6    H6     sing N N 75  
G   OP3   P      sing N N 76  
G   OP3   HOP3   sing N N 77  
G   P     OP1    doub N N 78  
G   P     OP2    sing N N 79  
G   P     "O5'"  sing N N 80  
G   OP2   HOP2   sing N N 81  
G   "O5'" "C5'"  sing N N 82  
G   "C5'" "C4'"  sing N N 83  
G   "C5'" "H5'"  sing N N 84  
G   "C5'" "H5''" sing N N 85  
G   "C4'" "O4'"  sing N N 86  
G   "C4'" "C3'"  sing N N 87  
G   "C4'" "H4'"  sing N N 88  
G   "O4'" "C1'"  sing N N 89  
G   "C3'" "O3'"  sing N N 90  
G   "C3'" "C2'"  sing N N 91  
G   "C3'" "H3'"  sing N N 92  
G   "O3'" "HO3'" sing N N 93  
G   "C2'" "O2'"  sing N N 94  
G   "C2'" "C1'"  sing N N 95  
G   "C2'" "H2'"  sing N N 96  
G   "O2'" "HO2'" sing N N 97  
G   "C1'" N9     sing N N 98  
G   "C1'" "H1'"  sing N N 99  
G   N9    C8     sing Y N 100 
G   N9    C4     sing Y N 101 
G   C8    N7     doub Y N 102 
G   C8    H8     sing N N 103 
G   N7    C5     sing Y N 104 
G   C5    C6     sing N N 105 
G   C5    C4     doub Y N 106 
G   C6    O6     doub N N 107 
G   C6    N1     sing N N 108 
G   N1    C2     sing N N 109 
G   N1    H1     sing N N 110 
G   C2    N2     sing N N 111 
G   C2    N3     doub N N 112 
G   N2    H21    sing N N 113 
G   N2    H22    sing N N 114 
G   N3    C4     sing N N 115 
HMV C01   C02    doub Y N 116 
HMV C01   C06    sing Y N 117 
HMV C02   C03    sing Y N 118 
HMV C06   C05    doub Y N 119 
HMV C03   C04    doub Y N 120 
HMV C05   C04    sing Y N 121 
HMV C05   N09    sing Y N 122 
HMV C04   C07    sing Y N 123 
HMV N09   C08    sing Y N 124 
HMV C07   C08    doub Y N 125 
HMV C07   C10    sing Y N 126 
HMV C08   C13    sing Y N 127 
HMV C10   C11    doub Y N 128 
HMV C13   C12    doub Y N 129 
HMV C11   C12    sing Y N 130 
HMV C11   O14    sing N N 131 
HMV C15   O14    sing N N 132 
HMV C15   C16    sing N N 133 
HMV C16   N17    sing N N 134 
HMV N17   C19    sing N N 135 
HMV N17   C18    sing N N 136 
HMV C10   H1     sing N N 137 
HMV C13   H2     sing N N 138 
HMV C15   H3     sing N N 139 
HMV C15   H4     sing N N 140 
HMV C01   H5     sing N N 141 
HMV C02   H6     sing N N 142 
HMV C03   H7     sing N N 143 
HMV C06   H8     sing N N 144 
HMV C12   H9     sing N N 145 
HMV C16   H10    sing N N 146 
HMV C16   H11    sing N N 147 
HMV C18   H12    sing N N 148 
HMV C18   H13    sing N N 149 
HMV C18   H14    sing N N 150 
HMV C19   H15    sing N N 151 
HMV C19   H16    sing N N 152 
HMV C19   H17    sing N N 153 
HMV N09   H18    sing N N 154 
HOH O     H1     sing N N 155 
HOH O     H2     sing N N 156 
U   OP3   P      sing N N 157 
U   OP3   HOP3   sing N N 158 
U   P     OP1    doub N N 159 
U   P     OP2    sing N N 160 
U   P     "O5'"  sing N N 161 
U   OP2   HOP2   sing N N 162 
U   "O5'" "C5'"  sing N N 163 
U   "C5'" "C4'"  sing N N 164 
U   "C5'" "H5'"  sing N N 165 
U   "C5'" "H5''" sing N N 166 
U   "C4'" "O4'"  sing N N 167 
U   "C4'" "C3'"  sing N N 168 
U   "C4'" "H4'"  sing N N 169 
U   "O4'" "C1'"  sing N N 170 
U   "C3'" "O3'"  sing N N 171 
U   "C3'" "C2'"  sing N N 172 
U   "C3'" "H3'"  sing N N 173 
U   "O3'" "HO3'" sing N N 174 
U   "C2'" "O2'"  sing N N 175 
U   "C2'" "C1'"  sing N N 176 
U   "C2'" "H2'"  sing N N 177 
U   "O2'" "HO2'" sing N N 178 
U   "C1'" N1     sing N N 179 
U   "C1'" "H1'"  sing N N 180 
U   N1    C2     sing N N 181 
U   N1    C6     sing N N 182 
U   C2    O2     doub N N 183 
U   C2    N3     sing N N 184 
U   N3    C4     sing N N 185 
U   N3    H3     sing N N 186 
U   C4    O4     doub N N 187 
U   C4    C5     sing N N 188 
U   C5    C6     doub N N 189 
U   C5    H5     sing N N 190 
U   C6    H6     sing N N 191 
# 
loop_
_ndb_struct_conf_na.entry_id 
_ndb_struct_conf_na.feature 
6E1V 'double helix'        
6E1V 'a-form double helix' 
6E1V 'parallel strands'    
6E1V 'bulge loop'          
6E1V 'triple helix'        
# 
loop_
_ndb_struct_na_base_pair.model_number 
_ndb_struct_na_base_pair.i_label_asym_id 
_ndb_struct_na_base_pair.i_label_comp_id 
_ndb_struct_na_base_pair.i_label_seq_id 
_ndb_struct_na_base_pair.i_symmetry 
_ndb_struct_na_base_pair.j_label_asym_id 
_ndb_struct_na_base_pair.j_label_comp_id 
_ndb_struct_na_base_pair.j_label_seq_id 
_ndb_struct_na_base_pair.j_symmetry 
_ndb_struct_na_base_pair.shear 
_ndb_struct_na_base_pair.stretch 
_ndb_struct_na_base_pair.stagger 
_ndb_struct_na_base_pair.buckle 
_ndb_struct_na_base_pair.propeller 
_ndb_struct_na_base_pair.opening 
_ndb_struct_na_base_pair.pair_number 
_ndb_struct_na_base_pair.pair_name 
_ndb_struct_na_base_pair.i_auth_asym_id 
_ndb_struct_na_base_pair.i_auth_seq_id 
_ndb_struct_na_base_pair.i_PDB_ins_code 
_ndb_struct_na_base_pair.j_auth_asym_id 
_ndb_struct_na_base_pair.j_auth_seq_id 
_ndb_struct_na_base_pair.j_PDB_ins_code 
_ndb_struct_na_base_pair.hbond_type_28 
_ndb_struct_na_base_pair.hbond_type_12 
1 A C 1  1_555 A G 20 1_555 0.061  -0.157 0.113  2.321   -5.976  -1.755  1  A_C1:G20_A  A 1  ? A 20 ? 19 1  
1 A U 2  1_555 A A 19 1_555 0.273  -0.190 0.395  -6.176  -11.839 -0.494  2  A_U2:A19_A  A 2  ? A 19 ? 20 1  
1 A G 3  1_555 A C 18 1_555 -0.078 -0.220 0.076  -7.283  -9.423  0.121   3  A_G3:C18_A  A 3  ? A 18 ? 19 1  
1 A G 4  1_555 A C 17 1_555 -0.058 -0.115 0.266  -4.644  -10.526 -0.531  4  A_G4:C17_A  A 4  ? A 17 ? 19 1  
1 A G 5  1_555 A C 16 1_555 -0.416 -0.386 0.161  -5.556  -8.889  -3.178  5  A_G5:C16_A  A 5  ? A 16 ? 19 1  
1 A U 6  1_555 A A 28 1_555 -0.386 3.096  2.069  -26.071 -21.325 -69.879 6  A_U6:A28_A  A 6  ? A 28 ? 23 3  
1 A C 30 1_555 A G 11 1_555 0.951  -0.052 0.278  -0.679  -22.239 -2.385  7  A_C30:G11_A A 30 ? A 11 ? 19 1  
1 A A 31 1_555 A G 8  1_555 -3.655 4.190  0.244  -13.161 -14.853 67.950  8  A_A31:G8_A  A 31 ? A 8  ? 10 6  
1 A A 32 1_555 A A 10 1_555 -6.261 -4.164 -0.105 -8.692  -11.174 -19.671 9  A_A32:A10_A A 32 ? A 10 ? ?  10 
1 A G 33 1_555 A C 9  1_555 0.171  -0.598 0.016  -2.122  -7.575  -3.600  10 A_G33:C9_A  A 33 ? A 9  ? 19 1  
# 
loop_
_ndb_struct_na_base_pair_step.model_number 
_ndb_struct_na_base_pair_step.i_label_asym_id_1 
_ndb_struct_na_base_pair_step.i_label_comp_id_1 
_ndb_struct_na_base_pair_step.i_label_seq_id_1 
_ndb_struct_na_base_pair_step.i_symmetry_1 
_ndb_struct_na_base_pair_step.j_label_asym_id_1 
_ndb_struct_na_base_pair_step.j_label_comp_id_1 
_ndb_struct_na_base_pair_step.j_label_seq_id_1 
_ndb_struct_na_base_pair_step.j_symmetry_1 
_ndb_struct_na_base_pair_step.i_label_asym_id_2 
_ndb_struct_na_base_pair_step.i_label_comp_id_2 
_ndb_struct_na_base_pair_step.i_label_seq_id_2 
_ndb_struct_na_base_pair_step.i_symmetry_2 
_ndb_struct_na_base_pair_step.j_label_asym_id_2 
_ndb_struct_na_base_pair_step.j_label_comp_id_2 
_ndb_struct_na_base_pair_step.j_label_seq_id_2 
_ndb_struct_na_base_pair_step.j_symmetry_2 
_ndb_struct_na_base_pair_step.shift 
_ndb_struct_na_base_pair_step.slide 
_ndb_struct_na_base_pair_step.rise 
_ndb_struct_na_base_pair_step.tilt 
_ndb_struct_na_base_pair_step.roll 
_ndb_struct_na_base_pair_step.twist 
_ndb_struct_na_base_pair_step.x_displacement 
_ndb_struct_na_base_pair_step.y_displacement 
_ndb_struct_na_base_pair_step.helical_rise 
_ndb_struct_na_base_pair_step.inclination 
_ndb_struct_na_base_pair_step.tip 
_ndb_struct_na_base_pair_step.helical_twist 
_ndb_struct_na_base_pair_step.step_number 
_ndb_struct_na_base_pair_step.step_name 
_ndb_struct_na_base_pair_step.i_auth_asym_id_1 
_ndb_struct_na_base_pair_step.i_auth_seq_id_1 
_ndb_struct_na_base_pair_step.i_PDB_ins_code_1 
_ndb_struct_na_base_pair_step.j_auth_asym_id_1 
_ndb_struct_na_base_pair_step.j_auth_seq_id_1 
_ndb_struct_na_base_pair_step.j_PDB_ins_code_1 
_ndb_struct_na_base_pair_step.i_auth_asym_id_2 
_ndb_struct_na_base_pair_step.i_auth_seq_id_2 
_ndb_struct_na_base_pair_step.i_PDB_ins_code_2 
_ndb_struct_na_base_pair_step.j_auth_asym_id_2 
_ndb_struct_na_base_pair_step.j_auth_seq_id_2 
_ndb_struct_na_base_pair_step.j_PDB_ins_code_2 
1 A C 1  1_555 A G 20 1_555 A U 2  1_555 A A 19 1_555 0.592  -1.520 3.327 0.638   5.850  38.888  -2.945 -0.805 3.084  8.726   
-0.952  39.313  1 AA_C1U2:A19G20_AA  A 1  ? A 20 ? A 2  ? A 19 ? 
1 A U 2  1_555 A A 19 1_555 A G 3  1_555 A C 18 1_555 -0.184 -1.691 3.041 3.008   8.293  29.292  -4.619 0.860  2.451  15.949  
-5.785  30.564  2 AA_U2G3:C18A19_AA  A 2  ? A 19 ? A 3  ? A 18 ? 
1 A G 3  1_555 A C 18 1_555 A G 4  1_555 A C 17 1_555 0.493  -1.447 3.139 0.552   3.862  29.501  -3.572 -0.852 2.939  7.543   
-1.078  29.752  3 AA_G3G4:C17C18_AA  A 3  ? A 18 ? A 4  ? A 17 ? 
1 A G 4  1_555 A C 17 1_555 A G 5  1_555 A C 16 1_555 0.419  -1.810 3.209 3.245   3.276  35.162  -3.435 -0.230 3.059  5.395   
-5.343  35.454  4 AA_G4G5:C16C17_AA  A 4  ? A 17 ? A 5  ? A 16 ? 
1 A G 5  1_555 A C 16 1_555 A U 6  1_555 A A 28 1_555 -6.485 -1.210 1.381 10.285  7.047  23.009  -2.601 14.233 -1.621 16.227  
-23.684 26.130  5 AA_G5U6:A28C16_AA  A 5  ? A 16 ? A 6  ? A 28 ? 
1 A U 6  1_555 A A 28 1_555 A C 30 1_555 A G 11 1_555 0.259  -3.528 5.734 -0.713  -1.287 117.574 -2.040 -0.164 5.757  -0.753  
0.417   117.580 6 AA_U6C30:G11A28_AA A 6  ? A 28 ? A 30 ? A 11 ? 
1 A C 30 1_555 A G 11 1_555 A A 31 1_555 A G 8  1_555 0.824  -3.703 3.085 6.685   9.879  -8.630  2.912  11.031 3.921  -44.922 
30.398  -14.714 7 AA_C30A31:G8G11_AA A 30 ? A 11 ? A 31 ? A 8  ? 
1 A A 31 1_555 A G 8  1_555 A A 32 1_555 A A 10 1_555 -4.623 2.885  4.159 -20.760 2.499  33.335  3.790  2.643  6.114  3.915   
32.521  39.192  8 AA_A31A32:A10G8_AA A 31 ? A 8  ? A 32 ? A 10 ? 
1 A A 32 1_555 A A 10 1_555 A G 33 1_555 A C 9  1_555 1.221  -1.250 3.311 0.786   1.247  56.795  -1.383 -1.240 3.301  1.311   
-0.826  56.812  9 AA_A32G33:C9A10_AA A 32 ? A 10 ? A 33 ? A 9  ? 
# 
loop_
_pdbx_audit_support.funding_organization 
_pdbx_audit_support.country 
_pdbx_audit_support.grant_number 
_pdbx_audit_support.ordinal 
'National Institutes of Health/National Heart, Lung, and Blood Institute (NIH/NHLBI)' 'United States' ? 1 
'National Institutes of Health/National Cancer Institute (NIH/NCI)'                   'United States' ? 2 
'Japan Society for the Promotion of Science (JSPS)'                                   Japan           ? 3 
# 
_pdbx_entity_instance_feature.ordinal        1 
_pdbx_entity_instance_feature.comp_id        HMV 
_pdbx_entity_instance_feature.asym_id        ? 
_pdbx_entity_instance_feature.seq_num        ? 
_pdbx_entity_instance_feature.auth_comp_id   HMV 
_pdbx_entity_instance_feature.auth_asym_id   ? 
_pdbx_entity_instance_feature.auth_seq_num   ? 
_pdbx_entity_instance_feature.feature_type   'SUBJECT OF INVESTIGATION' 
_pdbx_entity_instance_feature.details        ? 
# 
loop_
_pdbx_entity_nonpoly.entity_id 
_pdbx_entity_nonpoly.name 
_pdbx_entity_nonpoly.comp_id 
2 '2-[(9H-carbazol-3-yl)oxy]-N,N-dimethylethan-1-amine' HMV 
3 water                                                 HOH 
# 
_pdbx_initial_refinement_model.id               1 
_pdbx_initial_refinement_model.entity_id_list   ? 
_pdbx_initial_refinement_model.type             'experimental model' 
_pdbx_initial_refinement_model.source_name      PDB 
_pdbx_initial_refinement_model.accession_code   3Q50 
_pdbx_initial_refinement_model.details          ? 
# 
_pdbx_struct_assembly_auth_evidence.id                     1 
_pdbx_struct_assembly_auth_evidence.assembly_id            1 
_pdbx_struct_assembly_auth_evidence.experimental_support   homology 
_pdbx_struct_assembly_auth_evidence.details                ? 
# 
